data_6YEI
#
_entry.id   6YEI
#
_cell.length_a   93.843
_cell.length_b   99.811
_cell.length_c   317.948
_cell.angle_alpha   90.000
_cell.angle_beta   90.000
_cell.angle_gamma   90.000
#
_symmetry.space_group_name_H-M   'P 21 21 21'
#
loop_
_entity.id
_entity.type
_entity.pdbx_description
1 polymer 'Glutamate dehydrogenase 1'
2 non-polymer NICOTINAMIDE-ADENINE-DINUCLEOTIDE
3 non-polymer (4S)-2-METHYL-2,4-PENTANEDIOL
4 non-polymer 'POTASSIUM ION'
5 non-polymer (4R)-2-METHYLPENTANE-2,4-DIOL
6 non-polymer 1,2-ETHANEDIOL
7 non-polymer '2-OXOGLUTARIC ACID'
8 water water
#
_entity_poly.entity_id   1
_entity_poly.type   'polypeptide(L)'
_entity_poly.pdbx_seq_one_letter_code
;SNAMNALAATNRNFKLAARLLGLDSKLEKSLLIPFREIKVECTIPKDDGTLASFVGFRVQHDNARGPMKGGIRYHPEVDP
DEVNALAQLMTWKTAVAKIPYGGAKGGIGCDPSKLSISELERLTRVFTQKIHDLIGIHTDVPAPDMGTGPQTMAWILDEY
SKFHGYSPAVVTGKPIDLGGSLGRDAATGRGVMFGTEALLNEHGKTISGQRFVIQGFGNVGSWAAKLISEKGGKIVAVSD
ITGAIKNKDGIDIPALLKHTKEHRGVKGFDGADPIDPNSILVEDCDILVPAALGGVINRENANEIKAKFIIEAANHPTDP
DADEILSKKGVVILPDIYANSGGVTVSYFEWVQNIQGFMWEEEKVNDELKTYMTRSFKDLKEMCKTHSCDLRMGAFTLGV
NRVAQATILRGWGA
;
_entity_poly.pdbx_strand_id   A,B,C,D,E,F
#
# COMPACT_ATOMS: atom_id res chain seq x y z
N ASN A 5 30.66 -25.94 17.81
CA ASN A 5 31.03 -25.59 19.18
C ASN A 5 30.71 -24.11 19.45
N ALA A 6 30.17 -23.45 18.43
CA ALA A 6 29.55 -22.15 18.62
C ALA A 6 28.03 -22.24 18.60
N LEU A 7 27.49 -23.16 17.78
CA LEU A 7 26.07 -23.48 17.83
C LEU A 7 25.73 -24.27 19.09
N ALA A 8 26.59 -25.22 19.47
CA ALA A 8 26.40 -25.93 20.72
C ALA A 8 26.47 -24.97 21.90
N ALA A 9 27.42 -24.03 21.86
CA ALA A 9 27.58 -23.10 22.99
C ALA A 9 26.40 -22.15 23.12
N THR A 10 25.78 -21.75 22.01
CA THR A 10 24.63 -20.86 22.10
C THR A 10 23.44 -21.57 22.75
N ASN A 11 23.14 -22.81 22.32
CA ASN A 11 21.99 -23.46 22.91
C ASN A 11 22.26 -23.93 24.33
N ARG A 12 23.51 -24.24 24.65
CA ARG A 12 23.83 -24.62 26.02
C ARG A 12 23.66 -23.41 26.95
N ASN A 13 24.16 -22.26 26.53
CA ASN A 13 24.04 -21.06 27.35
C ASN A 13 22.60 -20.62 27.49
N PHE A 14 21.81 -20.68 26.42
CA PHE A 14 20.40 -20.33 26.51
C PHE A 14 19.69 -21.19 27.55
N LYS A 15 19.89 -22.51 27.49
CA LYS A 15 19.17 -23.39 28.41
C LYS A 15 19.65 -23.22 29.85
N LEU A 16 20.95 -23.00 30.06
CA LEU A 16 21.42 -22.68 31.41
C LEU A 16 20.77 -21.41 31.94
N ALA A 17 20.69 -20.38 31.09
CA ALA A 17 20.04 -19.14 31.51
C ALA A 17 18.56 -19.35 31.81
N ALA A 18 17.88 -20.14 30.96
CA ALA A 18 16.46 -20.36 31.19
C ALA A 18 16.21 -21.06 32.52
N ARG A 19 17.13 -21.91 32.96
CA ARG A 19 16.99 -22.57 34.24
C ARG A 19 17.25 -21.61 35.39
N LEU A 20 18.26 -20.77 35.26
CA LEU A 20 18.53 -19.77 36.30
C LEU A 20 17.33 -18.86 36.50
N LEU A 21 16.67 -18.46 35.43
CA LEU A 21 15.46 -17.64 35.51
C LEU A 21 14.21 -18.44 35.88
N GLY A 22 14.26 -19.77 35.91
CA GLY A 22 13.05 -20.53 36.19
C GLY A 22 12.00 -20.41 35.10
N LEU A 23 12.42 -20.29 33.84
CA LEU A 23 11.48 -20.16 32.73
C LEU A 23 10.63 -21.42 32.58
N ASP A 24 9.33 -21.21 32.43
CA ASP A 24 8.40 -22.27 32.06
C ASP A 24 8.80 -22.91 30.73
N SER A 25 8.66 -24.24 30.63
CA SER A 25 9.13 -24.94 29.44
C SER A 25 8.40 -24.49 28.17
N LYS A 26 7.11 -24.15 28.27
CA LYS A 26 6.38 -23.77 27.07
C LYS A 26 6.79 -22.38 26.58
N LEU A 27 7.10 -21.45 27.50
CA LEU A 27 7.65 -20.18 27.06
C LEU A 27 9.05 -20.38 26.48
N GLU A 28 9.88 -21.20 27.13
CA GLU A 28 11.20 -21.50 26.62
C GLU A 28 11.13 -22.03 25.19
N LYS A 29 10.23 -22.99 24.93
CA LYS A 29 10.10 -23.53 23.59
C LYS A 29 9.71 -22.44 22.58
N SER A 30 8.80 -21.56 22.97
CA SER A 30 8.46 -20.46 22.05
C SER A 30 9.68 -19.61 21.74
N LEU A 31 10.45 -19.23 22.76
CA LEU A 31 11.64 -18.40 22.52
C LEU A 31 12.67 -19.09 21.62
N LEU A 32 12.72 -20.43 21.63
CA LEU A 32 13.68 -21.13 20.78
C LEU A 32 13.29 -21.14 19.31
N ILE A 33 12.01 -21.30 19.02
CA ILE A 33 11.57 -21.44 17.63
C ILE A 33 11.67 -20.09 16.92
N PRO A 34 12.31 -20.00 15.77
CA PRO A 34 12.38 -18.70 15.10
C PRO A 34 11.01 -18.24 14.58
N PHE A 35 10.78 -16.92 14.70
CA PHE A 35 9.61 -16.28 14.10
C PHE A 35 9.39 -16.72 12.64
N ARG A 36 10.44 -16.63 11.82
CA ARG A 36 10.29 -16.95 10.40
C ARG A 36 11.62 -17.46 9.85
N GLU A 37 11.56 -18.48 8.98
CA GLU A 37 12.72 -18.93 8.21
C GLU A 37 12.37 -18.92 6.74
N ILE A 38 13.23 -18.31 5.92
CA ILE A 38 12.95 -18.11 4.50
C ILE A 38 14.13 -18.59 3.67
N LYS A 39 13.86 -19.39 2.64
CA LYS A 39 14.82 -19.70 1.57
C LYS A 39 14.23 -19.25 0.24
N VAL A 40 15.03 -18.55 -0.56
CA VAL A 40 14.59 -18.06 -1.86
C VAL A 40 15.58 -18.49 -2.92
N GLU A 41 15.08 -18.79 -4.12
CA GLU A 41 15.95 -19.03 -5.26
C GLU A 41 16.49 -17.71 -5.79
N CYS A 42 17.80 -17.65 -6.02
CA CYS A 42 18.44 -16.49 -6.64
C CYS A 42 19.19 -16.97 -7.87
N THR A 43 18.60 -16.82 -9.05
CA THR A 43 19.22 -17.25 -10.28
C THR A 43 19.56 -16.02 -11.11
N ILE A 44 20.81 -15.95 -11.58
CA ILE A 44 21.29 -14.80 -12.35
C ILE A 44 21.93 -15.30 -13.65
N PRO A 45 21.91 -14.51 -14.71
CA PRO A 45 22.84 -14.79 -15.83
C PRO A 45 24.25 -14.43 -15.41
N LYS A 46 25.19 -15.33 -15.70
CA LYS A 46 26.59 -15.01 -15.47
C LYS A 46 27.10 -14.10 -16.60
N ASP A 47 28.34 -13.61 -16.43
CA ASP A 47 28.93 -12.74 -17.44
C ASP A 47 29.05 -13.41 -18.82
N ASP A 48 29.25 -14.74 -18.85
CA ASP A 48 29.30 -15.48 -20.11
C ASP A 48 27.93 -15.88 -20.63
N GLY A 49 26.84 -15.39 -20.03
CA GLY A 49 25.50 -15.66 -20.51
C GLY A 49 24.80 -16.86 -19.88
N THR A 50 25.54 -17.83 -19.36
CA THR A 50 24.89 -19.02 -18.78
C THR A 50 24.28 -18.69 -17.41
N LEU A 51 23.34 -19.53 -17.00
CA LEU A 51 22.62 -19.31 -15.74
C LEU A 51 23.40 -19.87 -14.55
N ALA A 52 23.30 -19.19 -13.41
CA ALA A 52 23.81 -19.69 -12.15
C ALA A 52 22.73 -19.54 -11.09
N SER A 53 22.45 -20.62 -10.35
CA SER A 53 21.39 -20.62 -9.36
C SER A 53 21.99 -20.77 -7.96
N PHE A 54 21.59 -19.89 -7.07
CA PHE A 54 22.02 -19.86 -5.67
C PHE A 54 20.78 -19.86 -4.78
N VAL A 55 20.96 -20.28 -3.53
CA VAL A 55 19.88 -20.20 -2.55
C VAL A 55 20.21 -19.09 -1.56
N GLY A 56 19.34 -18.10 -1.50
CA GLY A 56 19.41 -17.08 -0.48
C GLY A 56 18.52 -17.44 0.69
N PHE A 57 18.83 -16.87 1.85
CA PHE A 57 18.08 -17.28 3.03
C PHE A 57 18.12 -16.18 4.08
N ARG A 58 17.15 -16.23 4.97
CA ARG A 58 17.07 -15.30 6.09
C ARG A 58 16.32 -16.02 7.20
N VAL A 59 16.98 -16.19 8.33
CA VAL A 59 16.34 -16.64 9.56
C VAL A 59 16.04 -15.40 10.38
N GLN A 60 14.76 -15.17 10.67
CA GLN A 60 14.32 -14.06 11.50
C GLN A 60 13.93 -14.68 12.84
N HIS A 61 14.80 -14.56 13.84
CA HIS A 61 14.58 -15.38 15.03
C HIS A 61 13.51 -14.78 15.94
N ASP A 62 13.57 -13.49 16.24
CA ASP A 62 12.63 -12.96 17.23
C ASP A 62 12.45 -11.46 17.03
N ASN A 63 11.22 -10.96 17.19
CA ASN A 63 11.01 -9.52 17.07
C ASN A 63 10.19 -8.94 18.23
N ALA A 64 10.21 -9.60 19.39
CA ALA A 64 9.45 -9.08 20.52
C ALA A 64 9.90 -7.67 20.91
N ARG A 65 11.20 -7.39 20.84
CA ARG A 65 11.77 -6.14 21.32
C ARG A 65 11.95 -5.10 20.20
N GLY A 66 11.60 -5.44 18.97
CA GLY A 66 11.68 -4.51 17.87
C GLY A 66 12.03 -5.20 16.56
N PRO A 67 12.35 -4.41 15.53
CA PRO A 67 12.76 -5.00 14.25
C PRO A 67 13.94 -5.95 14.43
N MET A 68 14.01 -6.94 13.58
CA MET A 68 15.16 -7.82 13.62
C MET A 68 16.36 -7.16 12.99
N LYS A 69 17.52 -7.68 13.35
CA LYS A 69 18.81 -7.10 13.01
C LYS A 69 19.78 -8.24 12.78
N GLY A 70 20.54 -8.20 11.68
CA GLY A 70 21.58 -9.21 11.54
C GLY A 70 22.27 -9.25 10.20
N GLY A 71 23.44 -9.86 10.16
CA GLY A 71 24.30 -9.79 8.99
C GLY A 71 23.83 -10.67 7.84
N ILE A 72 24.40 -10.40 6.67
CA ILE A 72 24.20 -11.16 5.45
C ILE A 72 25.55 -11.73 5.06
N ARG A 73 25.65 -13.05 5.02
CA ARG A 73 26.89 -13.74 4.76
C ARG A 73 26.88 -14.29 3.33
N TYR A 74 27.88 -13.94 2.52
CA TYR A 74 28.08 -14.59 1.21
C TYR A 74 29.17 -15.61 1.44
N HIS A 75 28.78 -16.88 1.57
CA HIS A 75 29.78 -17.89 1.91
C HIS A 75 29.20 -19.23 1.51
N PRO A 76 30.00 -20.13 0.93
CA PRO A 76 29.42 -21.40 0.43
C PRO A 76 29.00 -22.35 1.54
N GLU A 77 29.55 -22.23 2.74
CA GLU A 77 29.29 -23.20 3.81
C GLU A 77 28.10 -22.75 4.64
N VAL A 78 26.93 -23.08 4.13
CA VAL A 78 25.67 -22.85 4.85
C VAL A 78 25.28 -24.11 5.63
N ASP A 79 25.09 -23.96 6.95
CA ASP A 79 24.59 -25.03 7.80
C ASP A 79 23.37 -24.50 8.53
N PRO A 80 22.22 -25.18 8.43
CA PRO A 80 20.98 -24.60 9.00
C PRO A 80 21.02 -24.44 10.50
N ASP A 81 21.66 -25.37 11.21
CA ASP A 81 21.79 -25.25 12.65
C ASP A 81 22.63 -24.05 13.04
N GLU A 82 23.76 -23.85 12.35
CA GLU A 82 24.61 -22.73 12.71
C GLU A 82 23.92 -21.40 12.43
N VAL A 83 23.27 -21.26 11.26
CA VAL A 83 22.56 -20.01 10.96
C VAL A 83 21.46 -19.73 11.99
N ASN A 84 20.71 -20.76 12.38
CA ASN A 84 19.67 -20.57 13.39
C ASN A 84 20.27 -20.17 14.73
N ALA A 85 21.39 -20.78 15.11
CA ALA A 85 22.06 -20.43 16.36
C ALA A 85 22.55 -18.98 16.35
N LEU A 86 23.10 -18.53 15.22
CA LEU A 86 23.59 -17.17 15.13
C LEU A 86 22.47 -16.16 15.19
N ALA A 87 21.33 -16.45 14.54
CA ALA A 87 20.17 -15.56 14.61
C ALA A 87 19.65 -15.50 16.04
N GLN A 88 19.60 -16.66 16.73
CA GLN A 88 19.18 -16.69 18.12
C GLN A 88 20.15 -15.90 19.01
N LEU A 89 21.46 -16.07 18.79
CA LEU A 89 22.44 -15.32 19.55
C LEU A 89 22.25 -13.81 19.40
N MET A 90 21.94 -13.35 18.18
CA MET A 90 21.71 -11.91 17.99
C MET A 90 20.50 -11.45 18.80
N THR A 91 19.49 -12.30 18.97
CA THR A 91 18.36 -11.91 19.80
C THR A 91 18.80 -11.64 21.23
N TRP A 92 19.71 -12.47 21.79
CA TRP A 92 20.19 -12.25 23.15
C TRP A 92 21.16 -11.08 23.21
N LYS A 93 21.99 -10.92 22.19
CA LYS A 93 22.99 -9.86 22.16
C LYS A 93 22.35 -8.47 22.10
N THR A 94 21.35 -8.28 21.23
CA THR A 94 20.64 -7.00 21.19
C THR A 94 19.96 -6.70 22.52
N ALA A 95 19.45 -7.74 23.19
CA ALA A 95 18.83 -7.53 24.51
C ALA A 95 19.88 -7.15 25.54
N VAL A 96 21.04 -7.80 25.52
CA VAL A 96 22.10 -7.41 26.45
C VAL A 96 22.48 -5.95 26.23
N ALA A 97 22.62 -5.54 24.96
CA ALA A 97 22.98 -4.16 24.62
C ALA A 97 21.86 -3.17 24.93
N LYS A 98 20.65 -3.67 25.16
CA LYS A 98 19.45 -2.85 25.36
C LYS A 98 19.18 -1.97 24.16
N ILE A 99 19.30 -2.52 22.95
CA ILE A 99 18.91 -1.79 21.77
C ILE A 99 17.62 -2.43 21.27
N PRO A 100 16.69 -1.66 20.66
CA PRO A 100 15.31 -2.15 20.39
C PRO A 100 15.24 -2.96 19.10
N TYR A 101 15.85 -4.14 19.15
CA TYR A 101 15.93 -5.05 18.02
C TYR A 101 15.80 -6.49 18.52
N GLY A 102 15.35 -7.37 17.63
CA GLY A 102 15.57 -8.79 17.76
C GLY A 102 16.68 -9.25 16.82
N GLY A 103 16.84 -10.57 16.74
CA GLY A 103 17.96 -11.17 16.03
C GLY A 103 17.54 -11.81 14.71
N ALA A 104 18.45 -11.73 13.72
CA ALA A 104 18.28 -12.36 12.42
C ALA A 104 19.65 -12.71 11.88
N LYS A 105 19.67 -13.58 10.87
CA LYS A 105 20.91 -13.89 10.17
C LYS A 105 20.53 -14.37 8.78
N GLY A 106 21.28 -13.94 7.77
CA GLY A 106 20.94 -14.29 6.42
C GLY A 106 22.18 -14.47 5.58
N GLY A 107 21.96 -14.70 4.29
CA GLY A 107 23.09 -14.87 3.40
C GLY A 107 22.68 -15.52 2.09
N ILE A 108 23.70 -15.80 1.30
CA ILE A 108 23.57 -16.54 0.06
C ILE A 108 24.68 -17.56 0.07
N GLY A 109 24.33 -18.82 -0.22
CA GLY A 109 25.36 -19.83 -0.37
C GLY A 109 26.07 -19.65 -1.71
N CYS A 110 27.21 -18.98 -1.67
CA CYS A 110 28.02 -18.73 -2.86
C CYS A 110 29.43 -18.47 -2.40
N ASP A 111 30.35 -18.48 -3.35
CA ASP A 111 31.76 -18.15 -3.14
C ASP A 111 32.04 -16.85 -3.87
N PRO A 112 32.08 -15.71 -3.18
CA PRO A 112 32.29 -14.44 -3.88
C PRO A 112 33.60 -14.37 -4.63
N SER A 113 34.61 -15.12 -4.21
CA SER A 113 35.89 -15.11 -4.89
C SER A 113 35.80 -15.72 -6.29
N LYS A 114 34.71 -16.40 -6.62
CA LYS A 114 34.57 -16.99 -7.96
C LYS A 114 33.57 -16.24 -8.81
N LEU A 115 33.14 -15.07 -8.38
CA LEU A 115 32.16 -14.24 -9.05
C LEU A 115 32.79 -12.89 -9.38
N SER A 116 32.48 -12.38 -10.56
CA SER A 116 32.95 -11.05 -10.92
C SER A 116 32.17 -10.00 -10.14
N ILE A 117 32.69 -8.77 -10.16
CA ILE A 117 32.05 -7.67 -9.45
C ILE A 117 30.67 -7.40 -10.03
N SER A 118 30.52 -7.56 -11.36
CA SER A 118 29.21 -7.38 -11.97
C SER A 118 28.26 -8.50 -11.58
N GLU A 119 28.76 -9.75 -11.51
CA GLU A 119 27.90 -10.84 -11.04
C GLU A 119 27.49 -10.64 -9.58
N LEU A 120 28.39 -10.15 -8.73
CA LEU A 120 28.04 -9.92 -7.34
C LEU A 120 26.95 -8.86 -7.21
N GLU A 121 26.99 -7.83 -8.06
CA GLU A 121 25.92 -6.81 -8.03
C GLU A 121 24.60 -7.42 -8.49
N ARG A 122 24.62 -8.16 -9.60
CA ARG A 122 23.41 -8.82 -10.06
C ARG A 122 22.85 -9.75 -9.00
N LEU A 123 23.71 -10.55 -8.35
CA LEU A 123 23.24 -11.44 -7.31
C LEU A 123 22.66 -10.66 -6.12
N THR A 124 23.32 -9.58 -5.71
CA THR A 124 22.81 -8.81 -4.59
C THR A 124 21.45 -8.22 -4.91
N ARG A 125 21.28 -7.70 -6.13
CA ARG A 125 20.02 -7.07 -6.48
C ARG A 125 18.90 -8.10 -6.60
N VAL A 126 19.20 -9.27 -7.17
CA VAL A 126 18.17 -10.32 -7.25
C VAL A 126 17.76 -10.76 -5.85
N PHE A 127 18.75 -11.00 -4.98
CA PHE A 127 18.46 -11.37 -3.60
C PHE A 127 17.57 -10.33 -2.94
N THR A 128 17.91 -9.06 -3.09
CA THR A 128 17.06 -8.03 -2.51
C THR A 128 15.66 -8.08 -3.08
N GLN A 129 15.53 -8.27 -4.41
CA GLN A 129 14.20 -8.35 -5.00
C GLN A 129 13.40 -9.49 -4.40
N LYS A 130 14.06 -10.61 -4.12
CA LYS A 130 13.38 -11.78 -3.59
C LYS A 130 13.00 -11.66 -2.13
N ILE A 131 13.58 -10.71 -1.38
CA ILE A 131 13.24 -10.59 0.04
C ILE A 131 12.74 -9.21 0.44
N HIS A 132 12.56 -8.28 -0.50
CA HIS A 132 12.28 -6.91 -0.09
C HIS A 132 10.98 -6.81 0.71
N ASP A 133 10.01 -7.67 0.42
CA ASP A 133 8.75 -7.72 1.13
C ASP A 133 8.88 -8.38 2.50
N LEU A 134 10.06 -8.95 2.82
CA LEU A 134 10.27 -9.62 4.09
C LEU A 134 11.15 -8.82 5.05
N ILE A 135 11.76 -7.75 4.57
CA ILE A 135 12.62 -6.94 5.42
C ILE A 135 12.05 -5.54 5.41
N GLY A 136 12.71 -4.62 6.08
CA GLY A 136 12.16 -3.28 6.11
C GLY A 136 12.63 -2.54 7.33
N ILE A 137 12.48 -1.23 7.27
CA ILE A 137 13.02 -0.33 8.26
C ILE A 137 12.49 -0.65 9.66
N HIS A 138 11.23 -1.06 9.78
CA HIS A 138 10.69 -1.45 11.08
C HIS A 138 10.40 -2.94 11.17
N THR A 139 11.04 -3.75 10.31
CA THR A 139 10.78 -5.18 10.21
C THR A 139 12.04 -6.00 10.42
N ASP A 140 13.07 -5.74 9.62
CA ASP A 140 14.31 -6.50 9.62
C ASP A 140 15.35 -5.69 8.86
N VAL A 141 16.45 -5.36 9.52
CA VAL A 141 17.47 -4.44 9.02
C VAL A 141 18.78 -5.20 8.86
N PRO A 142 19.16 -5.55 7.63
CA PRO A 142 20.41 -6.29 7.42
C PRO A 142 21.66 -5.44 7.62
N ALA A 143 22.78 -6.13 7.57
CA ALA A 143 24.09 -5.55 7.83
C ALA A 143 25.15 -6.42 7.14
N PRO A 144 26.38 -5.93 6.99
CA PRO A 144 27.45 -6.76 6.44
C PRO A 144 27.83 -7.93 7.33
N ASP A 145 28.50 -8.90 6.73
CA ASP A 145 29.00 -10.08 7.44
C ASP A 145 30.10 -10.65 6.56
N MET A 146 30.50 -11.89 6.83
CA MET A 146 31.53 -12.52 6.00
C MET A 146 31.10 -12.54 4.54
N GLY A 147 31.99 -12.06 3.67
CA GLY A 147 31.75 -12.04 2.25
C GLY A 147 31.01 -10.82 1.74
N THR A 148 30.51 -9.95 2.60
CA THR A 148 29.83 -8.73 2.17
C THR A 148 30.43 -7.52 2.89
N GLY A 149 30.09 -6.33 2.41
CA GLY A 149 30.64 -5.11 2.97
C GLY A 149 29.79 -3.89 2.64
N PRO A 150 30.35 -2.70 2.86
CA PRO A 150 29.61 -1.47 2.57
C PRO A 150 29.10 -1.37 1.15
N GLN A 151 29.86 -1.83 0.17
CA GLN A 151 29.34 -1.77 -1.20
C GLN A 151 28.13 -2.69 -1.36
N THR A 152 28.14 -3.87 -0.73
CA THR A 152 26.97 -4.74 -0.80
C THR A 152 25.74 -4.02 -0.25
N MET A 153 25.90 -3.34 0.90
CA MET A 153 24.80 -2.63 1.52
C MET A 153 24.29 -1.52 0.62
N ALA A 154 25.20 -0.85 -0.10
CA ALA A 154 24.79 0.20 -1.04
C ALA A 154 23.89 -0.37 -2.13
N TRP A 155 24.23 -1.56 -2.64
CA TRP A 155 23.39 -2.19 -3.67
C TRP A 155 22.04 -2.62 -3.09
N ILE A 156 22.03 -3.20 -1.89
CA ILE A 156 20.76 -3.52 -1.27
C ILE A 156 19.91 -2.27 -1.10
N LEU A 157 20.50 -1.21 -0.54
CA LEU A 157 19.79 0.06 -0.36
C LEU A 157 19.24 0.58 -1.69
N ASP A 158 20.06 0.54 -2.74
CA ASP A 158 19.60 1.06 -4.02
C ASP A 158 18.47 0.23 -4.60
N GLU A 159 18.59 -1.09 -4.55
CA GLU A 159 17.52 -1.92 -5.09
C GLU A 159 16.26 -1.81 -4.25
N TYR A 160 16.40 -1.84 -2.92
CA TYR A 160 15.23 -1.75 -2.05
C TYR A 160 14.50 -0.44 -2.27
N SER A 161 15.26 0.64 -2.50
CA SER A 161 14.63 1.95 -2.62
C SER A 161 13.81 2.08 -3.90
N LYS A 162 14.05 1.23 -4.91
CA LYS A 162 13.17 1.22 -6.07
C LYS A 162 11.77 0.74 -5.71
N PHE A 163 11.66 -0.13 -4.70
CA PHE A 163 10.37 -0.71 -4.33
C PHE A 163 9.66 0.10 -3.26
N HIS A 164 10.39 0.84 -2.41
CA HIS A 164 9.78 1.48 -1.27
C HIS A 164 10.18 2.94 -1.11
N GLY A 165 10.79 3.55 -2.12
CA GLY A 165 11.33 4.89 -1.98
C GLY A 165 12.64 4.90 -1.20
N TYR A 166 13.31 6.05 -1.25
CA TYR A 166 14.63 6.18 -0.63
C TYR A 166 14.57 5.78 0.83
N SER A 167 15.32 4.75 1.21
CA SER A 167 15.17 4.12 2.53
C SER A 167 16.52 3.79 3.13
N PRO A 168 17.31 4.81 3.47
CA PRO A 168 18.64 4.54 4.01
C PRO A 168 18.63 3.72 5.29
N ALA A 169 17.58 3.78 6.09
CA ALA A 169 17.58 2.99 7.32
C ALA A 169 17.33 1.49 7.09
N VAL A 170 17.18 1.03 5.84
CA VAL A 170 16.85 -0.39 5.65
C VAL A 170 18.06 -1.30 5.88
N VAL A 171 19.30 -0.79 5.75
CA VAL A 171 20.50 -1.54 6.08
C VAL A 171 21.42 -0.64 6.88
N THR A 172 22.28 -1.25 7.69
CA THR A 172 23.39 -0.53 8.33
C THR A 172 24.72 -1.01 7.75
N GLY A 173 25.81 -0.35 8.15
CA GLY A 173 27.11 -0.61 7.54
C GLY A 173 27.30 0.01 6.17
N LYS A 174 26.47 1.00 5.82
CA LYS A 174 26.53 1.71 4.54
C LYS A 174 27.75 2.60 4.51
N PRO A 175 28.25 2.96 3.32
CA PRO A 175 29.28 4.02 3.27
C PRO A 175 28.76 5.31 3.87
N ILE A 176 29.67 6.10 4.43
CA ILE A 176 29.27 7.35 5.10
C ILE A 176 28.48 8.24 4.15
N ASP A 177 28.87 8.26 2.87
CA ASP A 177 28.19 9.07 1.87
C ASP A 177 26.74 8.68 1.64
N LEU A 178 26.32 7.48 2.06
CA LEU A 178 24.92 7.04 1.87
C LEU A 178 24.17 6.90 3.20
N GLY A 179 24.64 7.55 4.26
CA GLY A 179 23.97 7.49 5.54
C GLY A 179 24.64 6.64 6.57
N GLY A 180 25.85 6.16 6.31
CA GLY A 180 26.60 5.47 7.36
C GLY A 180 26.95 6.41 8.49
N SER A 181 27.09 5.86 9.67
CA SER A 181 27.33 6.66 10.85
C SER A 181 28.83 6.90 11.02
N LEU A 182 29.18 8.12 11.41
CA LEU A 182 30.53 8.33 11.94
C LEU A 182 30.71 7.46 13.17
N GLY A 183 31.95 7.07 13.44
CA GLY A 183 32.24 6.21 14.57
C GLY A 183 31.99 4.73 14.34
N ARG A 184 31.44 4.33 13.20
CA ARG A 184 31.17 2.91 12.94
CA ARG A 184 31.18 2.90 13.06
C ARG A 184 32.46 2.10 12.86
N ASP A 185 33.48 2.66 12.23
CA ASP A 185 34.70 1.90 12.01
C ASP A 185 35.35 1.54 13.34
N ALA A 186 35.39 2.49 14.26
CA ALA A 186 36.00 2.30 15.57
C ALA A 186 35.07 1.62 16.58
N ALA A 187 33.81 1.35 16.23
CA ALA A 187 32.81 1.09 17.26
C ALA A 187 33.15 -0.12 18.12
N THR A 188 33.45 -1.25 17.50
CA THR A 188 33.68 -2.46 18.28
C THR A 188 34.95 -2.36 19.11
N GLY A 189 36.03 -1.89 18.50
CA GLY A 189 37.26 -1.69 19.25
C GLY A 189 37.09 -0.69 20.38
N ARG A 190 36.33 0.40 20.15
CA ARG A 190 36.07 1.37 21.20
C ARG A 190 35.26 0.74 22.33
N GLY A 191 34.24 -0.04 21.97
CA GLY A 191 33.46 -0.73 23.00
C GLY A 191 34.30 -1.71 23.81
N VAL A 192 35.23 -2.40 23.15
CA VAL A 192 36.18 -3.26 23.88
C VAL A 192 36.92 -2.44 24.93
N MET A 193 37.36 -1.24 24.56
CA MET A 193 38.04 -0.42 25.54
C MET A 193 37.10 0.03 26.67
N PHE A 194 35.85 0.42 26.33
CA PHE A 194 34.89 0.83 27.35
C PHE A 194 34.59 -0.32 28.31
N GLY A 195 34.28 -1.49 27.78
CA GLY A 195 33.95 -2.62 28.66
C GLY A 195 35.11 -3.06 29.51
N THR A 196 36.33 -2.97 28.98
CA THR A 196 37.49 -3.27 29.80
C THR A 196 37.61 -2.29 30.96
N GLU A 197 37.42 -0.99 30.68
CA GLU A 197 37.51 0.00 31.75
C GLU A 197 36.41 -0.21 32.78
N ALA A 198 35.21 -0.58 32.33
CA ALA A 198 34.13 -0.84 33.27
C ALA A 198 34.45 -2.03 34.16
N LEU A 199 35.00 -3.10 33.58
CA LEU A 199 35.37 -4.27 34.35
C LEU A 199 36.51 -3.97 35.31
N LEU A 200 37.55 -3.28 34.84
CA LEU A 200 38.68 -2.97 35.71
C LEU A 200 38.26 -2.08 36.88
N ASN A 201 37.39 -1.10 36.62
CA ASN A 201 36.91 -0.24 37.70
C ASN A 201 36.24 -1.07 38.79
N GLU A 202 35.51 -2.10 38.39
CA GLU A 202 34.86 -2.96 39.36
C GLU A 202 35.87 -3.61 40.30
N HIS A 203 37.09 -3.82 39.83
CA HIS A 203 38.17 -4.37 40.64
C HIS A 203 39.12 -3.30 41.17
N GLY A 204 38.71 -2.03 41.13
CA GLY A 204 39.57 -0.97 41.62
C GLY A 204 40.81 -0.73 40.77
N LYS A 205 40.75 -1.07 39.49
CA LYS A 205 41.88 -0.88 38.60
C LYS A 205 41.47 0.03 37.45
N THR A 206 42.48 0.50 36.71
CA THR A 206 42.25 1.35 35.56
C THR A 206 43.12 0.87 34.42
N ILE A 207 42.74 1.22 33.18
CA ILE A 207 43.49 0.77 32.02
C ILE A 207 44.95 1.24 32.10
N SER A 208 45.19 2.46 32.58
CA SER A 208 46.55 3.01 32.58
C SER A 208 47.49 2.14 33.41
N GLY A 209 48.61 1.75 32.80
CA GLY A 209 49.59 0.93 33.45
C GLY A 209 49.42 -0.56 33.23
N GLN A 210 48.21 -1.03 32.91
CA GLN A 210 47.99 -2.44 32.65
C GLN A 210 48.71 -2.86 31.37
N ARG A 211 49.19 -4.10 31.36
CA ARG A 211 49.88 -4.67 30.21
C ARG A 211 48.90 -5.55 29.44
N PHE A 212 48.73 -5.28 28.15
CA PHE A 212 47.78 -5.96 27.27
C PHE A 212 48.47 -6.84 26.24
N VAL A 213 47.88 -7.98 25.94
CA VAL A 213 48.25 -8.78 24.77
C VAL A 213 47.04 -8.85 23.87
N ILE A 214 47.21 -8.55 22.60
CA ILE A 214 46.09 -8.53 21.66
C ILE A 214 46.39 -9.49 20.52
N GLN A 215 45.55 -10.51 20.36
CA GLN A 215 45.72 -11.44 19.25
C GLN A 215 44.74 -11.03 18.16
N GLY A 216 45.27 -10.64 16.99
CA GLY A 216 44.44 -10.05 15.95
C GLY A 216 44.64 -8.55 15.88
N PHE A 217 44.77 -8.01 14.68
CA PHE A 217 45.05 -6.58 14.52
C PHE A 217 44.26 -6.03 13.36
N GLY A 218 43.01 -6.46 13.23
CA GLY A 218 42.11 -6.04 12.19
C GLY A 218 41.22 -4.90 12.65
N ASN A 219 39.96 -4.94 12.21
CA ASN A 219 39.05 -3.86 12.58
C ASN A 219 38.94 -3.75 14.08
N VAL A 220 38.78 -4.89 14.77
CA VAL A 220 38.61 -4.85 16.22
C VAL A 220 39.96 -4.62 16.90
N GLY A 221 40.96 -5.45 16.59
CA GLY A 221 42.23 -5.41 17.31
C GLY A 221 42.97 -4.10 17.15
N SER A 222 42.99 -3.56 15.93
CA SER A 222 43.75 -2.33 15.72
C SER A 222 43.10 -1.14 16.41
N TRP A 223 41.76 -1.03 16.35
CA TRP A 223 41.12 0.08 17.05
C TRP A 223 41.23 -0.08 18.55
N ALA A 224 41.03 -1.30 19.07
CA ALA A 224 41.18 -1.53 20.50
C ALA A 224 42.60 -1.14 20.96
N ALA A 225 43.62 -1.60 20.23
CA ALA A 225 45.00 -1.26 20.61
C ALA A 225 45.23 0.25 20.58
N LYS A 226 44.72 0.92 19.55
CA LYS A 226 44.91 2.36 19.43
C LYS A 226 44.27 3.09 20.60
N LEU A 227 43.01 2.78 20.90
CA LEU A 227 42.26 3.49 21.92
C LEU A 227 42.71 3.10 23.32
N ILE A 228 43.08 1.84 23.52
CA ILE A 228 43.59 1.43 24.82
C ILE A 228 44.92 2.09 25.11
N SER A 229 45.83 2.12 24.13
CA SER A 229 47.12 2.75 24.41
C SER A 229 46.95 4.26 24.63
N GLU A 230 45.99 4.89 23.96
CA GLU A 230 45.78 6.32 24.21
C GLU A 230 45.30 6.59 25.63
N LYS A 231 44.65 5.61 26.28
CA LYS A 231 44.30 5.78 27.70
C LYS A 231 45.40 5.33 28.64
N GLY A 232 46.58 5.00 28.13
CA GLY A 232 47.69 4.61 28.96
C GLY A 232 47.93 3.13 29.12
N GLY A 233 47.17 2.27 28.44
CA GLY A 233 47.48 0.85 28.49
C GLY A 233 48.78 0.58 27.75
N LYS A 234 49.57 -0.36 28.28
CA LYS A 234 50.82 -0.78 27.63
C LYS A 234 50.54 -2.06 26.83
N ILE A 235 50.61 -1.97 25.51
CA ILE A 235 50.38 -3.12 24.63
C ILE A 235 51.72 -3.80 24.37
N VAL A 236 51.96 -4.91 25.06
CA VAL A 236 53.29 -5.55 25.04
C VAL A 236 53.44 -6.60 23.93
N ALA A 237 52.34 -7.12 23.38
CA ALA A 237 52.43 -8.06 22.26
C ALA A 237 51.16 -8.01 21.43
N VAL A 238 51.30 -8.16 20.11
CA VAL A 238 50.18 -8.22 19.19
C VAL A 238 50.54 -9.23 18.11
N SER A 239 49.53 -9.88 17.54
CA SER A 239 49.78 -10.75 16.40
C SER A 239 48.66 -10.56 15.38
N ASP A 240 48.96 -10.97 14.15
CA ASP A 240 47.94 -11.10 13.13
C ASP A 240 48.35 -12.29 12.28
N ILE A 241 47.76 -12.41 11.09
CA ILE A 241 48.02 -13.59 10.28
C ILE A 241 49.47 -13.62 9.79
N THR A 242 50.17 -12.49 9.76
CA THR A 242 51.52 -12.48 9.20
C THR A 242 52.61 -12.78 10.23
N GLY A 243 52.32 -12.69 11.52
CA GLY A 243 53.33 -12.96 12.53
C GLY A 243 52.94 -12.28 13.83
N ALA A 244 53.79 -12.47 14.82
CA ALA A 244 53.55 -11.92 16.15
C ALA A 244 54.76 -11.11 16.59
N ILE A 245 54.49 -10.03 17.34
CA ILE A 245 55.56 -9.14 17.78
C ILE A 245 55.37 -8.83 19.27
N LYS A 246 56.47 -8.44 19.89
CA LYS A 246 56.50 -8.20 21.32
C LYS A 246 57.41 -7.02 21.65
N ASN A 247 57.00 -6.21 22.62
CA ASN A 247 57.86 -5.18 23.18
C ASN A 247 57.44 -5.02 24.63
N LYS A 248 58.26 -5.52 25.56
CA LYS A 248 57.90 -5.54 26.98
C LYS A 248 57.68 -4.13 27.52
N ASP A 249 58.28 -3.13 26.91
CA ASP A 249 58.10 -1.76 27.33
C ASP A 249 56.87 -1.13 26.71
N GLY A 250 56.20 -1.85 25.81
CA GLY A 250 55.04 -1.29 25.14
C GLY A 250 55.33 -0.98 23.69
N ILE A 251 54.48 -1.44 22.81
CA ILE A 251 54.59 -1.19 21.38
C ILE A 251 54.06 0.20 21.09
N ASP A 252 54.79 0.96 20.27
CA ASP A 252 54.32 2.26 19.79
C ASP A 252 53.21 2.03 18.77
N ILE A 253 51.95 2.14 19.21
CA ILE A 253 50.83 1.78 18.35
C ILE A 253 50.70 2.72 17.15
N PRO A 254 50.82 4.05 17.31
CA PRO A 254 50.83 4.90 16.10
C PRO A 254 51.86 4.48 15.08
N ALA A 255 53.08 4.14 15.50
CA ALA A 255 54.08 3.65 14.55
C ALA A 255 53.66 2.32 13.93
N LEU A 256 53.09 1.42 14.74
CA LEU A 256 52.65 0.13 14.21
C LEU A 256 51.51 0.30 13.20
N LEU A 257 50.54 1.15 13.51
CA LEU A 257 49.46 1.40 12.55
C LEU A 257 50.02 1.90 11.22
N LYS A 258 50.99 2.82 11.27
CA LYS A 258 51.61 3.29 10.04
C LYS A 258 52.33 2.16 9.33
N HIS A 259 52.99 1.26 10.08
CA HIS A 259 53.66 0.13 9.45
C HIS A 259 52.65 -0.80 8.76
N THR A 260 51.54 -1.09 9.43
CA THR A 260 50.62 -2.10 8.92
C THR A 260 49.83 -1.60 7.71
N LYS A 261 49.68 -0.29 7.55
CA LYS A 261 49.01 0.19 6.35
C LYS A 261 49.89 0.01 5.13
N GLU A 262 51.19 0.12 5.32
CA GLU A 262 52.15 0.04 4.22
C GLU A 262 52.67 -1.37 3.97
N HIS A 263 52.37 -2.32 4.85
CA HIS A 263 52.81 -3.70 4.69
C HIS A 263 51.61 -4.62 4.81
N ARG A 264 51.84 -5.92 4.68
CA ARG A 264 50.69 -6.83 4.76
C ARG A 264 50.20 -7.06 6.19
N GLY A 265 50.88 -6.52 7.20
CA GLY A 265 50.61 -6.94 8.56
C GLY A 265 51.69 -6.45 9.50
N VAL A 266 51.60 -6.88 10.76
CA VAL A 266 52.56 -6.43 11.75
C VAL A 266 53.95 -6.99 11.51
N LYS A 267 54.09 -8.04 10.70
CA LYS A 267 55.42 -8.63 10.52
C LYS A 267 56.39 -7.61 9.94
N GLY A 268 57.59 -7.61 10.48
CA GLY A 268 58.65 -6.70 10.10
C GLY A 268 58.64 -5.35 10.77
N PHE A 269 57.79 -5.12 11.77
CA PHE A 269 57.75 -3.84 12.46
C PHE A 269 59.06 -3.61 13.22
N ASP A 270 59.62 -2.41 13.06
CA ASP A 270 60.94 -2.12 13.64
C ASP A 270 60.92 -1.97 15.15
N GLY A 271 59.80 -1.52 15.73
CA GLY A 271 59.76 -1.23 17.15
C GLY A 271 59.41 -2.40 18.07
N ALA A 272 59.59 -3.63 17.61
CA ALA A 272 59.24 -4.79 18.41
C ALA A 272 59.99 -5.99 17.89
N ASP A 273 60.20 -6.99 18.78
CA ASP A 273 60.84 -8.22 18.30
C ASP A 273 59.79 -9.19 17.77
N PRO A 274 60.11 -9.96 16.74
CA PRO A 274 59.18 -11.02 16.32
C PRO A 274 59.22 -12.12 17.38
N ILE A 275 58.07 -12.77 17.63
CA ILE A 275 58.04 -13.88 18.59
C ILE A 275 57.29 -15.06 17.97
N ASP A 276 57.46 -16.23 18.59
CA ASP A 276 56.70 -17.42 18.28
C ASP A 276 55.22 -17.09 18.26
N PRO A 277 54.53 -17.22 17.11
CA PRO A 277 53.10 -16.87 17.06
C PRO A 277 52.25 -17.74 17.97
N ASN A 278 52.68 -18.97 18.26
CA ASN A 278 51.92 -19.87 19.12
C ASN A 278 52.08 -19.54 20.59
N SER A 279 52.90 -18.56 20.93
CA SER A 279 53.14 -18.19 22.31
C SER A 279 52.37 -16.94 22.72
N ILE A 280 51.62 -16.33 21.81
CA ILE A 280 51.06 -15.02 22.10
C ILE A 280 50.04 -15.11 23.25
N LEU A 281 49.22 -16.16 23.26
CA LEU A 281 48.16 -16.25 24.26
C LEU A 281 48.72 -16.56 25.66
N VAL A 282 49.91 -17.14 25.75
CA VAL A 282 50.46 -17.48 27.05
C VAL A 282 51.56 -16.49 27.48
N GLU A 283 51.63 -15.34 26.83
CA GLU A 283 52.56 -14.28 27.22
C GLU A 283 52.18 -13.69 28.58
N ASP A 284 53.21 -13.28 29.33
CA ASP A 284 52.96 -12.61 30.60
C ASP A 284 52.30 -11.26 30.34
N CYS A 285 51.17 -11.01 31.00
CA CYS A 285 50.45 -9.76 30.84
C CYS A 285 49.42 -9.67 31.95
N ASP A 286 48.70 -8.56 31.99
CA ASP A 286 47.58 -8.45 32.91
C ASP A 286 46.26 -8.79 32.24
N ILE A 287 46.10 -8.39 30.97
CA ILE A 287 44.84 -8.47 30.22
C ILE A 287 45.12 -9.05 28.85
N LEU A 288 44.39 -10.11 28.50
CA LEU A 288 44.52 -10.81 27.22
C LEU A 288 43.28 -10.51 26.38
N VAL A 289 43.47 -10.09 25.14
CA VAL A 289 42.36 -9.72 24.26
C VAL A 289 42.40 -10.58 22.99
N PRO A 290 41.74 -11.73 22.96
CA PRO A 290 41.62 -12.47 21.69
C PRO A 290 40.68 -11.75 20.75
N ALA A 291 41.22 -11.29 19.63
CA ALA A 291 40.47 -10.46 18.69
C ALA A 291 40.63 -10.94 17.26
N ALA A 292 40.83 -12.24 17.07
CA ALA A 292 41.02 -12.82 15.74
C ALA A 292 40.02 -13.94 15.48
N LEU A 293 40.31 -15.16 15.91
CA LEU A 293 39.38 -16.26 15.69
C LEU A 293 38.80 -16.79 17.00
N GLY A 294 37.79 -17.65 16.85
CA GLY A 294 37.26 -18.38 17.99
C GLY A 294 38.04 -19.65 18.25
N GLY A 295 37.73 -20.27 19.39
CA GLY A 295 38.33 -21.55 19.73
C GLY A 295 39.81 -21.53 20.02
N VAL A 296 40.41 -20.37 20.25
CA VAL A 296 41.85 -20.29 20.46
C VAL A 296 42.27 -20.61 21.89
N ILE A 297 41.35 -20.54 22.85
CA ILE A 297 41.66 -20.88 24.24
C ILE A 297 40.89 -22.15 24.61
N ASN A 298 41.63 -23.20 24.94
CA ASN A 298 41.04 -24.52 25.13
C ASN A 298 41.72 -25.21 26.31
N ARG A 299 41.36 -26.48 26.54
CA ARG A 299 41.91 -27.14 27.72
C ARG A 299 43.41 -27.31 27.62
N GLU A 300 44.00 -27.05 26.45
CA GLU A 300 45.41 -27.32 26.27
C GLU A 300 46.27 -26.14 26.67
N ASN A 301 45.83 -24.90 26.41
CA ASN A 301 46.61 -23.74 26.84
C ASN A 301 46.05 -23.03 28.08
N ALA A 302 44.84 -23.38 28.53
CA ALA A 302 44.17 -22.60 29.58
C ALA A 302 45.01 -22.53 30.85
N ASN A 303 45.66 -23.63 31.21
CA ASN A 303 46.47 -23.60 32.43
C ASN A 303 47.68 -22.70 32.30
N GLU A 304 48.05 -22.28 31.09
CA GLU A 304 49.25 -21.50 30.90
C GLU A 304 48.96 -20.01 30.66
N ILE A 305 47.69 -19.62 30.63
CA ILE A 305 47.34 -18.21 30.52
C ILE A 305 47.79 -17.48 31.79
N LYS A 306 48.50 -16.36 31.64
CA LYS A 306 48.96 -15.57 32.78
C LYS A 306 48.08 -14.36 33.09
N ALA A 307 47.20 -13.95 32.18
CA ALA A 307 46.39 -12.76 32.41
C ALA A 307 45.42 -12.97 33.57
N LYS A 308 45.10 -11.88 34.26
CA LYS A 308 44.01 -11.94 35.21
C LYS A 308 42.66 -11.68 34.58
N PHE A 309 42.63 -11.00 33.44
CA PHE A 309 41.40 -10.67 32.74
C PHE A 309 41.53 -11.10 31.30
N ILE A 310 40.46 -11.65 30.76
CA ILE A 310 40.36 -11.96 29.34
C ILE A 310 39.18 -11.18 28.81
N ILE A 311 39.41 -10.35 27.80
CA ILE A 311 38.36 -9.58 27.16
C ILE A 311 38.08 -10.26 25.83
N GLU A 312 36.90 -10.88 25.69
CA GLU A 312 36.58 -11.62 24.48
C GLU A 312 36.12 -10.69 23.36
N ALA A 313 37.06 -10.16 22.59
CA ALA A 313 36.69 -9.35 21.43
C ALA A 313 36.22 -10.22 20.26
N ALA A 314 36.92 -11.31 19.98
CA ALA A 314 36.44 -12.29 19.02
C ALA A 314 35.21 -13.02 19.56
N ASN A 315 34.45 -13.64 18.65
CA ASN A 315 33.34 -14.49 19.05
C ASN A 315 33.84 -15.88 19.42
N HIS A 316 33.30 -16.43 20.51
N HIS A 316 33.36 -16.39 20.55
CA HIS A 316 33.63 -17.73 21.08
CA HIS A 316 33.65 -17.75 20.99
C HIS A 316 35.13 -18.04 21.02
C HIS A 316 35.14 -18.09 21.06
N PRO A 317 36.00 -17.21 21.64
CA PRO A 317 37.42 -17.57 21.72
C PRO A 317 37.75 -18.61 22.78
N THR A 318 36.91 -18.77 23.79
CA THR A 318 37.14 -19.69 24.90
C THR A 318 36.11 -20.82 24.89
N ASP A 319 36.55 -22.07 24.97
CA ASP A 319 35.56 -23.14 25.04
C ASP A 319 35.20 -23.42 26.50
N PRO A 320 34.10 -24.16 26.74
CA PRO A 320 33.66 -24.41 28.12
C PRO A 320 34.70 -25.06 29.01
N ASP A 321 35.56 -25.93 28.48
CA ASP A 321 36.61 -26.54 29.30
C ASP A 321 37.56 -25.48 29.85
N ALA A 322 38.00 -24.57 28.99
CA ALA A 322 38.92 -23.52 29.45
C ALA A 322 38.25 -22.58 30.44
N ASP A 323 36.95 -22.31 30.24
CA ASP A 323 36.17 -21.50 31.18
C ASP A 323 36.29 -22.03 32.62
N GLU A 324 36.06 -23.33 32.82
CA GLU A 324 36.18 -23.90 34.16
C GLU A 324 37.60 -23.79 34.68
N ILE A 325 38.58 -24.14 33.83
CA ILE A 325 39.98 -24.08 34.25
C ILE A 325 40.35 -22.66 34.64
N LEU A 326 39.95 -21.67 33.83
CA LEU A 326 40.33 -20.29 34.10
C LEU A 326 39.59 -19.72 35.31
N SER A 327 38.32 -20.08 35.46
CA SER A 327 37.58 -19.68 36.65
C SER A 327 38.29 -20.15 37.92
N LYS A 328 38.74 -21.40 37.95
CA LYS A 328 39.41 -21.92 39.14
C LYS A 328 40.77 -21.29 39.36
N LYS A 329 41.42 -20.77 38.32
CA LYS A 329 42.63 -19.99 38.48
C LYS A 329 42.34 -18.55 38.88
N GLY A 330 41.07 -18.16 38.99
CA GLY A 330 40.75 -16.79 39.34
C GLY A 330 40.78 -15.80 38.20
N VAL A 331 40.76 -16.28 36.96
CA VAL A 331 40.75 -15.40 35.79
C VAL A 331 39.32 -14.95 35.54
N VAL A 332 39.13 -13.66 35.29
CA VAL A 332 37.81 -13.09 35.02
C VAL A 332 37.69 -12.89 33.53
N ILE A 333 36.59 -13.38 32.94
CA ILE A 333 36.40 -13.34 31.48
C ILE A 333 35.21 -12.45 31.14
N LEU A 334 35.47 -11.34 30.45
CA LEU A 334 34.39 -10.50 29.96
C LEU A 334 33.86 -11.13 28.68
N PRO A 335 32.60 -11.62 28.67
CA PRO A 335 32.14 -12.46 27.57
C PRO A 335 31.90 -11.69 26.28
N ASP A 336 32.13 -12.39 25.16
CA ASP A 336 32.00 -11.79 23.83
C ASP A 336 30.67 -11.09 23.60
N ILE A 337 29.56 -11.71 24.05
CA ILE A 337 28.24 -11.17 23.74
C ILE A 337 28.12 -9.74 24.27
N TYR A 338 28.84 -9.41 25.34
CA TYR A 338 28.92 -8.02 25.77
C TYR A 338 30.16 -7.29 25.23
N ALA A 339 31.34 -7.92 25.30
CA ALA A 339 32.59 -7.20 25.04
C ALA A 339 32.64 -6.61 23.63
N ASN A 340 32.12 -7.32 22.63
CA ASN A 340 32.21 -6.80 21.26
C ASN A 340 30.89 -6.17 20.78
N SER A 341 29.97 -5.84 21.70
CA SER A 341 28.66 -5.30 21.33
C SER A 341 28.70 -3.83 20.93
N GLY A 342 29.86 -3.16 20.96
CA GLY A 342 29.93 -1.79 20.48
C GLY A 342 29.53 -1.69 19.01
N GLY A 343 29.88 -2.69 18.21
CA GLY A 343 29.51 -2.65 16.80
C GLY A 343 28.00 -2.63 16.59
N VAL A 344 27.30 -3.57 17.23
CA VAL A 344 25.87 -3.62 16.99
C VAL A 344 25.18 -2.42 17.63
N THR A 345 25.75 -1.86 18.70
CA THR A 345 25.15 -0.67 19.31
C THR A 345 25.26 0.54 18.40
N VAL A 346 26.42 0.75 17.78
CA VAL A 346 26.53 1.89 16.86
C VAL A 346 25.72 1.62 15.58
N SER A 347 25.52 0.36 15.20
CA SER A 347 24.64 0.12 14.05
C SER A 347 23.19 0.53 14.37
N TYR A 348 22.74 0.34 15.61
CA TYR A 348 21.47 0.92 16.04
C TYR A 348 21.49 2.45 15.91
N PHE A 349 22.58 3.11 16.36
CA PHE A 349 22.66 4.56 16.24
C PHE A 349 22.60 5.00 14.77
N GLU A 350 23.20 4.21 13.88
CA GLU A 350 23.12 4.54 12.45
C GLU A 350 21.67 4.54 11.97
N TRP A 351 20.94 3.48 12.27
CA TRP A 351 19.52 3.38 11.98
C TRP A 351 18.75 4.54 12.61
N VAL A 352 19.04 4.89 13.87
CA VAL A 352 18.37 6.03 14.50
C VAL A 352 18.58 7.31 13.70
N GLN A 353 19.84 7.59 13.34
CA GLN A 353 20.12 8.80 12.60
C GLN A 353 19.39 8.82 11.26
N ASN A 354 19.34 7.67 10.57
CA ASN A 354 18.63 7.64 9.29
C ASN A 354 17.13 7.86 9.50
N ILE A 355 16.55 7.20 10.51
CA ILE A 355 15.14 7.38 10.87
C ILE A 355 14.85 8.85 11.17
N GLN A 356 15.77 9.53 11.85
CA GLN A 356 15.58 10.92 12.20
C GLN A 356 15.91 11.87 11.05
N GLY A 357 16.36 11.35 9.91
CA GLY A 357 16.70 12.18 8.77
C GLY A 357 17.85 13.15 9.00
N PHE A 358 18.72 12.90 9.97
CA PHE A 358 19.69 13.93 10.36
C PHE A 358 20.86 13.26 11.07
N MET A 359 22.06 13.35 10.50
CA MET A 359 23.19 12.61 11.04
C MET A 359 23.77 13.31 12.26
N TRP A 360 24.37 12.51 13.17
CA TRP A 360 25.01 13.01 14.38
C TRP A 360 26.50 13.28 14.17
N GLU A 361 27.05 14.19 14.97
CA GLU A 361 28.50 14.33 15.04
C GLU A 361 29.10 13.12 15.76
N GLU A 362 30.38 12.84 15.45
CA GLU A 362 31.01 11.63 15.99
C GLU A 362 31.07 11.66 17.50
N GLU A 363 31.27 12.85 18.09
CA GLU A 363 31.31 12.93 19.54
C GLU A 363 30.01 12.45 20.17
N LYS A 364 28.87 12.74 19.54
CA LYS A 364 27.60 12.26 20.08
C LYS A 364 27.49 10.75 19.96
N VAL A 365 27.91 10.20 18.81
CA VAL A 365 27.87 8.75 18.64
C VAL A 365 28.68 8.07 19.74
N ASN A 366 29.89 8.59 20.02
CA ASN A 366 30.77 7.95 20.99
C ASN A 366 30.29 8.16 22.43
N ASP A 367 29.71 9.33 22.72
CA ASP A 367 29.14 9.54 24.05
C ASP A 367 27.93 8.63 24.30
N GLU A 368 27.04 8.48 23.32
CA GLU A 368 25.93 7.53 23.48
C GLU A 368 26.43 6.10 23.59
N LEU A 369 27.44 5.74 22.80
CA LEU A 369 28.00 4.39 22.92
C LEU A 369 28.51 4.14 24.35
N LYS A 370 29.23 5.11 24.92
CA LYS A 370 29.72 4.96 26.29
C LYS A 370 28.56 4.83 27.27
N THR A 371 27.51 5.65 27.10
CA THR A 371 26.34 5.55 27.97
C THR A 371 25.70 4.17 27.88
N TYR A 372 25.52 3.66 26.66
CA TYR A 372 24.87 2.38 26.45
C TYR A 372 25.68 1.24 27.07
N MET A 373 27.00 1.26 26.90
CA MET A 373 27.80 0.13 27.37
C MET A 373 28.04 0.17 28.86
N THR A 374 28.03 1.37 29.45
CA THR A 374 28.09 1.49 30.90
C THR A 374 26.85 0.91 31.54
N ARG A 375 25.67 1.22 30.96
CA ARG A 375 24.41 0.72 31.47
C ARG A 375 24.31 -0.81 31.32
N SER A 376 24.70 -1.34 30.16
CA SER A 376 24.69 -2.79 29.96
C SER A 376 25.59 -3.50 30.95
N PHE A 377 26.79 -2.96 31.19
CA PHE A 377 27.68 -3.60 32.16
C PHE A 377 27.09 -3.58 33.56
N LYS A 378 26.45 -2.46 33.94
CA LYS A 378 25.83 -2.41 35.26
C LYS A 378 24.71 -3.45 35.38
N ASP A 379 23.86 -3.57 34.36
CA ASP A 379 22.79 -4.56 34.41
C ASP A 379 23.35 -5.98 34.40
N LEU A 380 24.40 -6.21 33.61
CA LEU A 380 25.08 -7.49 33.59
C LEU A 380 25.62 -7.82 34.98
N LYS A 381 26.22 -6.84 35.64
CA LYS A 381 26.76 -7.05 36.98
C LYS A 381 25.67 -7.38 38.00
N GLU A 382 24.51 -6.71 37.91
CA GLU A 382 23.43 -6.99 38.86
C GLU A 382 22.85 -8.38 38.66
N MET A 383 22.76 -8.84 37.40
CA MET A 383 22.32 -10.21 37.12
C MET A 383 23.25 -11.23 37.76
N CYS A 384 24.56 -11.00 37.70
CA CYS A 384 25.50 -11.91 38.33
C CYS A 384 25.30 -11.96 39.83
N LYS A 385 25.05 -10.81 40.46
CA LYS A 385 24.77 -10.84 41.89
C LYS A 385 23.46 -11.56 42.18
N THR A 386 22.42 -11.27 41.40
CA THR A 386 21.12 -11.89 41.65
C THR A 386 21.20 -13.41 41.55
N HIS A 387 21.95 -13.92 40.59
CA HIS A 387 21.93 -15.35 40.30
C HIS A 387 23.22 -16.04 40.68
N SER A 388 24.11 -15.34 41.38
CA SER A 388 25.39 -15.87 41.83
C SER A 388 26.12 -16.63 40.74
N CYS A 389 26.30 -15.98 39.61
CA CYS A 389 26.88 -16.64 38.45
C CYS A 389 28.01 -15.78 37.89
N ASP A 390 28.76 -16.34 36.93
CA ASP A 390 29.84 -15.59 36.30
C ASP A 390 29.30 -14.61 35.27
N LEU A 391 30.22 -13.85 34.66
CA LEU A 391 29.84 -12.80 33.72
C LEU A 391 29.15 -13.36 32.49
N ARG A 392 29.65 -14.48 31.94
CA ARG A 392 29.03 -15.04 30.74
C ARG A 392 27.56 -15.39 31.03
N MET A 393 27.31 -16.05 32.16
CA MET A 393 25.95 -16.41 32.52
C MET A 393 25.10 -15.20 32.88
N GLY A 394 25.71 -14.16 33.45
CA GLY A 394 24.97 -12.92 33.70
C GLY A 394 24.46 -12.27 32.43
N ALA A 395 25.27 -12.32 31.37
CA ALA A 395 24.88 -11.70 30.11
C ALA A 395 23.76 -12.50 29.44
N PHE A 396 23.87 -13.83 29.42
CA PHE A 396 22.79 -14.62 28.83
C PHE A 396 21.49 -14.49 29.60
N THR A 397 21.54 -14.53 30.94
CA THR A 397 20.30 -14.40 31.69
C THR A 397 19.70 -13.01 31.51
N LEU A 398 20.56 -11.99 31.42
CA LEU A 398 20.04 -10.64 31.18
C LEU A 398 19.32 -10.59 29.83
N GLY A 399 19.94 -11.14 28.80
CA GLY A 399 19.35 -11.07 27.47
C GLY A 399 18.06 -11.88 27.36
N VAL A 400 18.10 -13.12 27.82
CA VAL A 400 16.91 -13.97 27.79
C VAL A 400 15.79 -13.35 28.62
N ASN A 401 16.14 -12.79 29.78
CA ASN A 401 15.11 -12.22 30.64
C ASN A 401 14.42 -11.04 29.96
N ARG A 402 15.17 -10.18 29.29
CA ARG A 402 14.56 -9.04 28.61
C ARG A 402 13.63 -9.50 27.49
N VAL A 403 14.05 -10.48 26.69
CA VAL A 403 13.19 -10.99 25.61
C VAL A 403 11.94 -11.66 26.17
N ALA A 404 12.10 -12.45 27.23
CA ALA A 404 10.96 -13.13 27.82
C ALA A 404 9.94 -12.13 28.34
N GLN A 405 10.39 -11.07 29.00
CA GLN A 405 9.45 -10.09 29.55
C GLN A 405 8.73 -9.32 28.45
N ALA A 406 9.43 -8.95 27.38
CA ALA A 406 8.76 -8.28 26.27
C ALA A 406 7.72 -9.19 25.62
N THR A 407 8.06 -10.48 25.48
CA THR A 407 7.14 -11.45 24.90
C THR A 407 5.89 -11.61 25.77
N ILE A 408 6.07 -11.69 27.10
CA ILE A 408 4.93 -11.86 28.02
C ILE A 408 4.03 -10.63 27.99
N LEU A 409 4.61 -9.42 27.98
CA LEU A 409 3.84 -8.19 27.92
C LEU A 409 2.98 -8.10 26.66
N ARG A 410 3.54 -8.50 25.52
CA ARG A 410 2.80 -8.41 24.26
C ARG A 410 1.70 -9.46 24.17
N GLY A 411 1.86 -10.59 24.85
CA GLY A 411 0.79 -11.56 24.94
C GLY A 411 0.71 -12.47 23.73
N TRP A 412 -0.24 -13.40 23.78
CA TRP A 412 -0.42 -14.42 22.74
C TRP A 412 -1.82 -14.62 22.21
N GLY A 413 -2.79 -13.81 22.62
CA GLY A 413 -4.14 -13.96 22.11
C GLY A 413 -5.22 -13.87 23.17
N ALA B 9 14.16 -42.02 -8.08
CA ALA B 9 13.67 -41.13 -7.03
C ALA B 9 12.31 -40.54 -7.39
N THR B 10 11.81 -39.65 -6.54
CA THR B 10 10.58 -38.95 -6.92
C THR B 10 10.83 -37.95 -8.04
N ASN B 11 12.10 -37.63 -8.31
CA ASN B 11 12.56 -36.83 -9.44
C ASN B 11 12.74 -37.62 -10.72
N ARG B 12 12.55 -38.94 -10.69
CA ARG B 12 12.82 -39.76 -11.86
C ARG B 12 12.02 -39.29 -13.08
N ASN B 13 10.72 -39.04 -12.90
CA ASN B 13 9.90 -38.63 -14.03
C ASN B 13 10.35 -37.28 -14.58
N PHE B 14 10.66 -36.36 -13.68
CA PHE B 14 11.16 -35.06 -14.12
C PHE B 14 12.47 -35.20 -14.89
N LYS B 15 13.41 -35.97 -14.35
CA LYS B 15 14.74 -36.08 -14.94
C LYS B 15 14.68 -36.75 -16.30
N LEU B 16 13.83 -37.78 -16.43
CA LEU B 16 13.58 -38.40 -17.74
C LEU B 16 12.97 -37.40 -18.71
N ALA B 17 12.02 -36.59 -18.25
CA ALA B 17 11.37 -35.62 -19.11
C ALA B 17 12.38 -34.57 -19.59
N ALA B 18 13.24 -34.10 -18.69
CA ALA B 18 14.24 -33.12 -19.08
C ALA B 18 15.19 -33.66 -20.14
N ARG B 19 15.45 -34.97 -20.13
CA ARG B 19 16.30 -35.55 -21.18
C ARG B 19 15.56 -35.71 -22.51
N LEU B 20 14.29 -36.14 -22.49
CA LEU B 20 13.54 -36.19 -23.75
C LEU B 20 13.48 -34.83 -24.41
N LEU B 21 13.27 -33.79 -23.60
CA LEU B 21 13.41 -32.43 -24.08
C LEU B 21 14.90 -32.15 -24.24
N GLY B 22 15.25 -30.99 -24.75
CA GLY B 22 16.70 -30.80 -24.81
C GLY B 22 17.15 -29.93 -23.65
N LEU B 23 16.53 -30.10 -22.48
CA LEU B 23 16.62 -29.04 -21.47
C LEU B 23 18.05 -28.77 -21.08
N ASP B 24 18.44 -27.50 -21.18
CA ASP B 24 19.74 -27.08 -20.69
C ASP B 24 19.87 -27.41 -19.21
N SER B 25 21.03 -27.95 -18.83
CA SER B 25 21.21 -28.44 -17.46
C SER B 25 21.11 -27.34 -16.43
N LYS B 26 21.54 -26.12 -16.76
CA LYS B 26 21.41 -25.04 -15.78
C LYS B 26 19.95 -24.59 -15.62
N LEU B 27 19.17 -24.63 -16.70
CA LEU B 27 17.74 -24.38 -16.56
C LEU B 27 17.07 -25.48 -15.77
N GLU B 28 17.45 -26.73 -16.03
CA GLU B 28 16.92 -27.86 -15.27
C GLU B 28 17.15 -27.67 -13.77
N LYS B 29 18.37 -27.28 -13.38
CA LYS B 29 18.66 -27.05 -11.97
C LYS B 29 17.76 -25.94 -11.41
N SER B 30 17.56 -24.88 -12.16
CA SER B 30 16.66 -23.83 -11.71
C SER B 30 15.24 -24.36 -11.48
N LEU B 31 14.71 -25.13 -12.43
CA LEU B 31 13.34 -25.64 -12.26
C LEU B 31 13.19 -26.51 -11.02
N LEU B 32 14.29 -27.12 -10.57
CA LEU B 32 14.23 -27.97 -9.38
C LEU B 32 14.16 -27.17 -8.09
N ILE B 33 14.80 -25.99 -8.04
CA ILE B 33 14.87 -25.20 -6.80
C ILE B 33 13.54 -24.49 -6.57
N PRO B 34 12.93 -24.60 -5.41
CA PRO B 34 11.67 -23.88 -5.18
C PRO B 34 11.87 -22.36 -5.12
N PHE B 35 10.91 -21.65 -5.69
CA PHE B 35 10.84 -20.18 -5.62
C PHE B 35 11.03 -19.69 -4.18
N ARG B 36 10.29 -20.28 -3.23
N ARG B 36 10.28 -20.28 -3.25
CA ARG B 36 10.32 -19.78 -1.86
CA ARG B 36 10.31 -19.84 -1.87
C ARG B 36 9.90 -20.89 -0.90
C ARG B 36 9.99 -21.02 -0.97
N GLU B 37 10.67 -21.09 0.17
CA GLU B 37 10.31 -22.00 1.26
C GLU B 37 10.22 -21.19 2.55
N ILE B 38 9.13 -21.37 3.29
CA ILE B 38 8.81 -20.57 4.47
C ILE B 38 8.47 -21.48 5.64
N LYS B 39 9.07 -21.22 6.80
CA LYS B 39 8.63 -21.83 8.06
C LYS B 39 8.32 -20.71 9.04
N VAL B 40 7.17 -20.80 9.70
CA VAL B 40 6.72 -19.77 10.64
C VAL B 40 6.36 -20.41 11.97
N GLU B 41 6.64 -19.70 13.06
CA GLU B 41 6.14 -20.16 14.35
C GLU B 41 4.65 -19.87 14.48
N CYS B 42 3.89 -20.88 14.93
CA CYS B 42 2.47 -20.75 15.24
C CYS B 42 2.25 -21.14 16.70
N THR B 43 2.12 -20.14 17.57
CA THR B 43 1.92 -20.38 18.99
C THR B 43 0.51 -19.93 19.40
N ILE B 44 -0.21 -20.80 20.10
CA ILE B 44 -1.58 -20.49 20.52
C ILE B 44 -1.74 -20.78 22.01
N PRO B 45 -2.63 -20.08 22.70
CA PRO B 45 -3.11 -20.56 24.00
C PRO B 45 -4.04 -21.76 23.79
N LYS B 46 -3.82 -22.82 24.54
CA LYS B 46 -4.72 -23.97 24.49
C LYS B 46 -5.96 -23.71 25.34
N ASP B 47 -6.94 -24.61 25.24
CA ASP B 47 -8.16 -24.43 26.01
C ASP B 47 -7.88 -24.36 27.50
N ASP B 48 -6.85 -25.07 27.98
CA ASP B 48 -6.48 -25.01 29.39
C ASP B 48 -5.58 -23.82 29.74
N GLY B 49 -5.38 -22.87 28.84
CA GLY B 49 -4.60 -21.69 29.14
C GLY B 49 -3.11 -21.79 28.84
N THR B 50 -2.54 -23.00 28.81
CA THR B 50 -1.12 -23.15 28.56
C THR B 50 -0.78 -22.91 27.08
N LEU B 51 0.49 -22.57 26.82
CA LEU B 51 0.92 -22.32 25.45
C LEU B 51 1.20 -23.61 24.70
N ALA B 52 0.91 -23.61 23.40
CA ALA B 52 1.32 -24.67 22.49
C ALA B 52 1.94 -24.04 21.26
N SER B 53 3.12 -24.52 20.87
CA SER B 53 3.88 -23.98 19.75
C SER B 53 4.03 -25.03 18.67
N PHE B 54 3.70 -24.65 17.43
CA PHE B 54 3.75 -25.48 16.25
C PHE B 54 4.56 -24.75 15.19
N VAL B 55 5.07 -25.49 14.19
CA VAL B 55 5.73 -24.90 13.05
C VAL B 55 4.83 -25.05 11.82
N GLY B 56 4.42 -23.91 11.23
CA GLY B 56 3.72 -23.93 9.96
C GLY B 56 4.69 -23.73 8.81
N PHE B 57 4.32 -24.15 7.62
CA PHE B 57 5.28 -24.10 6.51
C PHE B 57 4.57 -24.01 5.19
N ARG B 58 5.30 -23.52 4.18
CA ARG B 58 4.79 -23.46 2.82
C ARG B 58 5.96 -23.51 1.86
N VAL B 59 5.97 -24.52 1.00
CA VAL B 59 6.91 -24.59 -0.12
C VAL B 59 6.17 -24.06 -1.32
N GLN B 60 6.69 -22.96 -1.88
CA GLN B 60 6.14 -22.34 -3.08
C GLN B 60 7.12 -22.68 -4.18
N HIS B 61 6.77 -23.68 -4.98
CA HIS B 61 7.80 -24.23 -5.86
C HIS B 61 8.01 -23.38 -7.11
N ASP B 62 6.94 -23.00 -7.80
CA ASP B 62 7.13 -22.31 -9.07
C ASP B 62 5.92 -21.48 -9.40
N ASN B 63 6.14 -20.27 -9.93
CA ASN B 63 5.03 -19.42 -10.32
C ASN B 63 5.23 -18.83 -11.71
N ALA B 64 6.03 -19.48 -12.57
CA ALA B 64 6.21 -18.94 -13.91
C ALA B 64 4.88 -18.83 -14.64
N ARG B 65 3.99 -19.80 -14.45
CA ARG B 65 2.75 -19.82 -15.22
C ARG B 65 1.57 -19.19 -14.49
N GLY B 66 1.76 -18.68 -13.27
CA GLY B 66 0.66 -18.06 -12.55
C GLY B 66 0.76 -18.27 -11.06
N PRO B 67 -0.32 -17.94 -10.32
CA PRO B 67 -0.31 -18.14 -8.87
C PRO B 67 -0.01 -19.59 -8.52
N MET B 68 0.64 -19.78 -7.37
CA MET B 68 0.85 -21.13 -6.89
C MET B 68 -0.45 -21.67 -6.27
N LYS B 69 -0.54 -22.99 -6.23
CA LYS B 69 -1.73 -23.70 -5.85
C LYS B 69 -1.29 -24.93 -5.07
N GLY B 70 -1.90 -25.20 -3.92
CA GLY B 70 -1.59 -26.46 -3.25
C GLY B 70 -2.20 -26.63 -1.87
N GLY B 71 -2.27 -27.88 -1.40
CA GLY B 71 -2.99 -28.16 -0.18
C GLY B 71 -2.24 -27.77 1.09
N ILE B 72 -3.00 -27.72 2.19
CA ILE B 72 -2.49 -27.45 3.53
C ILE B 72 -2.74 -28.71 4.36
N ARG B 73 -1.68 -29.32 4.86
CA ARG B 73 -1.79 -30.58 5.57
C ARG B 73 -1.56 -30.36 7.07
N TYR B 74 -2.52 -30.77 7.89
CA TYR B 74 -2.35 -30.78 9.35
C TYR B 74 -2.01 -32.21 9.76
N HIS B 75 -0.73 -32.44 10.09
CA HIS B 75 -0.30 -33.80 10.35
C HIS B 75 1.03 -33.78 11.10
N PRO B 76 1.24 -34.66 12.09
CA PRO B 76 2.47 -34.57 12.91
C PRO B 76 3.73 -35.03 12.18
N GLU B 77 3.59 -35.82 11.11
CA GLU B 77 4.72 -36.41 10.35
C GLU B 77 5.06 -35.50 9.18
N VAL B 78 5.94 -34.53 9.41
CA VAL B 78 6.44 -33.65 8.35
C VAL B 78 7.77 -34.17 7.80
N ASP B 79 7.84 -34.37 6.48
CA ASP B 79 9.08 -34.77 5.83
C ASP B 79 9.41 -33.73 4.76
N PRO B 80 10.52 -33.00 4.88
CA PRO B 80 10.75 -31.88 3.96
C PRO B 80 10.90 -32.32 2.51
N ASP B 81 11.55 -33.45 2.28
CA ASP B 81 11.71 -33.97 0.94
C ASP B 81 10.37 -34.29 0.30
N GLU B 82 9.44 -34.88 1.08
CA GLU B 82 8.13 -35.18 0.52
C GLU B 82 7.34 -33.92 0.23
N VAL B 83 7.35 -32.94 1.15
CA VAL B 83 6.64 -31.69 0.91
C VAL B 83 7.17 -31.02 -0.36
N ASN B 84 8.49 -31.04 -0.54
CA ASN B 84 9.09 -30.42 -1.71
C ASN B 84 8.72 -31.16 -2.99
N ALA B 85 8.72 -32.49 -2.94
CA ALA B 85 8.37 -33.30 -4.11
C ALA B 85 6.92 -33.07 -4.51
N LEU B 86 6.02 -32.98 -3.53
CA LEU B 86 4.60 -32.76 -3.84
C LEU B 86 4.35 -31.37 -4.41
N ALA B 87 5.06 -30.35 -3.90
CA ALA B 87 4.93 -29.00 -4.46
C ALA B 87 5.45 -28.97 -5.91
N GLN B 88 6.56 -29.66 -6.15
CA GLN B 88 7.08 -29.73 -7.51
C GLN B 88 6.12 -30.51 -8.43
N LEU B 89 5.59 -31.63 -7.95
CA LEU B 89 4.62 -32.38 -8.74
C LEU B 89 3.42 -31.52 -9.11
N MET B 90 2.96 -30.67 -8.19
CA MET B 90 1.84 -29.80 -8.50
C MET B 90 2.20 -28.85 -9.63
N THR B 91 3.45 -28.39 -9.68
CA THR B 91 3.84 -27.51 -10.76
C THR B 91 3.67 -28.19 -12.12
N TRP B 92 4.01 -29.49 -12.23
CA TRP B 92 3.85 -30.19 -13.51
C TRP B 92 2.38 -30.49 -13.80
N LYS B 93 1.61 -30.86 -12.76
CA LYS B 93 0.21 -31.25 -12.93
C LYS B 93 -0.64 -30.09 -13.41
N THR B 94 -0.47 -28.90 -12.82
CA THR B 94 -1.21 -27.73 -13.30
C THR B 94 -0.87 -27.44 -14.77
N ALA B 95 0.38 -27.64 -15.16
CA ALA B 95 0.76 -27.42 -16.57
C ALA B 95 0.15 -28.46 -17.50
N VAL B 96 0.13 -29.72 -17.09
CA VAL B 96 -0.53 -30.75 -17.89
C VAL B 96 -2.02 -30.40 -18.05
N ALA B 97 -2.65 -29.96 -16.96
CA ALA B 97 -4.05 -29.59 -16.99
C ALA B 97 -4.31 -28.31 -17.78
N LYS B 98 -3.26 -27.57 -18.10
CA LYS B 98 -3.35 -26.26 -18.75
C LYS B 98 -4.18 -25.29 -17.91
N ILE B 99 -3.95 -25.29 -16.61
CA ILE B 99 -4.57 -24.27 -15.78
C ILE B 99 -3.47 -23.29 -15.39
N PRO B 100 -3.76 -21.98 -15.23
CA PRO B 100 -2.69 -20.95 -15.07
C PRO B 100 -2.22 -20.81 -13.62
N TYR B 101 -1.58 -21.86 -13.13
CA TYR B 101 -1.06 -21.96 -11.78
C TYR B 101 0.30 -22.62 -11.80
N GLY B 102 1.09 -22.35 -10.77
CA GLY B 102 2.20 -23.21 -10.40
C GLY B 102 1.88 -24.04 -9.16
N GLY B 103 2.92 -24.68 -8.62
CA GLY B 103 2.76 -25.64 -7.53
C GLY B 103 3.24 -25.15 -6.19
N ALA B 104 2.53 -25.55 -5.13
CA ALA B 104 2.95 -25.25 -3.77
C ALA B 104 2.41 -26.35 -2.85
N LYS B 105 2.96 -26.43 -1.65
CA LYS B 105 2.46 -27.38 -0.66
C LYS B 105 2.84 -26.83 0.69
N GLY B 106 1.93 -26.96 1.66
CA GLY B 106 2.18 -26.42 2.99
C GLY B 106 1.48 -27.20 4.08
N GLY B 107 1.49 -26.71 5.31
CA GLY B 107 0.85 -27.40 6.40
C GLY B 107 1.34 -26.90 7.75
N ILE B 108 0.91 -27.62 8.79
CA ILE B 108 1.38 -27.40 10.16
C ILE B 108 1.70 -28.77 10.74
N GLY B 109 2.87 -28.89 11.38
CA GLY B 109 3.16 -30.10 12.13
C GLY B 109 2.38 -30.12 13.42
N CYS B 110 1.23 -30.79 13.39
CA CYS B 110 0.36 -30.91 14.55
C CYS B 110 -0.47 -32.17 14.37
N ASP B 111 -1.09 -32.61 15.47
CA ASP B 111 -2.00 -33.75 15.45
C ASP B 111 -3.41 -33.27 15.76
N PRO B 112 -4.28 -33.08 14.76
CA PRO B 112 -5.61 -32.52 15.03
C PRO B 112 -6.47 -33.38 15.95
N SER B 113 -6.22 -34.70 15.99
CA SER B 113 -6.98 -35.55 16.88
C SER B 113 -6.70 -35.24 18.34
N LYS B 114 -5.65 -34.49 18.63
CA LYS B 114 -5.31 -34.10 20.00
C LYS B 114 -5.62 -32.65 20.28
N LEU B 115 -6.29 -31.96 19.36
CA LEU B 115 -6.63 -30.55 19.52
C LEU B 115 -8.14 -30.41 19.47
N SER B 116 -8.68 -29.56 20.33
CA SER B 116 -10.11 -29.26 20.30
C SER B 116 -10.44 -28.41 19.07
N ILE B 117 -11.74 -28.32 18.78
CA ILE B 117 -12.18 -27.57 17.61
C ILE B 117 -11.85 -26.09 17.77
N SER B 118 -11.96 -25.55 18.98
CA SER B 118 -11.58 -24.15 19.22
C SER B 118 -10.08 -23.95 19.11
N GLU B 119 -9.27 -24.90 19.59
CA GLU B 119 -7.83 -24.81 19.39
C GLU B 119 -7.46 -24.88 17.91
N LEU B 120 -8.15 -25.74 17.14
CA LEU B 120 -7.88 -25.85 15.71
C LEU B 120 -8.22 -24.56 14.97
N GLU B 121 -9.29 -23.88 15.40
CA GLU B 121 -9.61 -22.59 14.80
C GLU B 121 -8.54 -21.57 15.14
N ARG B 122 -8.13 -21.51 16.42
CA ARG B 122 -7.07 -20.57 16.83
C ARG B 122 -5.79 -20.80 16.05
N LEU B 123 -5.38 -22.07 15.93
CA LEU B 123 -4.17 -22.43 15.19
C LEU B 123 -4.29 -22.02 13.72
N THR B 124 -5.44 -22.29 13.10
CA THR B 124 -5.65 -21.92 11.70
C THR B 124 -5.57 -20.41 11.52
N ARG B 125 -6.16 -19.65 12.43
CA ARG B 125 -6.10 -18.20 12.29
C ARG B 125 -4.68 -17.67 12.52
N VAL B 126 -3.95 -18.19 13.50
CA VAL B 126 -2.58 -17.73 13.73
C VAL B 126 -1.71 -18.07 12.52
N PHE B 127 -1.82 -19.30 12.00
CA PHE B 127 -1.08 -19.66 10.78
C PHE B 127 -1.38 -18.68 9.65
N THR B 128 -2.67 -18.36 9.45
CA THR B 128 -3.03 -17.41 8.42
C THR B 128 -2.42 -16.05 8.68
N GLN B 129 -2.44 -15.57 9.94
N GLN B 129 -2.41 -15.59 9.94
CA GLN B 129 -1.79 -14.31 10.28
CA GLN B 129 -1.80 -14.32 10.28
C GLN B 129 -0.31 -14.35 9.90
C GLN B 129 -0.28 -14.33 10.08
N LYS B 130 0.34 -15.50 10.12
CA LYS B 130 1.78 -15.58 9.89
C LYS B 130 2.16 -15.70 8.42
N ILE B 131 1.23 -16.04 7.54
CA ILE B 131 1.56 -16.19 6.12
C ILE B 131 0.75 -15.28 5.22
N HIS B 132 -0.12 -14.43 5.75
CA HIS B 132 -1.06 -13.73 4.87
C HIS B 132 -0.32 -12.91 3.82
N ASP B 133 0.83 -12.33 4.15
CA ASP B 133 1.61 -11.53 3.19
C ASP B 133 2.34 -12.39 2.17
N LEU B 134 2.29 -13.71 2.29
CA LEU B 134 2.99 -14.61 1.38
C LEU B 134 2.05 -15.32 0.42
N ILE B 135 0.74 -15.22 0.66
CA ILE B 135 -0.26 -15.85 -0.19
C ILE B 135 -1.14 -14.75 -0.77
N GLY B 136 -2.16 -15.12 -1.55
CA GLY B 136 -3.00 -14.11 -2.16
C GLY B 136 -3.63 -14.62 -3.44
N ILE B 137 -4.72 -13.94 -3.86
CA ILE B 137 -5.52 -14.44 -4.98
C ILE B 137 -4.68 -14.59 -6.25
N HIS B 138 -3.67 -13.74 -6.43
CA HIS B 138 -2.77 -13.86 -7.58
C HIS B 138 -1.36 -14.28 -7.21
N THR B 139 -1.16 -14.85 -6.03
CA THR B 139 0.15 -15.21 -5.52
C THR B 139 0.25 -16.68 -5.15
N ASP B 140 -0.66 -17.16 -4.29
CA ASP B 140 -0.64 -18.52 -3.81
C ASP B 140 -1.99 -18.79 -3.16
N VAL B 141 -2.69 -19.79 -3.66
CA VAL B 141 -4.08 -20.10 -3.32
C VAL B 141 -4.12 -21.48 -2.66
N PRO B 142 -4.21 -21.55 -1.34
CA PRO B 142 -4.21 -22.87 -0.68
C PRO B 142 -5.52 -23.63 -0.89
N ALA B 143 -5.51 -24.87 -0.42
CA ALA B 143 -6.61 -25.80 -0.58
C ALA B 143 -6.54 -26.80 0.56
N PRO B 144 -7.60 -27.57 0.80
CA PRO B 144 -7.56 -28.62 1.82
C PRO B 144 -6.63 -29.75 1.42
N ASP B 145 -6.26 -30.54 2.40
CA ASP B 145 -5.39 -31.70 2.23
C ASP B 145 -5.63 -32.57 3.47
N MET B 146 -4.74 -33.53 3.72
CA MET B 146 -4.89 -34.39 4.89
C MET B 146 -4.99 -33.55 6.17
N GLY B 147 -5.99 -33.84 6.99
CA GLY B 147 -6.15 -33.11 8.23
C GLY B 147 -6.86 -31.76 8.12
N THR B 148 -7.16 -31.26 6.92
CA THR B 148 -7.91 -30.01 6.78
C THR B 148 -9.12 -30.26 5.86
N GLY B 149 -10.04 -29.29 5.84
CA GLY B 149 -11.27 -29.44 5.07
C GLY B 149 -11.93 -28.11 4.77
N PRO B 150 -13.18 -28.13 4.30
CA PRO B 150 -13.86 -26.86 3.98
C PRO B 150 -13.95 -25.90 5.16
N GLN B 151 -14.20 -26.41 6.38
CA GLN B 151 -14.25 -25.51 7.54
C GLN B 151 -12.91 -24.82 7.75
N THR B 152 -11.80 -25.54 7.57
CA THR B 152 -10.49 -24.91 7.69
C THR B 152 -10.35 -23.78 6.68
N MET B 153 -10.75 -24.03 5.44
CA MET B 153 -10.64 -23.01 4.40
C MET B 153 -11.49 -21.80 4.75
N ALA B 154 -12.66 -22.03 5.35
CA ALA B 154 -13.51 -20.93 5.77
C ALA B 154 -12.80 -20.04 6.78
N TRP B 155 -12.10 -20.67 7.75
CA TRP B 155 -11.36 -19.90 8.74
C TRP B 155 -10.18 -19.14 8.12
N ILE B 156 -9.47 -19.75 7.17
CA ILE B 156 -8.40 -19.04 6.47
C ILE B 156 -8.95 -17.83 5.74
N LEU B 157 -10.03 -18.03 4.96
CA LEU B 157 -10.66 -16.92 4.25
C LEU B 157 -11.07 -15.81 5.22
N ASP B 158 -11.69 -16.17 6.33
CA ASP B 158 -12.17 -15.14 7.23
C ASP B 158 -11.01 -14.36 7.84
N GLU B 159 -9.96 -15.05 8.28
CA GLU B 159 -8.81 -14.35 8.87
C GLU B 159 -8.05 -13.55 7.81
N TYR B 160 -7.83 -14.14 6.62
CA TYR B 160 -7.15 -13.42 5.55
C TYR B 160 -7.88 -12.14 5.19
N SER B 161 -9.21 -12.18 5.22
CA SER B 161 -10.00 -11.03 4.79
C SER B 161 -9.87 -9.87 5.75
N LYS B 162 -9.48 -10.10 7.01
CA LYS B 162 -9.21 -9.00 7.91
C LYS B 162 -8.02 -8.17 7.46
N PHE B 163 -7.05 -8.80 6.78
CA PHE B 163 -5.84 -8.12 6.34
C PHE B 163 -5.97 -7.55 4.94
N HIS B 164 -6.80 -8.12 4.08
CA HIS B 164 -6.84 -7.70 2.69
C HIS B 164 -8.25 -7.42 2.18
N GLY B 165 -9.25 -7.35 3.05
CA GLY B 165 -10.62 -7.23 2.61
C GLY B 165 -11.12 -8.58 2.09
N TYR B 166 -12.43 -8.66 1.90
CA TYR B 166 -13.08 -9.90 1.53
C TYR B 166 -12.48 -10.48 0.25
N SER B 167 -11.95 -11.70 0.33
CA SER B 167 -11.15 -12.28 -0.75
C SER B 167 -11.48 -13.77 -0.90
N PRO B 168 -12.68 -14.10 -1.36
CA PRO B 168 -13.06 -15.52 -1.46
C PRO B 168 -12.16 -16.34 -2.37
N ALA B 169 -11.53 -15.73 -3.37
CA ALA B 169 -10.65 -16.52 -4.24
C ALA B 169 -9.30 -16.86 -3.59
N VAL B 170 -9.08 -16.49 -2.33
CA VAL B 170 -7.76 -16.75 -1.75
C VAL B 170 -7.59 -18.22 -1.37
N VAL B 171 -8.68 -18.99 -1.21
CA VAL B 171 -8.58 -20.42 -0.99
C VAL B 171 -9.62 -21.12 -1.87
N THR B 172 -9.34 -22.38 -2.22
CA THR B 172 -10.37 -23.20 -2.83
C THR B 172 -10.79 -24.28 -1.86
N GLY B 173 -11.80 -25.06 -2.26
CA GLY B 173 -12.35 -26.07 -1.37
C GLY B 173 -13.25 -25.51 -0.31
N LYS B 174 -13.74 -24.29 -0.47
CA LYS B 174 -14.62 -23.65 0.49
C LYS B 174 -15.99 -24.33 0.51
N PRO B 175 -16.73 -24.21 1.61
CA PRO B 175 -18.15 -24.63 1.59
C PRO B 175 -18.90 -23.86 0.51
N ILE B 176 -19.94 -24.51 -0.04
CA ILE B 176 -20.75 -23.91 -1.12
C ILE B 176 -21.29 -22.54 -0.72
N ASP B 177 -21.76 -22.41 0.53
CA ASP B 177 -22.32 -21.15 1.03
C ASP B 177 -21.31 -20.02 1.07
N LEU B 178 -20.01 -20.34 1.00
CA LEU B 178 -18.98 -19.32 1.08
C LEU B 178 -18.24 -19.17 -0.24
N GLY B 179 -18.83 -19.59 -1.35
CA GLY B 179 -18.21 -19.44 -2.64
C GLY B 179 -17.57 -20.70 -3.20
N GLY B 180 -17.78 -21.86 -2.58
CA GLY B 180 -17.30 -23.09 -3.18
C GLY B 180 -18.06 -23.41 -4.45
N SER B 181 -17.41 -24.14 -5.35
CA SER B 181 -18.01 -24.39 -6.65
C SER B 181 -18.93 -25.59 -6.61
N LEU B 182 -20.04 -25.51 -7.33
CA LEU B 182 -20.81 -26.71 -7.61
C LEU B 182 -19.97 -27.72 -8.39
N GLY B 183 -20.30 -28.99 -8.25
CA GLY B 183 -19.58 -30.03 -8.97
C GLY B 183 -18.26 -30.43 -8.39
N ARG B 184 -17.89 -29.91 -7.22
CA ARG B 184 -16.59 -30.24 -6.64
C ARG B 184 -16.57 -31.67 -6.09
N ASP B 185 -17.66 -32.10 -5.48
CA ASP B 185 -17.70 -33.47 -4.95
C ASP B 185 -17.38 -34.50 -6.02
N ALA B 186 -17.99 -34.36 -7.20
CA ALA B 186 -17.87 -35.33 -8.28
C ALA B 186 -16.65 -35.11 -9.17
N ALA B 187 -15.90 -34.03 -8.97
CA ALA B 187 -14.97 -33.55 -9.98
C ALA B 187 -13.92 -34.59 -10.36
N THR B 188 -13.25 -35.18 -9.38
CA THR B 188 -12.18 -36.12 -9.70
C THR B 188 -12.74 -37.39 -10.32
N GLY B 189 -13.80 -37.95 -9.73
CA GLY B 189 -14.42 -39.12 -10.32
C GLY B 189 -14.96 -38.85 -11.71
N ARG B 190 -15.55 -37.67 -11.91
CA ARG B 190 -16.04 -37.31 -13.24
C ARG B 190 -14.89 -37.18 -14.23
N GLY B 191 -13.78 -36.58 -13.80
CA GLY B 191 -12.62 -36.49 -14.67
C GLY B 191 -12.06 -37.87 -15.01
N VAL B 192 -12.07 -38.79 -14.06
CA VAL B 192 -11.67 -40.17 -14.36
C VAL B 192 -12.54 -40.73 -15.49
N MET B 193 -13.86 -40.48 -15.44
CA MET B 193 -14.72 -40.96 -16.51
C MET B 193 -14.44 -40.22 -17.82
N PHE B 194 -14.23 -38.90 -17.77
CA PHE B 194 -13.90 -38.13 -18.97
C PHE B 194 -12.59 -38.62 -19.59
N GLY B 195 -11.56 -38.80 -18.77
CA GLY B 195 -10.27 -39.23 -19.28
C GLY B 195 -10.29 -40.62 -19.86
N THR B 196 -11.11 -41.51 -19.27
CA THR B 196 -11.26 -42.86 -19.82
C THR B 196 -11.91 -42.83 -21.20
N GLU B 197 -12.95 -42.03 -21.38
CA GLU B 197 -13.59 -41.95 -22.70
C GLU B 197 -12.63 -41.38 -23.74
N ALA B 198 -11.82 -40.38 -23.35
CA ALA B 198 -10.85 -39.81 -24.29
C ALA B 198 -9.82 -40.85 -24.73
N LEU B 199 -9.31 -41.62 -23.78
CA LEU B 199 -8.32 -42.65 -24.12
C LEU B 199 -8.94 -43.73 -24.97
N LEU B 200 -10.15 -44.17 -24.61
CA LEU B 200 -10.81 -45.22 -25.37
C LEU B 200 -11.10 -44.76 -26.80
N ASN B 201 -11.54 -43.51 -26.97
CA ASN B 201 -11.81 -43.00 -28.32
C ASN B 201 -10.57 -43.09 -29.21
N GLU B 202 -9.39 -42.79 -28.66
CA GLU B 202 -8.16 -42.90 -29.42
C GLU B 202 -7.95 -44.32 -29.90
N HIS B 203 -8.49 -45.29 -29.20
CA HIS B 203 -8.39 -46.69 -29.58
C HIS B 203 -9.64 -47.17 -30.31
N GLY B 204 -10.47 -46.25 -30.79
CA GLY B 204 -11.68 -46.65 -31.51
C GLY B 204 -12.69 -47.34 -30.65
N LYS B 205 -12.68 -47.07 -29.33
CA LYS B 205 -13.58 -47.70 -28.38
C LYS B 205 -14.38 -46.66 -27.61
N THR B 206 -15.37 -47.15 -26.88
CA THR B 206 -16.23 -46.34 -26.03
C THR B 206 -16.46 -47.06 -24.71
N ILE B 207 -16.83 -46.29 -23.69
CA ILE B 207 -17.07 -46.85 -22.36
C ILE B 207 -18.17 -47.91 -22.41
N SER B 208 -19.21 -47.69 -23.21
CA SER B 208 -20.37 -48.57 -23.22
C SER B 208 -19.98 -49.99 -23.57
N GLY B 209 -20.30 -50.93 -22.66
CA GLY B 209 -19.98 -52.33 -22.82
C GLY B 209 -18.70 -52.79 -22.14
N GLN B 210 -17.75 -51.89 -21.89
CA GLN B 210 -16.49 -52.27 -21.26
C GLN B 210 -16.70 -52.74 -19.82
N ARG B 211 -15.86 -53.70 -19.41
CA ARG B 211 -15.91 -54.26 -18.06
C ARG B 211 -14.84 -53.60 -17.21
N PHE B 212 -15.25 -53.01 -16.10
CA PHE B 212 -14.38 -52.26 -15.23
C PHE B 212 -14.19 -53.00 -13.91
N VAL B 213 -13.00 -52.90 -13.37
CA VAL B 213 -12.72 -53.28 -11.99
C VAL B 213 -12.25 -52.02 -11.28
N ILE B 214 -12.87 -51.70 -10.15
CA ILE B 214 -12.52 -50.47 -9.44
C ILE B 214 -12.11 -50.84 -8.02
N GLN B 215 -10.88 -50.51 -7.65
CA GLN B 215 -10.38 -50.73 -6.30
C GLN B 215 -10.46 -49.41 -5.54
N GLY B 216 -11.26 -49.39 -4.46
CA GLY B 216 -11.56 -48.17 -3.77
C GLY B 216 -12.94 -47.67 -4.14
N PHE B 217 -13.73 -47.23 -3.16
CA PHE B 217 -15.10 -46.81 -3.36
C PHE B 217 -15.40 -45.57 -2.55
N GLY B 218 -14.43 -44.65 -2.50
CA GLY B 218 -14.57 -43.40 -1.77
C GLY B 218 -15.03 -42.27 -2.67
N ASN B 219 -14.51 -41.07 -2.43
CA ASN B 219 -14.91 -39.92 -3.24
C ASN B 219 -14.61 -40.16 -4.71
N VAL B 220 -13.42 -40.67 -5.01
CA VAL B 220 -13.09 -40.92 -6.41
C VAL B 220 -13.81 -42.16 -6.92
N GLY B 221 -13.64 -43.28 -6.20
CA GLY B 221 -14.11 -44.56 -6.71
C GLY B 221 -15.61 -44.62 -6.89
N SER B 222 -16.38 -44.09 -5.93
CA SER B 222 -17.83 -44.20 -6.03
C SER B 222 -18.37 -43.28 -7.13
N TRP B 223 -17.81 -42.08 -7.26
CA TRP B 223 -18.27 -41.21 -8.34
C TRP B 223 -17.90 -41.78 -9.69
N ALA B 224 -16.68 -42.30 -9.83
CA ALA B 224 -16.28 -42.92 -11.09
C ALA B 224 -17.21 -44.08 -11.44
N ALA B 225 -17.51 -44.94 -10.46
CA ALA B 225 -18.40 -46.08 -10.72
C ALA B 225 -19.79 -45.61 -11.14
N LYS B 226 -20.34 -44.63 -10.43
CA LYS B 226 -21.67 -44.14 -10.75
C LYS B 226 -21.71 -43.56 -12.15
N LEU B 227 -20.74 -42.71 -12.49
CA LEU B 227 -20.76 -42.04 -13.78
C LEU B 227 -20.36 -42.98 -14.92
N ILE B 228 -19.41 -43.89 -14.68
CA ILE B 228 -19.05 -44.87 -15.71
C ILE B 228 -20.22 -45.81 -16.00
N SER B 229 -20.87 -46.30 -14.95
CA SER B 229 -22.00 -47.19 -15.18
C SER B 229 -23.13 -46.47 -15.87
N GLU B 230 -23.32 -45.17 -15.59
CA GLU B 230 -24.36 -44.42 -16.29
C GLU B 230 -24.04 -44.25 -17.77
N LYS B 231 -22.77 -44.35 -18.16
CA LYS B 231 -22.41 -44.32 -19.57
C LYS B 231 -22.44 -45.71 -20.20
N GLY B 232 -22.91 -46.72 -19.48
CA GLY B 232 -23.03 -48.05 -20.02
C GLY B 232 -21.87 -48.97 -19.70
N GLY B 233 -20.90 -48.51 -18.92
CA GLY B 233 -19.83 -49.39 -18.48
C GLY B 233 -20.37 -50.44 -17.52
N LYS B 234 -19.84 -51.66 -17.63
CA LYS B 234 -20.18 -52.77 -16.74
C LYS B 234 -19.15 -52.84 -15.62
N ILE B 235 -19.57 -52.52 -14.40
CA ILE B 235 -18.68 -52.57 -13.24
C ILE B 235 -18.76 -54.00 -12.73
N VAL B 236 -17.74 -54.81 -13.03
CA VAL B 236 -17.81 -56.23 -12.68
C VAL B 236 -17.26 -56.54 -11.28
N ALA B 237 -16.40 -55.70 -10.72
CA ALA B 237 -15.91 -55.96 -9.37
C ALA B 237 -15.47 -54.65 -8.72
N VAL B 238 -15.70 -54.56 -7.41
CA VAL B 238 -15.37 -53.38 -6.61
C VAL B 238 -14.80 -53.86 -5.27
N SER B 239 -13.85 -53.09 -4.72
CA SER B 239 -13.36 -53.36 -3.38
C SER B 239 -13.16 -52.06 -2.61
N ASP B 240 -13.13 -52.17 -1.29
CA ASP B 240 -12.73 -51.07 -0.40
C ASP B 240 -12.08 -51.69 0.83
N ILE B 241 -11.96 -50.90 1.91
CA ILE B 241 -11.27 -51.38 3.09
C ILE B 241 -12.03 -52.50 3.79
N THR B 242 -13.33 -52.66 3.52
CA THR B 242 -14.11 -53.68 4.21
C THR B 242 -14.19 -55.01 3.45
N GLY B 243 -13.83 -55.04 2.17
CA GLY B 243 -13.90 -56.28 1.42
C GLY B 243 -14.05 -56.01 -0.07
N ALA B 244 -14.15 -57.10 -0.82
CA ALA B 244 -14.27 -57.06 -2.28
C ALA B 244 -15.48 -57.85 -2.73
N ILE B 245 -16.15 -57.35 -3.78
CA ILE B 245 -17.36 -57.97 -4.32
C ILE B 245 -17.25 -58.07 -5.84
N LYS B 246 -17.98 -59.03 -6.41
CA LYS B 246 -17.90 -59.32 -7.83
C LYS B 246 -19.26 -59.71 -8.38
N ASN B 247 -19.52 -59.31 -9.62
CA ASN B 247 -20.70 -59.77 -10.35
C ASN B 247 -20.36 -59.72 -11.83
N LYS B 248 -20.17 -60.88 -12.46
CA LYS B 248 -19.66 -60.89 -13.84
C LYS B 248 -20.59 -60.17 -14.81
N ASP B 249 -21.88 -60.09 -14.48
CA ASP B 249 -22.87 -59.43 -15.33
C ASP B 249 -22.99 -57.94 -15.05
N GLY B 250 -22.26 -57.40 -14.07
CA GLY B 250 -22.35 -56.00 -13.72
C GLY B 250 -23.03 -55.75 -12.39
N ILE B 251 -22.39 -54.96 -11.54
CA ILE B 251 -22.95 -54.57 -10.26
C ILE B 251 -23.91 -53.41 -10.43
N ASP B 252 -25.07 -53.48 -9.78
CA ASP B 252 -26.03 -52.38 -9.76
C ASP B 252 -25.46 -51.26 -8.90
N ILE B 253 -24.86 -50.25 -9.52
CA ILE B 253 -24.16 -49.22 -8.76
C ILE B 253 -25.13 -48.40 -7.91
N PRO B 254 -26.29 -47.95 -8.42
CA PRO B 254 -27.24 -47.27 -7.52
C PRO B 254 -27.59 -48.09 -6.29
N ALA B 255 -27.80 -49.39 -6.44
CA ALA B 255 -28.06 -50.23 -5.28
C ALA B 255 -26.83 -50.34 -4.39
N LEU B 256 -25.64 -50.48 -4.98
CA LEU B 256 -24.43 -50.55 -4.16
C LEU B 256 -24.23 -49.25 -3.40
N LEU B 257 -24.47 -48.11 -4.06
CA LEU B 257 -24.35 -46.82 -3.38
C LEU B 257 -25.29 -46.75 -2.19
N LYS B 258 -26.54 -47.19 -2.37
CA LYS B 258 -27.47 -47.18 -1.24
C LYS B 258 -26.99 -48.12 -0.14
N HIS B 259 -26.40 -49.26 -0.52
CA HIS B 259 -25.87 -50.18 0.49
C HIS B 259 -24.73 -49.55 1.26
N THR B 260 -23.85 -48.82 0.55
CA THR B 260 -22.65 -48.31 1.21
C THR B 260 -22.95 -47.15 2.13
N LYS B 261 -24.04 -46.42 1.87
CA LYS B 261 -24.40 -45.34 2.78
C LYS B 261 -24.95 -45.88 4.09
N GLU B 262 -25.59 -47.04 4.05
CA GLU B 262 -26.23 -47.66 5.21
C GLU B 262 -25.41 -48.75 5.89
N HIS B 263 -24.30 -49.23 5.29
CA HIS B 263 -23.50 -50.29 5.91
C HIS B 263 -22.00 -50.04 6.03
N ARG B 264 -21.52 -48.80 5.94
CA ARG B 264 -20.09 -48.49 6.11
C ARG B 264 -19.19 -49.10 5.04
N GLY B 265 -19.73 -49.80 4.05
CA GLY B 265 -18.83 -50.42 3.09
C GLY B 265 -19.54 -51.39 2.18
N VAL B 266 -18.82 -51.79 1.14
CA VAL B 266 -19.36 -52.70 0.14
C VAL B 266 -19.57 -54.10 0.68
N LYS B 267 -18.96 -54.40 1.82
CA LYS B 267 -19.07 -55.71 2.44
C LYS B 267 -20.53 -56.05 2.71
N GLY B 268 -20.91 -57.28 2.40
CA GLY B 268 -22.27 -57.71 2.64
C GLY B 268 -23.28 -57.25 1.62
N PHE B 269 -22.84 -56.66 0.51
CA PHE B 269 -23.78 -56.18 -0.50
C PHE B 269 -24.55 -57.33 -1.13
N ASP B 270 -25.87 -57.21 -1.14
CA ASP B 270 -26.72 -58.16 -1.84
C ASP B 270 -26.65 -57.85 -3.33
N GLY B 271 -26.46 -58.87 -4.14
CA GLY B 271 -26.31 -58.65 -5.56
C GLY B 271 -24.89 -58.67 -6.06
N ALA B 272 -23.96 -59.23 -5.30
CA ALA B 272 -22.58 -59.41 -5.72
C ALA B 272 -22.00 -60.50 -4.85
N ASP B 273 -21.13 -61.32 -5.45
CA ASP B 273 -20.57 -62.32 -4.56
C ASP B 273 -19.26 -61.81 -3.96
N PRO B 274 -18.95 -62.14 -2.70
CA PRO B 274 -17.67 -61.69 -2.14
C PRO B 274 -16.50 -62.46 -2.73
N ILE B 275 -15.38 -61.77 -2.90
CA ILE B 275 -14.15 -62.38 -3.41
C ILE B 275 -12.99 -61.93 -2.53
N ASP B 276 -11.88 -62.66 -2.63
CA ASP B 276 -10.63 -62.32 -1.95
C ASP B 276 -10.24 -60.88 -2.26
N PRO B 277 -10.09 -60.03 -1.25
CA PRO B 277 -9.71 -58.63 -1.52
C PRO B 277 -8.36 -58.50 -2.22
N ASN B 278 -7.46 -59.45 -2.03
CA ASN B 278 -6.13 -59.42 -2.62
C ASN B 278 -6.09 -59.88 -4.07
N SER B 279 -7.22 -60.30 -4.63
CA SER B 279 -7.28 -60.76 -6.01
C SER B 279 -7.95 -59.76 -6.95
N ILE B 280 -8.37 -58.60 -6.44
CA ILE B 280 -9.19 -57.70 -7.23
C ILE B 280 -8.44 -57.18 -8.45
N LEU B 281 -7.13 -56.91 -8.30
CA LEU B 281 -6.37 -56.28 -9.38
C LEU B 281 -6.13 -57.22 -10.56
N VAL B 282 -6.14 -58.53 -10.34
CA VAL B 282 -5.91 -59.48 -11.40
C VAL B 282 -7.24 -60.09 -11.91
N GLU B 283 -8.36 -59.46 -11.61
CA GLU B 283 -9.62 -59.95 -12.17
C GLU B 283 -9.66 -59.71 -13.67
N ASP B 284 -10.31 -60.62 -14.37
CA ASP B 284 -10.52 -60.46 -15.79
C ASP B 284 -11.44 -59.28 -16.07
N CYS B 285 -10.99 -58.36 -16.91
CA CYS B 285 -11.78 -57.19 -17.26
C CYS B 285 -11.11 -56.52 -18.45
N ASP B 286 -11.71 -55.43 -18.91
CA ASP B 286 -11.11 -54.59 -19.93
C ASP B 286 -10.34 -53.43 -19.33
N ILE B 287 -10.86 -52.82 -18.26
CA ILE B 287 -10.30 -51.58 -17.71
C ILE B 287 -10.18 -51.72 -16.20
N LEU B 288 -8.97 -51.48 -15.69
CA LEU B 288 -8.66 -51.53 -14.27
C LEU B 288 -8.49 -50.13 -13.72
N VAL B 289 -9.20 -49.81 -12.65
CA VAL B 289 -9.17 -48.46 -12.07
C VAL B 289 -8.72 -48.53 -10.61
N PRO B 290 -7.43 -48.45 -10.33
CA PRO B 290 -6.98 -48.34 -8.93
C PRO B 290 -7.33 -46.96 -8.39
N ALA B 291 -8.21 -46.92 -7.37
CA ALA B 291 -8.74 -45.67 -6.82
C ALA B 291 -8.69 -45.66 -5.30
N ALA B 292 -7.72 -46.34 -4.70
CA ALA B 292 -7.62 -46.40 -3.24
C ALA B 292 -6.27 -45.90 -2.76
N LEU B 293 -5.25 -46.76 -2.77
CA LEU B 293 -3.90 -46.39 -2.37
C LEU B 293 -2.94 -46.48 -3.55
N GLY B 294 -1.73 -45.97 -3.33
CA GLY B 294 -0.66 -46.12 -4.28
C GLY B 294 0.14 -47.40 -4.07
N GLY B 295 1.01 -47.68 -5.03
CA GLY B 295 1.91 -48.82 -4.94
C GLY B 295 1.26 -50.17 -5.01
N VAL B 296 -0.02 -50.25 -5.40
CA VAL B 296 -0.70 -51.53 -5.41
C VAL B 296 -0.39 -52.37 -6.66
N ILE B 297 0.09 -51.76 -7.73
CA ILE B 297 0.51 -52.50 -8.92
C ILE B 297 2.02 -52.48 -8.95
N ASN B 298 2.64 -53.65 -8.77
CA ASN B 298 4.06 -53.74 -8.57
C ASN B 298 4.58 -54.97 -9.32
N ARG B 299 5.87 -55.21 -9.15
CA ARG B 299 6.48 -56.28 -9.94
C ARG B 299 5.98 -57.67 -9.57
N GLU B 300 5.18 -57.82 -8.50
CA GLU B 300 4.69 -59.14 -8.14
C GLU B 300 3.36 -59.46 -8.81
N ASN B 301 2.47 -58.49 -8.98
CA ASN B 301 1.22 -58.75 -9.67
C ASN B 301 1.17 -58.24 -11.11
N ALA B 302 2.16 -57.48 -11.57
CA ALA B 302 2.03 -56.79 -12.86
C ALA B 302 1.82 -57.76 -14.01
N ASN B 303 2.53 -58.90 -14.01
CA ASN B 303 2.41 -59.86 -15.10
C ASN B 303 1.05 -60.55 -15.14
N GLU B 304 0.26 -60.46 -14.07
CA GLU B 304 -1.00 -61.17 -13.95
C GLU B 304 -2.21 -60.27 -14.15
N ILE B 305 -2.00 -58.98 -14.41
CA ILE B 305 -3.08 -58.05 -14.70
C ILE B 305 -3.71 -58.40 -16.06
N LYS B 306 -5.04 -58.53 -16.09
CA LYS B 306 -5.73 -58.86 -17.34
C LYS B 306 -6.27 -57.66 -18.10
N ALA B 307 -6.36 -56.49 -17.49
CA ALA B 307 -6.91 -55.34 -18.20
C ALA B 307 -6.03 -54.89 -19.36
N LYS B 308 -6.66 -54.36 -20.41
CA LYS B 308 -5.95 -53.70 -21.50
C LYS B 308 -5.66 -52.24 -21.19
N PHE B 309 -6.44 -51.63 -20.30
CA PHE B 309 -6.23 -50.24 -19.92
C PHE B 309 -6.22 -50.16 -18.40
N ILE B 310 -5.31 -49.35 -17.87
CA ILE B 310 -5.28 -49.03 -16.44
C ILE B 310 -5.43 -47.51 -16.32
N ILE B 311 -6.45 -47.09 -15.59
CA ILE B 311 -6.74 -45.68 -15.35
C ILE B 311 -6.29 -45.35 -13.93
N GLU B 312 -5.23 -44.55 -13.79
CA GLU B 312 -4.66 -44.29 -12.46
C GLU B 312 -5.46 -43.19 -11.77
N ALA B 313 -6.54 -43.59 -11.08
CA ALA B 313 -7.31 -42.64 -10.29
C ALA B 313 -6.56 -42.29 -9.00
N ALA B 314 -6.00 -43.30 -8.33
CA ALA B 314 -5.16 -43.08 -7.17
C ALA B 314 -3.84 -42.41 -7.57
N ASN B 315 -3.16 -41.83 -6.59
CA ASN B 315 -1.81 -41.30 -6.81
C ASN B 315 -0.80 -42.43 -6.76
N HIS B 316 0.09 -42.49 -7.77
CA HIS B 316 1.11 -43.51 -7.98
C HIS B 316 0.71 -44.95 -7.60
N PRO B 317 -0.33 -45.50 -8.25
CA PRO B 317 -0.65 -46.92 -8.01
C PRO B 317 0.32 -47.89 -8.67
N THR B 318 1.00 -47.49 -9.74
CA THR B 318 1.92 -48.34 -10.51
C THR B 318 3.36 -47.86 -10.34
N ASP B 319 4.24 -48.77 -9.94
CA ASP B 319 5.66 -48.40 -9.79
C ASP B 319 6.42 -48.62 -11.10
N PRO B 320 7.63 -48.07 -11.20
CA PRO B 320 8.39 -48.20 -12.48
C PRO B 320 8.59 -49.64 -12.94
N ASP B 321 8.74 -50.61 -12.03
CA ASP B 321 8.86 -51.99 -12.45
C ASP B 321 7.62 -52.43 -13.20
N ALA B 322 6.45 -52.14 -12.64
CA ALA B 322 5.21 -52.57 -13.27
C ALA B 322 4.98 -51.85 -14.59
N ASP B 323 5.38 -50.56 -14.69
CA ASP B 323 5.29 -49.82 -15.95
C ASP B 323 5.99 -50.58 -17.07
N GLU B 324 7.20 -51.04 -16.81
CA GLU B 324 7.95 -51.78 -17.82
C GLU B 324 7.23 -53.07 -18.17
N ILE B 325 6.80 -53.83 -17.15
CA ILE B 325 6.15 -55.11 -17.39
C ILE B 325 4.88 -54.92 -18.20
N LEU B 326 4.07 -53.93 -17.82
CA LEU B 326 2.76 -53.75 -18.44
C LEU B 326 2.90 -53.22 -19.86
N SER B 327 3.90 -52.38 -20.12
CA SER B 327 4.15 -51.90 -21.46
C SER B 327 4.38 -53.07 -22.43
N LYS B 328 5.23 -54.02 -22.04
CA LYS B 328 5.53 -55.12 -22.94
C LYS B 328 4.35 -56.08 -23.10
N LYS B 329 3.41 -56.09 -22.16
CA LYS B 329 2.16 -56.83 -22.33
C LYS B 329 1.15 -56.08 -23.17
N GLY B 330 1.45 -54.86 -23.62
CA GLY B 330 0.52 -54.08 -24.42
C GLY B 330 -0.53 -53.32 -23.63
N VAL B 331 -0.35 -53.20 -22.31
CA VAL B 331 -1.32 -52.49 -21.48
C VAL B 331 -1.04 -51.00 -21.58
N VAL B 332 -2.10 -50.21 -21.76
CA VAL B 332 -2.02 -48.75 -21.81
C VAL B 332 -2.40 -48.19 -20.44
N ILE B 333 -1.53 -47.36 -19.89
CA ILE B 333 -1.69 -46.83 -18.55
C ILE B 333 -1.93 -45.33 -18.67
N LEU B 334 -3.12 -44.87 -18.26
CA LEU B 334 -3.46 -43.46 -18.21
C LEU B 334 -2.90 -42.90 -16.91
N PRO B 335 -1.90 -42.03 -16.96
CA PRO B 335 -1.14 -41.70 -15.74
C PRO B 335 -1.94 -40.81 -14.80
N ASP B 336 -1.66 -40.98 -13.51
CA ASP B 336 -2.37 -40.26 -12.44
C ASP B 336 -2.33 -38.75 -12.64
N ILE B 337 -1.20 -38.22 -13.09
CA ILE B 337 -1.03 -36.76 -13.18
C ILE B 337 -2.06 -36.15 -14.11
N TYR B 338 -2.52 -36.93 -15.10
CA TYR B 338 -3.64 -36.53 -15.94
C TYR B 338 -4.99 -37.11 -15.47
N ALA B 339 -5.01 -38.41 -15.17
CA ALA B 339 -6.29 -39.11 -14.96
C ALA B 339 -7.09 -38.54 -13.80
N ASN B 340 -6.43 -38.14 -12.71
CA ASN B 340 -7.18 -37.63 -11.56
C ASN B 340 -7.18 -36.12 -11.48
N SER B 341 -6.84 -35.43 -12.58
CA SER B 341 -6.71 -33.98 -12.56
C SER B 341 -8.07 -33.26 -12.62
N GLY B 342 -9.19 -33.97 -12.66
CA GLY B 342 -10.48 -33.28 -12.57
C GLY B 342 -10.60 -32.46 -11.30
N GLY B 343 -10.03 -32.95 -10.18
CA GLY B 343 -10.10 -32.20 -8.94
C GLY B 343 -9.43 -30.83 -9.03
N VAL B 344 -8.18 -30.80 -9.49
CA VAL B 344 -7.46 -29.53 -9.51
C VAL B 344 -8.06 -28.59 -10.55
N THR B 345 -8.61 -29.16 -11.63
CA THR B 345 -9.23 -28.31 -12.66
C THR B 345 -10.48 -27.63 -12.13
N VAL B 346 -11.32 -28.35 -11.40
CA VAL B 346 -12.52 -27.72 -10.87
C VAL B 346 -12.17 -26.75 -9.75
N SER B 347 -11.06 -26.98 -9.02
CA SER B 347 -10.64 -25.96 -8.06
C SER B 347 -10.18 -24.68 -8.77
N TYR B 348 -9.56 -24.79 -9.94
CA TYR B 348 -9.33 -23.60 -10.77
C TYR B 348 -10.65 -22.93 -11.13
N PHE B 349 -11.65 -23.72 -11.51
CA PHE B 349 -12.95 -23.13 -11.86
C PHE B 349 -13.56 -22.39 -10.68
N GLU B 350 -13.35 -22.90 -9.46
CA GLU B 350 -13.85 -22.22 -8.26
C GLU B 350 -13.22 -20.84 -8.11
N TRP B 351 -11.90 -20.78 -8.23
CA TRP B 351 -11.17 -19.52 -8.21
C TRP B 351 -11.69 -18.58 -9.28
N VAL B 352 -11.89 -19.10 -10.50
CA VAL B 352 -12.39 -18.27 -11.60
C VAL B 352 -13.74 -17.66 -11.23
N GLN B 353 -14.68 -18.49 -10.75
CA GLN B 353 -16.00 -18.00 -10.40
C GLN B 353 -15.91 -16.93 -9.32
N ASN B 354 -15.02 -17.13 -8.34
CA ASN B 354 -14.87 -16.12 -7.30
C ASN B 354 -14.30 -14.83 -7.89
N ILE B 355 -13.27 -14.93 -8.73
CA ILE B 355 -12.70 -13.76 -9.40
C ILE B 355 -13.76 -13.04 -10.23
N GLN B 356 -14.62 -13.81 -10.89
CA GLN B 356 -15.65 -13.24 -11.73
C GLN B 356 -16.84 -12.74 -10.91
N GLY B 357 -16.83 -12.93 -9.60
CA GLY B 357 -17.90 -12.46 -8.75
C GLY B 357 -19.25 -13.07 -9.02
N PHE B 358 -19.30 -14.24 -9.67
CA PHE B 358 -20.57 -14.78 -10.17
C PHE B 358 -20.43 -16.29 -10.35
N MET B 359 -21.22 -17.07 -9.61
CA MET B 359 -21.03 -18.52 -9.65
C MET B 359 -21.67 -19.13 -10.90
N TRP B 360 -21.12 -20.26 -11.33
CA TRP B 360 -21.62 -21.02 -12.49
C TRP B 360 -22.63 -22.08 -12.05
N GLU B 361 -23.53 -22.43 -12.96
CA GLU B 361 -24.37 -23.61 -12.78
C GLU B 361 -23.53 -24.87 -12.94
N GLU B 362 -23.97 -25.97 -12.33
CA GLU B 362 -23.16 -27.18 -12.35
C GLU B 362 -22.96 -27.67 -13.78
N GLU B 363 -23.97 -27.49 -14.63
CA GLU B 363 -23.85 -27.90 -16.02
C GLU B 363 -22.68 -27.20 -16.70
N LYS B 364 -22.46 -25.92 -16.39
CA LYS B 364 -21.31 -25.23 -16.96
C LYS B 364 -20.00 -25.74 -16.38
N VAL B 365 -19.96 -26.01 -15.06
CA VAL B 365 -18.75 -26.55 -14.45
C VAL B 365 -18.35 -27.84 -15.16
N ASN B 366 -19.32 -28.72 -15.40
CA ASN B 366 -19.01 -30.02 -15.97
C ASN B 366 -18.66 -29.92 -17.45
N ASP B 367 -19.31 -28.99 -18.19
CA ASP B 367 -18.95 -28.80 -19.58
C ASP B 367 -17.55 -28.23 -19.75
N GLU B 368 -17.18 -27.24 -18.94
CA GLU B 368 -15.82 -26.74 -18.99
C GLU B 368 -14.81 -27.81 -18.60
N LEU B 369 -15.13 -28.63 -17.58
CA LEU B 369 -14.25 -29.70 -17.18
C LEU B 369 -14.02 -30.67 -18.33
N LYS B 370 -15.09 -31.03 -19.05
CA LYS B 370 -14.94 -31.91 -20.21
C LYS B 370 -14.04 -31.27 -21.27
N THR B 371 -14.23 -29.98 -21.54
CA THR B 371 -13.39 -29.30 -22.52
C THR B 371 -11.93 -29.30 -22.10
N TYR B 372 -11.66 -28.97 -20.82
CA TYR B 372 -10.29 -28.89 -20.35
C TYR B 372 -9.61 -30.25 -20.42
N MET B 373 -10.28 -31.31 -19.99
CA MET B 373 -9.63 -32.61 -19.98
C MET B 373 -9.53 -33.19 -21.37
N THR B 374 -10.42 -32.83 -22.29
CA THR B 374 -10.28 -33.28 -23.67
C THR B 374 -9.08 -32.61 -24.33
N ARG B 375 -8.94 -31.30 -24.15
CA ARG B 375 -7.82 -30.57 -24.75
C ARG B 375 -6.47 -31.01 -24.15
N SER B 376 -6.42 -31.20 -22.84
CA SER B 376 -5.18 -31.66 -22.21
C SER B 376 -4.81 -33.06 -22.68
N PHE B 377 -5.78 -33.96 -22.84
CA PHE B 377 -5.45 -35.28 -23.39
C PHE B 377 -4.94 -35.16 -24.83
N LYS B 378 -5.52 -34.24 -25.60
CA LYS B 378 -5.06 -34.05 -26.97
C LYS B 378 -3.60 -33.61 -27.01
N ASP B 379 -3.22 -32.65 -26.14
CA ASP B 379 -1.83 -32.15 -26.13
C ASP B 379 -0.87 -33.23 -25.61
N LEU B 380 -1.31 -34.00 -24.62
CA LEU B 380 -0.51 -35.11 -24.11
C LEU B 380 -0.25 -36.16 -25.20
N LYS B 381 -1.28 -36.48 -25.97
CA LYS B 381 -1.12 -37.44 -27.06
C LYS B 381 -0.16 -36.92 -28.11
N GLU B 382 -0.25 -35.63 -28.42
CA GLU B 382 0.65 -35.06 -29.41
C GLU B 382 2.08 -35.07 -28.90
N MET B 383 2.28 -34.83 -27.60
CA MET B 383 3.62 -34.95 -27.04
C MET B 383 4.16 -36.37 -27.20
N CYS B 384 3.31 -37.38 -26.99
CA CYS B 384 3.76 -38.76 -27.16
C CYS B 384 4.21 -39.05 -28.59
N LYS B 385 3.50 -38.52 -29.59
CA LYS B 385 3.95 -38.73 -30.96
C LYS B 385 5.27 -38.02 -31.21
N THR B 386 5.41 -36.80 -30.72
CA THR B 386 6.62 -36.03 -30.95
C THR B 386 7.85 -36.75 -30.40
N HIS B 387 7.72 -37.36 -29.22
CA HIS B 387 8.87 -37.93 -28.53
C HIS B 387 8.82 -39.44 -28.46
N SER B 388 7.88 -40.07 -29.18
CA SER B 388 7.77 -41.52 -29.24
C SER B 388 7.89 -42.16 -27.85
N CYS B 389 7.05 -41.71 -26.92
CA CYS B 389 7.10 -42.16 -25.54
C CYS B 389 5.71 -42.56 -25.07
N ASP B 390 5.63 -43.20 -23.90
CA ASP B 390 4.35 -43.62 -23.35
C ASP B 390 3.61 -42.40 -22.79
N LEU B 391 2.39 -42.64 -22.29
CA LEU B 391 1.54 -41.56 -21.80
C LEU B 391 2.14 -40.87 -20.57
N ARG B 392 2.71 -41.64 -19.65
CA ARG B 392 3.27 -41.02 -18.45
C ARG B 392 4.40 -40.05 -18.82
N MET B 393 5.30 -40.47 -19.70
CA MET B 393 6.40 -39.59 -20.08
C MET B 393 5.91 -38.46 -20.96
N GLY B 394 4.89 -38.69 -21.78
CA GLY B 394 4.30 -37.60 -22.52
C GLY B 394 3.75 -36.51 -21.60
N ALA B 395 3.14 -36.92 -20.48
CA ALA B 395 2.54 -35.95 -19.57
C ALA B 395 3.59 -35.13 -18.85
N PHE B 396 4.62 -35.79 -18.31
CA PHE B 396 5.69 -35.06 -17.65
C PHE B 396 6.43 -34.17 -18.65
N THR B 397 6.69 -34.69 -19.86
CA THR B 397 7.35 -33.89 -20.87
C THR B 397 6.52 -32.67 -21.25
N LEU B 398 5.20 -32.85 -21.33
CA LEU B 398 4.32 -31.73 -21.62
C LEU B 398 4.37 -30.68 -20.52
N GLY B 399 4.31 -31.13 -19.25
CA GLY B 399 4.26 -30.18 -18.14
C GLY B 399 5.57 -29.46 -17.96
N VAL B 400 6.69 -30.20 -17.97
CA VAL B 400 7.99 -29.55 -17.85
C VAL B 400 8.22 -28.56 -18.98
N ASN B 401 7.85 -28.93 -20.20
CA ASN B 401 8.06 -28.03 -21.33
C ASN B 401 7.27 -26.73 -21.18
N ARG B 402 6.01 -26.82 -20.71
CA ARG B 402 5.22 -25.61 -20.54
C ARG B 402 5.84 -24.69 -19.51
N VAL B 403 6.29 -25.25 -18.38
CA VAL B 403 6.91 -24.44 -17.34
C VAL B 403 8.22 -23.86 -17.85
N ALA B 404 9.01 -24.66 -18.56
CA ALA B 404 10.29 -24.17 -19.08
C ALA B 404 10.09 -23.01 -20.04
N GLN B 405 9.12 -23.13 -20.96
CA GLN B 405 8.91 -22.07 -21.95
C GLN B 405 8.40 -20.79 -21.29
N ALA B 406 7.50 -20.90 -20.31
CA ALA B 406 7.05 -19.70 -19.60
C ALA B 406 8.20 -19.05 -18.83
N THR B 407 9.06 -19.88 -18.21
CA THR B 407 10.22 -19.38 -17.48
C THR B 407 11.18 -18.62 -18.40
N ILE B 408 11.45 -19.19 -19.59
CA ILE B 408 12.36 -18.58 -20.54
C ILE B 408 11.83 -17.23 -21.03
N LEU B 409 10.52 -17.17 -21.34
CA LEU B 409 9.91 -15.93 -21.80
C LEU B 409 10.00 -14.82 -20.76
N ARG B 410 9.77 -15.16 -19.49
CA ARG B 410 9.80 -14.11 -18.47
C ARG B 410 11.23 -13.63 -18.21
N GLY B 411 12.24 -14.48 -18.41
CA GLY B 411 13.62 -14.02 -18.38
C GLY B 411 14.19 -13.91 -16.97
N TRP B 412 15.46 -13.46 -16.92
CA TRP B 412 16.24 -13.40 -15.69
C TRP B 412 16.92 -12.06 -15.45
N GLY B 413 16.60 -11.04 -16.24
CA GLY B 413 17.09 -9.71 -15.99
C GLY B 413 18.29 -9.29 -16.81
N ALA B 414 18.93 -10.22 -17.52
CA ALA B 414 20.14 -9.95 -18.31
C ALA B 414 21.18 -9.15 -17.51
N LEU C 7 -22.02 17.55 26.69
CA LEU C 7 -22.08 18.37 27.90
C LEU C 7 -22.25 19.84 27.52
N ALA C 8 -23.39 20.41 27.93
CA ALA C 8 -23.71 21.80 27.64
C ALA C 8 -22.79 22.78 28.34
N ALA C 9 -22.01 22.34 29.34
CA ALA C 9 -21.05 23.22 29.99
C ALA C 9 -19.78 23.35 29.15
N THR C 10 -19.38 22.27 28.46
CA THR C 10 -18.22 22.36 27.57
C THR C 10 -18.54 23.20 26.35
N ASN C 11 -19.79 23.15 25.86
CA ASN C 11 -20.13 24.00 24.74
C ASN C 11 -20.29 25.44 25.15
N ARG C 12 -20.56 25.70 26.44
CA ARG C 12 -20.69 27.06 26.92
C ARG C 12 -19.36 27.78 26.90
N ASN C 13 -18.31 27.12 27.38
CA ASN C 13 -16.98 27.72 27.31
C ASN C 13 -16.53 27.92 25.87
N PHE C 14 -16.81 26.94 25.00
CA PHE C 14 -16.44 27.08 23.59
C PHE C 14 -17.15 28.26 22.96
N LYS C 15 -18.47 28.38 23.18
CA LYS C 15 -19.24 29.44 22.53
C LYS C 15 -18.82 30.81 23.03
N LEU C 16 -18.50 30.92 24.33
CA LEU C 16 -17.95 32.17 24.87
C LEU C 16 -16.62 32.51 24.20
N ALA C 17 -15.74 31.52 24.06
CA ALA C 17 -14.45 31.77 23.43
C ALA C 17 -14.64 32.20 21.99
N ALA C 18 -15.57 31.54 21.28
CA ALA C 18 -15.89 31.93 19.91
C ALA C 18 -16.46 33.34 19.86
N ARG C 19 -17.11 33.78 20.95
CA ARG C 19 -17.59 35.16 21.01
C ARG C 19 -16.41 36.11 21.10
N LEU C 20 -15.50 35.85 22.05
CA LEU C 20 -14.37 36.74 22.28
C LEU C 20 -13.49 36.86 21.05
N LEU C 21 -13.22 35.74 20.39
CA LEU C 21 -12.55 35.82 19.11
C LEU C 21 -13.59 36.28 18.11
N GLY C 22 -13.15 36.64 16.91
CA GLY C 22 -14.20 37.08 16.03
C GLY C 22 -14.75 35.96 15.16
N LEU C 23 -14.81 34.71 15.66
CA LEU C 23 -15.02 33.57 14.76
C LEU C 23 -16.30 33.67 13.96
N ASP C 24 -16.17 33.43 12.65
CA ASP C 24 -17.32 33.31 11.77
C ASP C 24 -18.23 32.20 12.29
N SER C 25 -19.54 32.46 12.25
CA SER C 25 -20.50 31.52 12.85
C SER C 25 -20.49 30.17 12.13
N LYS C 26 -20.25 30.14 10.81
CA LYS C 26 -20.21 28.86 10.09
C LYS C 26 -18.93 28.09 10.39
N LEU C 27 -17.82 28.79 10.60
CA LEU C 27 -16.62 28.12 11.07
C LEU C 27 -16.83 27.58 12.47
N GLU C 28 -17.52 28.34 13.33
CA GLU C 28 -17.86 27.83 14.66
C GLU C 28 -18.65 26.53 14.56
N LYS C 29 -19.67 26.50 13.70
CA LYS C 29 -20.45 25.27 13.53
C LYS C 29 -19.57 24.14 13.05
N SER C 30 -18.67 24.42 12.12
CA SER C 30 -17.75 23.39 11.68
C SER C 30 -16.92 22.85 12.83
N LEU C 31 -16.38 23.75 13.67
CA LEU C 31 -15.54 23.29 14.77
C LEU C 31 -16.29 22.40 15.77
N LEU C 32 -17.61 22.56 15.88
CA LEU C 32 -18.37 21.71 16.80
C LEU C 32 -18.56 20.30 16.28
N ILE C 33 -18.71 20.14 14.98
CA ILE C 33 -19.03 18.84 14.39
C ILE C 33 -17.78 17.96 14.38
N PRO C 34 -17.83 16.75 14.94
CA PRO C 34 -16.64 15.91 14.88
C PRO C 34 -16.31 15.48 13.46
N PHE C 35 -15.00 15.46 13.17
CA PHE C 35 -14.47 14.89 11.93
C PHE C 35 -15.09 13.53 11.62
N ARG C 36 -15.03 12.61 12.59
CA ARG C 36 -15.60 11.28 12.44
C ARG C 36 -16.14 10.75 13.77
N GLU C 37 -17.26 10.05 13.70
CA GLU C 37 -17.76 9.21 14.79
C GLU C 37 -17.97 7.80 14.25
N ILE C 38 -17.40 6.80 14.93
CA ILE C 38 -17.43 5.42 14.48
C ILE C 38 -17.90 4.54 15.63
N LYS C 39 -18.85 3.64 15.36
CA LYS C 39 -19.22 2.57 16.30
C LYS C 39 -19.01 1.24 15.59
N VAL C 40 -18.38 0.30 16.27
CA VAL C 40 -18.10 -1.01 15.68
C VAL C 40 -18.61 -2.10 16.62
N GLU C 41 -19.08 -3.21 16.02
CA GLU C 41 -19.39 -4.39 16.80
C GLU C 41 -18.11 -5.13 17.23
N CYS C 42 -18.02 -5.49 18.51
CA CYS C 42 -16.91 -6.31 19.03
C CYS C 42 -17.51 -7.54 19.68
N THR C 43 -17.50 -8.66 18.99
CA THR C 43 -18.05 -9.90 19.52
C THR C 43 -16.91 -10.87 19.80
N ILE C 44 -16.90 -11.44 20.99
CA ILE C 44 -15.85 -12.37 21.37
C ILE C 44 -16.50 -13.62 21.92
N PRO C 45 -15.85 -14.78 21.80
CA PRO C 45 -16.25 -15.92 22.61
C PRO C 45 -15.80 -15.69 24.04
N LYS C 46 -16.69 -15.94 24.99
CA LYS C 46 -16.31 -15.88 26.38
C LYS C 46 -15.54 -17.14 26.76
N ASP C 47 -14.96 -17.12 27.96
CA ASP C 47 -14.20 -18.28 28.43
C ASP C 47 -15.07 -19.54 28.48
N ASP C 48 -16.36 -19.39 28.75
CA ASP C 48 -17.30 -20.52 28.79
C ASP C 48 -17.85 -20.92 27.41
N GLY C 49 -17.30 -20.39 26.32
CA GLY C 49 -17.73 -20.74 24.99
C GLY C 49 -18.82 -19.88 24.37
N THR C 50 -19.68 -19.26 25.18
CA THR C 50 -20.78 -18.47 24.64
C THR C 50 -20.30 -17.13 24.07
N LEU C 51 -21.12 -16.55 23.20
CA LEU C 51 -20.79 -15.28 22.57
C LEU C 51 -21.13 -14.11 23.49
N ALA C 52 -20.31 -13.07 23.42
CA ALA C 52 -20.61 -11.78 24.04
C ALA C 52 -20.36 -10.67 23.03
N SER C 53 -21.32 -9.76 22.90
CA SER C 53 -21.24 -8.67 21.94
C SER C 53 -21.18 -7.34 22.67
N PHE C 54 -20.21 -6.52 22.30
CA PHE C 54 -20.01 -5.20 22.86
C PHE C 54 -19.97 -4.21 21.70
N VAL C 55 -20.24 -2.95 21.99
CA VAL C 55 -20.08 -1.89 21.00
C VAL C 55 -18.83 -1.08 21.37
N GLY C 56 -17.87 -1.06 20.46
CA GLY C 56 -16.71 -0.20 20.58
C GLY C 56 -16.93 1.08 19.80
N PHE C 57 -16.20 2.13 20.17
CA PHE C 57 -16.45 3.41 19.51
C PHE C 57 -15.23 4.30 19.57
N ARG C 58 -15.22 5.26 18.65
CA ARG C 58 -14.19 6.29 18.63
C ARG C 58 -14.81 7.55 18.06
N VAL C 59 -14.80 8.63 18.84
CA VAL C 59 -15.15 9.94 18.33
C VAL C 59 -13.84 10.64 17.98
N GLN C 60 -13.67 11.00 16.72
CA GLN C 60 -12.48 11.71 16.26
C GLN C 60 -12.91 13.14 15.98
N HIS C 61 -12.64 14.04 16.92
CA HIS C 61 -13.29 15.34 16.86
C HIS C 61 -12.64 16.25 15.83
N ASP C 62 -11.32 16.39 15.87
CA ASP C 62 -10.65 17.37 15.01
C ASP C 62 -9.22 16.94 14.77
N ASN C 63 -8.72 17.13 13.55
CA ASN C 63 -7.34 16.81 13.26
C ASN C 63 -6.66 17.92 12.46
N ALA C 64 -7.16 19.16 12.56
CA ALA C 64 -6.55 20.24 11.78
C ALA C 64 -5.09 20.43 12.16
N ARG C 65 -4.76 20.28 13.44
CA ARG C 65 -3.42 20.54 13.92
C ARG C 65 -2.54 19.29 13.99
N GLY C 66 -3.05 18.12 13.61
CA GLY C 66 -2.24 16.92 13.62
C GLY C 66 -3.03 15.68 13.96
N PRO C 67 -2.34 14.57 14.19
CA PRO C 67 -3.05 13.33 14.55
C PRO C 67 -3.94 13.54 15.76
N MET C 68 -5.04 12.80 15.81
CA MET C 68 -5.89 12.88 16.99
C MET C 68 -5.31 12.08 18.14
N LYS C 69 -5.73 12.44 19.35
CA LYS C 69 -5.16 11.90 20.57
C LYS C 69 -6.28 11.76 21.60
N GLY C 70 -6.38 10.60 22.25
CA GLY C 70 -7.37 10.51 23.32
C GLY C 70 -7.52 9.12 23.90
N GLY C 71 -8.08 9.04 25.10
CA GLY C 71 -8.10 7.79 25.83
C GLY C 71 -9.15 6.79 25.34
N ILE C 72 -8.98 5.55 25.79
CA ILE C 72 -9.90 4.44 25.54
C ILE C 72 -10.48 4.03 26.88
N ARG C 73 -11.79 4.13 27.01
CA ARG C 73 -12.49 3.86 28.27
C ARG C 73 -13.20 2.51 28.17
N TYR C 74 -12.90 1.60 29.11
CA TYR C 74 -13.69 0.37 29.27
C TYR C 74 -14.60 0.61 30.44
N HIS C 75 -15.87 0.90 30.17
CA HIS C 75 -16.78 1.27 31.24
C HIS C 75 -18.21 1.05 30.75
N PRO C 76 -19.11 0.50 31.56
CA PRO C 76 -20.44 0.16 31.03
C PRO C 76 -21.33 1.38 30.78
N GLU C 77 -21.08 2.50 31.47
CA GLU C 77 -21.94 3.68 31.39
C GLU C 77 -21.39 4.62 30.34
N VAL C 78 -21.72 4.34 29.09
CA VAL C 78 -21.37 5.18 27.96
C VAL C 78 -22.48 6.20 27.69
N ASP C 79 -22.12 7.48 27.63
CA ASP C 79 -23.06 8.55 27.29
C ASP C 79 -22.51 9.29 26.08
N PRO C 80 -23.25 9.36 24.97
CA PRO C 80 -22.68 9.93 23.74
C PRO C 80 -22.31 11.40 23.89
N ASP C 81 -23.09 12.14 24.66
CA ASP C 81 -22.82 13.55 24.90
C ASP C 81 -21.49 13.75 25.62
N GLU C 82 -21.24 12.94 26.64
CA GLU C 82 -19.99 13.08 27.39
C GLU C 82 -18.79 12.72 26.52
N VAL C 83 -18.89 11.64 25.76
CA VAL C 83 -17.78 11.23 24.91
C VAL C 83 -17.47 12.33 23.90
N ASN C 84 -18.49 12.96 23.33
CA ASN C 84 -18.24 14.02 22.37
C ASN C 84 -17.61 15.24 23.04
N ALA C 85 -18.08 15.57 24.24
CA ALA C 85 -17.55 16.71 24.98
C ALA C 85 -16.08 16.50 25.35
N LEU C 86 -15.72 15.30 25.78
CA LEU C 86 -14.33 15.02 26.12
C LEU C 86 -13.44 15.03 24.88
N ALA C 87 -13.93 14.49 23.75
CA ALA C 87 -13.13 14.57 22.53
C ALA C 87 -12.93 16.02 22.11
N GLN C 88 -13.98 16.83 22.22
CA GLN C 88 -13.84 18.24 21.87
C GLN C 88 -12.90 18.95 22.81
N LEU C 89 -13.03 18.69 24.11
CA LEU C 89 -12.14 19.28 25.10
C LEU C 89 -10.68 18.92 24.82
N MET C 90 -10.42 17.68 24.40
CA MET C 90 -9.04 17.31 24.06
C MET C 90 -8.50 18.13 22.89
N THR C 91 -9.36 18.49 21.93
CA THR C 91 -8.90 19.34 20.83
C THR C 91 -8.42 20.69 21.34
N TRP C 92 -9.13 21.28 22.30
CA TRP C 92 -8.68 22.58 22.81
C TRP C 92 -7.46 22.40 23.69
N LYS C 93 -7.42 21.32 24.48
CA LYS C 93 -6.32 21.10 25.41
C LYS C 93 -5.00 20.87 24.66
N THR C 94 -5.02 20.03 23.63
CA THR C 94 -3.81 19.85 22.84
C THR C 94 -3.36 21.17 22.22
N ALA C 95 -4.32 22.04 21.83
CA ALA C 95 -3.95 23.34 21.29
C ALA C 95 -3.37 24.25 22.37
N VAL C 96 -3.94 24.22 23.58
CA VAL C 96 -3.40 25.03 24.68
C VAL C 96 -1.97 24.60 25.00
N ALA C 97 -1.73 23.29 25.06
CA ALA C 97 -0.39 22.77 25.33
C ALA C 97 0.56 23.02 24.18
N LYS C 98 0.05 23.39 23.01
CA LYS C 98 0.84 23.58 21.79
C LYS C 98 1.54 22.29 21.39
N ILE C 99 0.82 21.18 21.43
CA ILE C 99 1.36 19.93 20.90
C ILE C 99 0.59 19.65 19.61
N PRO C 100 1.24 19.03 18.60
CA PRO C 100 0.62 18.93 17.27
C PRO C 100 -0.34 17.75 17.18
N TYR C 101 -1.44 17.87 17.91
CA TYR C 101 -2.47 16.84 17.94
C TYR C 101 -3.82 17.52 17.90
N GLY C 102 -4.83 16.80 17.42
CA GLY C 102 -6.22 17.10 17.71
C GLY C 102 -6.79 16.14 18.75
N GLY C 103 -8.10 16.22 18.92
CA GLY C 103 -8.79 15.52 20.01
C GLY C 103 -9.61 14.33 19.52
N ALA C 104 -9.61 13.28 20.34
CA ALA C 104 -10.42 12.09 20.11
C ALA C 104 -10.76 11.47 21.46
N LYS C 105 -11.76 10.58 21.46
CA LYS C 105 -12.13 9.83 22.64
C LYS C 105 -12.85 8.57 22.20
N GLY C 106 -12.53 7.45 22.85
CA GLY C 106 -13.12 6.18 22.47
C GLY C 106 -13.32 5.23 23.63
N GLY C 107 -13.73 4.01 23.34
CA GLY C 107 -13.88 3.04 24.41
C GLY C 107 -14.74 1.87 23.98
N ILE C 108 -15.05 1.04 24.97
CA ILE C 108 -15.98 -0.07 24.80
C ILE C 108 -16.93 -0.05 25.96
N GLY C 109 -18.23 -0.18 25.67
CA GLY C 109 -19.21 -0.34 26.71
C GLY C 109 -19.16 -1.75 27.23
N CYS C 110 -18.43 -1.94 28.32
CA CYS C 110 -18.27 -3.24 28.98
C CYS C 110 -17.94 -2.96 30.43
N ASP C 111 -18.04 -4.00 31.25
CA ASP C 111 -17.64 -3.91 32.66
C ASP C 111 -16.39 -4.77 32.86
N PRO C 112 -15.19 -4.17 32.91
CA PRO C 112 -13.98 -4.99 33.03
C PRO C 112 -13.94 -5.83 34.28
N SER C 113 -14.62 -5.40 35.35
CA SER C 113 -14.67 -6.19 36.57
C SER C 113 -15.44 -7.48 36.40
N LYS C 114 -16.19 -7.65 35.31
CA LYS C 114 -16.94 -8.87 35.07
C LYS C 114 -16.33 -9.71 33.96
N LEU C 115 -15.13 -9.38 33.51
CA LEU C 115 -14.45 -10.10 32.46
C LEU C 115 -13.14 -10.66 33.00
N SER C 116 -12.80 -11.88 32.59
CA SER C 116 -11.50 -12.44 32.95
C SER C 116 -10.39 -11.71 32.20
N ILE C 117 -9.15 -11.90 32.68
CA ILE C 117 -8.02 -11.26 32.02
C ILE C 117 -7.87 -11.80 30.60
N SER C 118 -8.22 -13.07 30.39
CA SER C 118 -8.20 -13.64 29.06
C SER C 118 -9.28 -13.02 28.15
N GLU C 119 -10.49 -12.83 28.69
CA GLU C 119 -11.55 -12.18 27.89
C GLU C 119 -11.20 -10.72 27.59
N LEU C 120 -10.57 -10.02 28.54
CA LEU C 120 -10.18 -8.63 28.29
C LEU C 120 -9.14 -8.51 27.20
N GLU C 121 -8.19 -9.46 27.13
CA GLU C 121 -7.22 -9.46 26.04
C GLU C 121 -7.90 -9.73 24.71
N ARG C 122 -8.78 -10.74 24.68
CA ARG C 122 -9.54 -11.06 23.47
C ARG C 122 -10.35 -9.86 22.99
N LEU C 123 -11.06 -9.19 23.91
CA LEU C 123 -11.86 -8.02 23.56
C LEU C 123 -10.98 -6.89 23.01
N THR C 124 -9.83 -6.65 23.65
CA THR C 124 -8.93 -5.58 23.19
C THR C 124 -8.40 -5.86 21.79
N ARG C 125 -8.04 -7.12 21.50
CA ARG C 125 -7.52 -7.42 20.19
C ARG C 125 -8.60 -7.29 19.13
N VAL C 126 -9.83 -7.73 19.44
CA VAL C 126 -10.92 -7.63 18.48
C VAL C 126 -11.23 -6.17 18.20
N PHE C 127 -11.33 -5.36 19.26
CA PHE C 127 -11.52 -3.93 19.09
C PHE C 127 -10.44 -3.36 18.19
N THR C 128 -9.19 -3.74 18.43
CA THR C 128 -8.12 -3.22 17.58
C THR C 128 -8.31 -3.65 16.12
N GLN C 129 -8.65 -4.93 15.89
CA GLN C 129 -8.89 -5.37 14.52
C GLN C 129 -10.00 -4.56 13.88
N LYS C 130 -10.99 -4.15 14.67
CA LYS C 130 -12.13 -3.43 14.11
C LYS C 130 -11.85 -1.96 13.86
N ILE C 131 -10.80 -1.39 14.45
CA ILE C 131 -10.52 0.03 14.23
C ILE C 131 -9.14 0.27 13.65
N HIS C 132 -8.38 -0.78 13.33
CA HIS C 132 -6.98 -0.55 12.99
C HIS C 132 -6.87 0.35 11.76
N ASP C 133 -7.80 0.24 10.80
CA ASP C 133 -7.75 1.09 9.62
C ASP C 133 -8.20 2.53 9.90
N LEU C 134 -8.68 2.83 11.10
CA LEU C 134 -9.17 4.17 11.44
C LEU C 134 -8.21 4.94 12.32
N ILE C 135 -7.19 4.28 12.86
CA ILE C 135 -6.22 4.93 13.73
C ILE C 135 -4.84 4.75 13.11
N GLY C 136 -3.80 5.22 13.78
CA GLY C 136 -2.48 5.11 13.22
C GLY C 136 -1.55 6.17 13.74
N ILE C 137 -0.27 5.95 13.48
CA ILE C 137 0.82 6.79 13.99
C ILE C 137 0.60 8.25 13.66
N HIS C 138 0.11 8.55 12.46
CA HIS C 138 -0.12 9.92 12.03
C HIS C 138 -1.60 10.24 11.83
N THR C 139 -2.48 9.45 12.43
CA THR C 139 -3.92 9.55 12.26
C THR C 139 -4.64 9.75 13.59
N ASP C 140 -4.43 8.84 14.55
CA ASP C 140 -5.14 8.83 15.83
C ASP C 140 -4.41 7.87 16.76
N VAL C 141 -3.96 8.41 17.90
CA VAL C 141 -3.08 7.71 18.83
C VAL C 141 -3.81 7.55 20.16
N PRO C 142 -4.31 6.35 20.46
CA PRO C 142 -5.04 6.14 21.72
C PRO C 142 -4.11 6.14 22.93
N ALA C 143 -4.74 6.08 24.09
CA ALA C 143 -4.06 6.16 25.38
C ALA C 143 -4.95 5.49 26.41
N PRO C 144 -4.44 5.17 27.59
CA PRO C 144 -5.30 4.61 28.63
C PRO C 144 -6.32 5.62 29.15
N ASP C 145 -7.34 5.10 29.81
CA ASP C 145 -8.38 5.91 30.44
C ASP C 145 -9.02 5.02 31.49
N MET C 146 -10.19 5.41 31.98
CA MET C 146 -10.91 4.61 32.96
C MET C 146 -11.11 3.18 32.45
N GLY C 147 -10.74 2.20 33.26
CA GLY C 147 -10.87 0.81 32.88
C GLY C 147 -9.76 0.24 32.02
N THR C 148 -8.82 1.05 31.53
CA THR C 148 -7.70 0.54 30.74
C THR C 148 -6.39 1.03 31.34
N GLY C 149 -5.28 0.43 30.90
CA GLY C 149 -3.98 0.76 31.44
C GLY C 149 -2.83 0.36 30.52
N PRO C 150 -1.60 0.35 31.07
CA PRO C 150 -0.44 -0.01 30.24
C PRO C 150 -0.54 -1.38 29.59
N GLN C 151 -1.07 -2.38 30.30
CA GLN C 151 -1.22 -3.69 29.69
C GLN C 151 -2.19 -3.63 28.51
N THR C 152 -3.26 -2.84 28.62
CA THR C 152 -4.19 -2.72 27.49
C THR C 152 -3.48 -2.15 26.28
N MET C 153 -2.68 -1.10 26.48
CA MET C 153 -1.96 -0.50 25.36
C MET C 153 -0.99 -1.48 24.74
N ALA C 154 -0.36 -2.34 25.57
CA ALA C 154 0.54 -3.36 25.03
C ALA C 154 -0.19 -4.27 24.06
N TRP C 155 -1.42 -4.66 24.41
CA TRP C 155 -2.20 -5.54 23.55
C TRP C 155 -2.63 -4.83 22.28
N ILE C 156 -3.03 -3.56 22.38
CA ILE C 156 -3.36 -2.80 21.17
C ILE C 156 -2.15 -2.72 20.25
N LEU C 157 -1.00 -2.35 20.81
CA LEU C 157 0.24 -2.26 20.03
C LEU C 157 0.55 -3.58 19.35
N ASP C 158 0.45 -4.69 20.09
CA ASP C 158 0.82 -5.97 19.51
C ASP C 158 -0.13 -6.35 18.39
N GLU C 159 -1.43 -6.18 18.60
CA GLU C 159 -2.40 -6.53 17.57
C GLU C 159 -2.30 -5.59 16.37
N TYR C 160 -2.19 -4.28 16.63
CA TYR C 160 -2.07 -3.32 15.52
C TYR C 160 -0.85 -3.65 14.67
N SER C 161 0.23 -4.09 15.31
CA SER C 161 1.47 -4.34 14.58
C SER C 161 1.37 -5.53 13.64
N LYS C 162 0.41 -6.42 13.85
CA LYS C 162 0.19 -7.48 12.87
C LYS C 162 -0.32 -6.90 11.56
N PHE C 163 -1.05 -5.79 11.60
CA PHE C 163 -1.60 -5.25 10.36
C PHE C 163 -0.69 -4.23 9.69
N HIS C 164 0.19 -3.57 10.44
CA HIS C 164 0.95 -2.45 9.89
C HIS C 164 2.44 -2.56 10.21
N GLY C 165 2.90 -3.70 10.69
CA GLY C 165 4.28 -3.79 11.15
C GLY C 165 4.44 -3.08 12.48
N TYR C 166 5.57 -3.31 13.13
CA TYR C 166 5.84 -2.81 14.47
C TYR C 166 5.66 -1.30 14.53
N SER C 167 4.74 -0.85 15.39
CA SER C 167 4.34 0.57 15.41
C SER C 167 4.21 1.05 16.83
N PRO C 168 5.31 1.16 17.57
CA PRO C 168 5.21 1.57 18.98
C PRO C 168 4.55 2.92 19.22
N ALA C 169 4.63 3.86 18.27
CA ALA C 169 3.99 5.16 18.44
C ALA C 169 2.48 5.14 18.22
N VAL C 170 1.86 3.99 17.98
CA VAL C 170 0.43 3.99 17.73
C VAL C 170 -0.39 4.19 19.00
N VAL C 171 0.15 3.88 20.18
CA VAL C 171 -0.52 4.18 21.45
C VAL C 171 0.50 4.81 22.38
N THR C 172 0.03 5.61 23.33
CA THR C 172 0.88 6.08 24.41
C THR C 172 0.40 5.44 25.71
N GLY C 173 1.12 5.69 26.82
CA GLY C 173 0.83 4.99 28.05
C GLY C 173 1.36 3.57 28.09
N LYS C 174 2.30 3.21 27.20
CA LYS C 174 2.86 1.86 27.18
C LYS C 174 3.76 1.61 28.39
N PRO C 175 3.95 0.33 28.76
CA PRO C 175 5.02 0.01 29.72
C PRO C 175 6.37 0.52 29.22
N ILE C 176 7.23 0.87 30.16
CA ILE C 176 8.54 1.40 29.77
C ILE C 176 9.27 0.40 28.86
N ASP C 177 9.17 -0.88 29.17
CA ASP C 177 9.86 -1.90 28.40
C ASP C 177 9.38 -1.99 26.95
N LEU C 178 8.22 -1.43 26.64
CA LEU C 178 7.70 -1.46 25.26
C LEU C 178 7.71 -0.08 24.63
N GLY C 179 8.49 0.85 25.16
CA GLY C 179 8.56 2.16 24.57
C GLY C 179 7.82 3.24 25.32
N GLY C 180 7.34 2.97 26.53
CA GLY C 180 6.79 4.05 27.34
C GLY C 180 7.88 5.03 27.72
N SER C 181 7.48 6.28 27.99
CA SER C 181 8.43 7.34 28.32
C SER C 181 8.75 7.34 29.81
N LEU C 182 10.01 7.60 30.14
CA LEU C 182 10.35 7.97 31.51
C LEU C 182 9.65 9.28 31.87
N GLY C 183 9.33 9.45 33.14
CA GLY C 183 8.65 10.64 33.60
C GLY C 183 7.15 10.66 33.36
N ARG C 184 6.57 9.60 32.80
CA ARG C 184 5.13 9.63 32.55
C ARG C 184 4.35 9.58 33.86
N ASP C 185 4.84 8.80 34.82
CA ASP C 185 4.12 8.64 36.07
C ASP C 185 3.97 9.97 36.80
N ALA C 186 5.04 10.77 36.87
CA ALA C 186 5.07 12.04 37.57
C ALA C 186 4.50 13.19 36.74
N ALA C 187 4.13 12.95 35.49
CA ALA C 187 3.94 14.02 34.52
C ALA C 187 2.83 14.99 34.92
N THR C 188 1.65 14.47 35.24
CA THR C 188 0.54 15.38 35.53
C THR C 188 0.78 16.14 36.83
N GLY C 189 1.20 15.42 37.88
CA GLY C 189 1.53 16.06 39.14
C GLY C 189 2.66 17.06 39.00
N ARG C 190 3.68 16.72 38.22
CA ARG C 190 4.77 17.67 37.98
C ARG C 190 4.26 18.91 37.26
N GLY C 191 3.36 18.73 36.27
CA GLY C 191 2.79 19.87 35.60
C GLY C 191 1.95 20.74 36.52
N VAL C 192 1.19 20.09 37.41
CA VAL C 192 0.42 20.85 38.40
C VAL C 192 1.35 21.74 39.21
N MET C 193 2.50 21.21 39.62
CA MET C 193 3.48 21.99 40.36
C MET C 193 4.09 23.08 39.47
N PHE C 194 4.40 22.75 38.21
CA PHE C 194 4.93 23.74 37.30
C PHE C 194 3.96 24.90 37.13
N GLY C 195 2.69 24.59 36.87
CA GLY C 195 1.71 25.63 36.68
C GLY C 195 1.48 26.46 37.92
N THR C 196 1.57 25.84 39.10
CA THR C 196 1.42 26.59 40.34
C THR C 196 2.54 27.59 40.51
N GLU C 197 3.78 27.20 40.23
CA GLU C 197 4.87 28.17 40.35
C GLU C 197 4.72 29.31 39.34
N ALA C 198 4.31 29.00 38.11
CA ALA C 198 4.12 30.06 37.12
C ALA C 198 3.02 31.04 37.55
N LEU C 199 1.91 30.51 38.06
CA LEU C 199 0.81 31.38 38.49
C LEU C 199 1.22 32.23 39.70
N LEU C 200 1.94 31.64 40.67
CA LEU C 200 2.37 32.40 41.84
C LEU C 200 3.37 33.48 41.46
N ASN C 201 4.33 33.16 40.57
CA ASN C 201 5.31 34.14 40.15
C ASN C 201 4.64 35.37 39.53
N GLU C 202 3.56 35.15 38.79
CA GLU C 202 2.83 36.27 38.23
C GLU C 202 2.28 37.17 39.33
N HIS C 203 2.05 36.63 40.53
CA HIS C 203 1.63 37.40 41.68
C HIS C 203 2.78 37.75 42.61
N GLY C 204 4.03 37.63 42.14
CA GLY C 204 5.19 37.95 42.95
C GLY C 204 5.44 37.01 44.12
N LYS C 205 4.96 35.77 44.02
CA LYS C 205 5.10 34.78 45.08
C LYS C 205 5.83 33.56 44.54
N THR C 206 6.21 32.66 45.45
CA THR C 206 6.87 31.41 45.11
C THR C 206 6.19 30.29 45.89
N ILE C 207 6.35 29.06 45.41
CA ILE C 207 5.77 27.91 46.09
C ILE C 207 6.29 27.85 47.52
N SER C 208 7.57 28.19 47.70
CA SER C 208 8.23 28.09 48.99
C SER C 208 7.47 28.93 50.03
N GLY C 209 7.04 28.26 51.10
CA GLY C 209 6.31 28.91 52.16
C GLY C 209 4.81 28.87 52.03
N GLN C 210 4.28 28.74 50.80
CA GLN C 210 2.84 28.68 50.65
C GLN C 210 2.30 27.41 51.30
N ARG C 211 1.09 27.50 51.84
CA ARG C 211 0.45 26.38 52.51
C ARG C 211 -0.63 25.81 51.58
N PHE C 212 -0.53 24.51 51.30
CA PHE C 212 -1.37 23.82 50.33
C PHE C 212 -2.34 22.86 51.00
N VAL C 213 -3.54 22.78 50.45
CA VAL C 213 -4.48 21.70 50.71
C VAL C 213 -4.67 20.95 49.40
N ILE C 214 -4.51 19.63 49.46
CA ILE C 214 -4.62 18.77 48.29
C ILE C 214 -5.69 17.73 48.60
N GLN C 215 -6.73 17.68 47.78
CA GLN C 215 -7.77 16.67 47.93
C GLN C 215 -7.48 15.56 46.93
N GLY C 216 -7.25 14.35 47.44
CA GLY C 216 -6.80 13.26 46.59
C GLY C 216 -5.31 13.04 46.74
N PHE C 217 -4.89 11.78 46.81
CA PHE C 217 -3.49 11.42 46.99
C PHE C 217 -3.14 10.29 46.05
N GLY C 218 -3.66 10.38 44.82
CA GLY C 218 -3.45 9.37 43.81
C GLY C 218 -2.29 9.73 42.91
N ASN C 219 -2.41 9.40 41.63
CA ASN C 219 -1.33 9.68 40.70
C ASN C 219 -1.03 11.17 40.65
N VAL C 220 -2.07 11.98 40.56
CA VAL C 220 -1.84 13.42 40.50
C VAL C 220 -1.48 13.94 41.88
N GLY C 221 -2.34 13.66 42.87
CA GLY C 221 -2.18 14.29 44.18
C GLY C 221 -0.88 13.92 44.87
N SER C 222 -0.48 12.65 44.81
CA SER C 222 0.72 12.25 45.53
C SER C 222 1.96 12.82 44.86
N TRP C 223 1.99 12.83 43.52
CA TRP C 223 3.12 13.41 42.83
C TRP C 223 3.16 14.93 43.02
N ALA C 224 1.99 15.58 42.95
CA ALA C 224 1.91 17.00 43.26
C ALA C 224 2.38 17.26 44.68
N ALA C 225 1.89 16.48 45.64
CA ALA C 225 2.28 16.67 47.03
C ALA C 225 3.79 16.49 47.21
N LYS C 226 4.35 15.47 46.57
CA LYS C 226 5.78 15.19 46.71
C LYS C 226 6.62 16.33 46.13
N LEU C 227 6.30 16.76 44.91
CA LEU C 227 7.14 17.76 44.25
C LEU C 227 6.92 19.16 44.80
N ILE C 228 5.69 19.48 45.24
CA ILE C 228 5.45 20.77 45.87
C ILE C 228 6.21 20.88 47.18
N SER C 229 6.19 19.82 47.99
CA SER C 229 6.90 19.86 49.27
C SER C 229 8.41 19.96 49.07
N GLU C 230 8.94 19.34 48.01
CA GLU C 230 10.38 19.44 47.74
C GLU C 230 10.81 20.84 47.35
N LYS C 231 9.88 21.66 46.83
CA LYS C 231 10.12 23.07 46.51
C LYS C 231 9.84 24.00 47.69
N GLY C 232 9.57 23.47 48.88
CA GLY C 232 9.33 24.31 50.04
C GLY C 232 7.88 24.57 50.32
N GLY C 233 6.98 23.96 49.56
CA GLY C 233 5.57 24.09 49.86
C GLY C 233 5.23 23.41 51.17
N LYS C 234 4.31 24.03 51.91
CA LYS C 234 3.82 23.49 53.17
C LYS C 234 2.51 22.78 52.91
N ILE C 235 2.53 21.47 53.05
CA ILE C 235 1.33 20.70 52.81
C ILE C 235 0.62 20.51 54.15
N VAL C 236 -0.38 21.36 54.36
CA VAL C 236 -1.02 21.47 55.65
C VAL C 236 -2.20 20.51 55.79
N ALA C 237 -2.77 20.04 54.69
CA ALA C 237 -3.85 19.07 54.78
C ALA C 237 -3.91 18.25 53.49
N VAL C 238 -4.18 16.96 53.65
CA VAL C 238 -4.33 16.03 52.53
C VAL C 238 -5.49 15.10 52.84
N SER C 239 -6.22 14.70 51.81
CA SER C 239 -7.26 13.72 51.99
C SER C 239 -7.22 12.72 50.83
N ASP C 240 -7.82 11.56 51.06
CA ASP C 240 -8.07 10.56 50.03
C ASP C 240 -9.36 9.83 50.40
N ILE C 241 -9.58 8.66 49.78
CA ILE C 241 -10.84 7.93 49.99
C ILE C 241 -10.95 7.35 51.41
N THR C 242 -9.84 7.19 52.14
CA THR C 242 -9.85 6.59 53.47
C THR C 242 -9.93 7.59 54.62
N GLY C 243 -9.67 8.86 54.37
CA GLY C 243 -9.74 9.88 55.41
C GLY C 243 -8.89 11.08 55.08
N ALA C 244 -8.93 12.06 55.99
CA ALA C 244 -8.24 13.33 55.82
C ALA C 244 -7.38 13.61 57.05
N ILE C 245 -6.23 14.26 56.80
CA ILE C 245 -5.25 14.58 57.84
C ILE C 245 -4.81 16.03 57.71
N LYS C 246 -4.39 16.62 58.84
CA LYS C 246 -3.99 18.02 58.88
C LYS C 246 -2.82 18.19 59.83
N ASN C 247 -1.89 19.05 59.44
CA ASN C 247 -0.74 19.42 60.27
C ASN C 247 -0.36 20.84 59.91
N LYS C 248 -0.58 21.76 60.85
CA LYS C 248 -0.37 23.19 60.55
C LYS C 248 1.07 23.47 60.13
N ASP C 249 2.01 22.64 60.60
CA ASP C 249 3.41 22.84 60.25
C ASP C 249 3.78 22.18 58.94
N GLY C 250 2.87 21.43 58.33
CA GLY C 250 3.20 20.71 57.11
C GLY C 250 3.33 19.22 57.34
N ILE C 251 2.66 18.43 56.50
CA ILE C 251 2.75 16.98 56.58
C ILE C 251 4.06 16.56 55.92
N ASP C 252 4.79 15.65 56.58
CA ASP C 252 6.02 15.08 56.04
C ASP C 252 5.67 14.14 54.89
N ILE C 253 5.80 14.66 53.65
CA ILE C 253 5.34 13.89 52.49
C ILE C 253 6.16 12.63 52.27
N PRO C 254 7.50 12.66 52.34
CA PRO C 254 8.25 11.38 52.28
C PRO C 254 7.75 10.38 53.32
N ALA C 255 7.51 10.86 54.55
CA ALA C 255 6.96 9.99 55.59
C ALA C 255 5.53 9.56 55.25
N LEU C 256 4.72 10.47 54.72
CA LEU C 256 3.36 10.12 54.33
C LEU C 256 3.37 9.08 53.21
N LEU C 257 4.26 9.26 52.24
CA LEU C 257 4.36 8.32 51.11
C LEU C 257 4.67 6.91 51.59
N LYS C 258 5.55 6.76 52.57
CA LYS C 258 5.83 5.43 53.13
C LYS C 258 4.58 4.84 53.77
N HIS C 259 3.81 5.66 54.49
CA HIS C 259 2.59 5.17 55.11
C HIS C 259 1.54 4.77 54.07
N THR C 260 1.34 5.61 53.05
CA THR C 260 0.20 5.39 52.16
C THR C 260 0.41 4.20 51.24
N LYS C 261 1.67 3.86 50.93
CA LYS C 261 1.89 2.67 50.11
C LYS C 261 1.72 1.38 50.89
N GLU C 262 1.91 1.38 52.22
CA GLU C 262 1.74 0.15 52.99
C GLU C 262 0.33 -0.01 53.58
N HIS C 263 -0.53 1.00 53.51
CA HIS C 263 -1.89 0.93 54.03
C HIS C 263 -2.89 1.24 52.93
N ARG C 264 -4.18 1.26 53.30
CA ARG C 264 -5.23 1.54 52.33
C ARG C 264 -5.29 3.01 51.94
N GLY C 265 -4.49 3.87 52.57
CA GLY C 265 -4.66 5.30 52.43
C GLY C 265 -3.95 6.04 53.53
N VAL C 266 -4.10 7.38 53.49
CA VAL C 266 -3.50 8.26 54.49
C VAL C 266 -4.07 8.07 55.89
N LYS C 267 -5.16 7.32 56.04
CA LYS C 267 -5.78 7.13 57.36
C LYS C 267 -4.79 6.53 58.35
N GLY C 268 -4.79 7.08 59.57
CA GLY C 268 -3.90 6.58 60.60
C GLY C 268 -2.48 7.06 60.53
N PHE C 269 -2.20 8.08 59.72
CA PHE C 269 -0.83 8.57 59.55
C PHE C 269 -0.31 9.26 60.82
N ASP C 270 0.87 8.83 61.26
CA ASP C 270 1.60 9.50 62.34
C ASP C 270 2.28 10.74 61.76
N GLY C 271 2.18 11.85 62.48
CA GLY C 271 2.68 13.11 61.98
C GLY C 271 1.62 13.99 61.37
N ALA C 272 0.34 13.70 61.63
CA ALA C 272 -0.78 14.50 61.19
C ALA C 272 -1.97 14.13 62.05
N ASP C 273 -2.81 15.10 62.34
CA ASP C 273 -4.00 14.72 63.09
C ASP C 273 -5.12 14.37 62.12
N PRO C 274 -5.98 13.41 62.46
CA PRO C 274 -7.10 13.08 61.56
C PRO C 274 -8.16 14.17 61.58
N ILE C 275 -8.76 14.43 60.41
CA ILE C 275 -9.82 15.43 60.30
C ILE C 275 -11.00 14.85 59.53
N ASP C 276 -12.15 15.51 59.69
CA ASP C 276 -13.37 15.26 58.94
C ASP C 276 -13.08 15.31 57.46
N PRO C 277 -13.32 14.23 56.72
CA PRO C 277 -13.01 14.25 55.28
C PRO C 277 -13.80 15.29 54.50
N ASN C 278 -15.01 15.64 54.93
CA ASN C 278 -15.81 16.58 54.15
C ASN C 278 -15.47 18.05 54.42
N SER C 279 -14.54 18.35 55.32
CA SER C 279 -14.16 19.72 55.60
C SER C 279 -12.83 20.14 55.00
N ILE C 280 -12.12 19.24 54.31
CA ILE C 280 -10.76 19.56 53.86
C ILE C 280 -10.77 20.68 52.83
N LEU C 281 -11.83 20.74 52.01
CA LEU C 281 -11.90 21.71 50.93
C LEU C 281 -12.07 23.14 51.45
N VAL C 282 -12.62 23.32 52.65
CA VAL C 282 -12.81 24.65 53.22
C VAL C 282 -11.73 24.96 54.27
N GLU C 283 -10.65 24.20 54.29
CA GLU C 283 -9.56 24.44 55.22
C GLU C 283 -8.81 25.73 54.88
N ASP C 284 -8.32 26.39 55.93
CA ASP C 284 -7.50 27.59 55.76
C ASP C 284 -6.18 27.26 55.09
N CYS C 285 -5.90 27.95 54.00
CA CYS C 285 -4.70 27.71 53.23
C CYS C 285 -4.56 28.85 52.23
N ASP C 286 -3.46 28.82 51.48
CA ASP C 286 -3.25 29.75 50.39
C ASP C 286 -3.68 29.18 49.05
N ILE C 287 -3.43 27.88 48.82
CA ILE C 287 -3.62 27.26 47.52
C ILE C 287 -4.38 25.95 47.71
N LEU C 288 -5.50 25.82 47.02
CA LEU C 288 -6.35 24.63 47.07
C LEU C 288 -6.16 23.83 45.80
N VAL C 289 -5.90 22.54 45.93
CA VAL C 289 -5.64 21.71 44.75
C VAL C 289 -6.63 20.54 44.72
N PRO C 290 -7.79 20.71 44.09
CA PRO C 290 -8.66 19.55 43.88
C PRO C 290 -8.02 18.61 42.88
N ALA C 291 -7.68 17.41 43.35
CA ALA C 291 -6.97 16.43 42.55
C ALA C 291 -7.61 15.06 42.68
N ALA C 292 -8.92 15.01 42.89
CA ALA C 292 -9.62 13.74 43.05
C ALA C 292 -10.76 13.61 42.03
N LEU C 293 -11.92 14.15 42.35
CA LEU C 293 -13.07 14.07 41.47
C LEU C 293 -13.44 15.47 41.00
N GLY C 294 -14.36 15.53 40.05
CA GLY C 294 -14.92 16.79 39.64
C GLY C 294 -16.11 17.22 40.50
N GLY C 295 -16.59 18.44 40.26
CA GLY C 295 -17.79 18.94 40.89
C GLY C 295 -17.70 19.17 42.38
N VAL C 296 -16.50 19.14 42.96
CA VAL C 296 -16.36 19.29 44.41
C VAL C 296 -16.48 20.75 44.83
N ILE C 297 -16.34 21.69 43.91
CA ILE C 297 -16.53 23.11 44.15
C ILE C 297 -17.85 23.50 43.50
N ASN C 298 -18.82 23.93 44.32
CA ASN C 298 -20.21 24.11 43.88
C ASN C 298 -20.80 25.37 44.51
N ARG C 299 -22.13 25.48 44.38
CA ARG C 299 -22.88 26.68 44.72
C ARG C 299 -22.82 27.04 46.20
N GLU C 300 -22.43 26.13 47.08
CA GLU C 300 -22.51 26.39 48.52
C GLU C 300 -21.18 26.51 49.24
N ASN C 301 -20.17 25.76 48.86
CA ASN C 301 -18.89 25.85 49.55
C ASN C 301 -18.01 26.94 48.98
N ALA C 302 -18.42 27.54 47.85
CA ALA C 302 -17.60 28.55 47.21
C ALA C 302 -17.32 29.70 48.17
N ASN C 303 -18.31 30.07 48.98
CA ASN C 303 -18.13 31.20 49.88
C ASN C 303 -17.18 30.91 51.04
N GLU C 304 -16.94 29.64 51.37
CA GLU C 304 -16.11 29.31 52.53
C GLU C 304 -14.73 28.74 52.22
N ILE C 305 -14.36 28.55 50.95
CA ILE C 305 -12.97 28.21 50.68
C ILE C 305 -12.11 29.41 51.03
N LYS C 306 -11.04 29.17 51.78
CA LYS C 306 -10.19 30.26 52.24
C LYS C 306 -9.07 30.52 51.26
N ALA C 307 -8.81 29.59 50.34
CA ALA C 307 -7.69 29.74 49.42
C ALA C 307 -7.90 30.93 48.50
N LYS C 308 -6.79 31.61 48.19
CA LYS C 308 -6.75 32.65 47.19
C LYS C 308 -6.52 32.11 45.79
N PHE C 309 -5.96 30.90 45.68
CA PHE C 309 -5.71 30.24 44.40
C PHE C 309 -6.27 28.84 44.44
N ILE C 310 -6.89 28.41 43.34
CA ILE C 310 -7.36 27.05 43.16
C ILE C 310 -6.71 26.48 41.91
N ILE C 311 -6.01 25.36 42.05
CA ILE C 311 -5.34 24.69 40.94
C ILE C 311 -6.17 23.47 40.55
N GLU C 312 -6.78 23.50 39.37
CA GLU C 312 -7.66 22.41 38.93
C GLU C 312 -6.83 21.24 38.41
N ALA C 313 -6.37 20.39 39.34
CA ALA C 313 -5.66 19.19 38.90
C ALA C 313 -6.64 18.15 38.36
N ALA C 314 -7.74 17.91 39.07
CA ALA C 314 -8.80 17.06 38.55
C ALA C 314 -9.48 17.76 37.38
N ASN C 315 -10.22 16.99 36.60
CA ASN C 315 -11.01 17.60 35.53
C ASN C 315 -12.31 18.17 36.08
N HIS C 316 -12.65 19.36 35.60
CA HIS C 316 -13.83 20.14 35.99
C HIS C 316 -14.18 20.05 37.48
N PRO C 317 -13.25 20.43 38.37
CA PRO C 317 -13.59 20.44 39.80
C PRO C 317 -14.49 21.61 40.20
N THR C 318 -14.54 22.68 39.40
CA THR C 318 -15.36 23.86 39.70
C THR C 318 -16.48 23.96 38.68
N ASP C 319 -17.71 24.07 39.18
CA ASP C 319 -18.86 24.23 38.30
C ASP C 319 -19.13 25.70 38.00
N PRO C 320 -19.94 26.00 36.97
CA PRO C 320 -20.15 27.42 36.60
C PRO C 320 -20.67 28.28 37.74
N ASP C 321 -21.51 27.75 38.63
CA ASP C 321 -22.02 28.55 39.74
C ASP C 321 -20.90 29.02 40.65
N ALA C 322 -20.00 28.11 41.03
CA ALA C 322 -18.86 28.50 41.86
C ALA C 322 -17.87 29.37 41.07
N ASP C 323 -17.75 29.12 39.76
CA ASP C 323 -16.95 29.99 38.91
C ASP C 323 -17.39 31.44 39.06
N GLU C 324 -18.70 31.67 39.03
CA GLU C 324 -19.23 33.01 39.22
C GLU C 324 -18.90 33.55 40.61
N ILE C 325 -19.15 32.74 41.65
CA ILE C 325 -18.96 33.20 43.02
C ILE C 325 -17.50 33.55 43.29
N LEU C 326 -16.57 32.65 42.89
CA LEU C 326 -15.16 32.82 43.23
C LEU C 326 -14.53 33.95 42.43
N SER C 327 -14.94 34.12 41.17
CA SER C 327 -14.46 35.25 40.39
C SER C 327 -14.77 36.56 41.10
N LYS C 328 -16.00 36.71 41.59
CA LYS C 328 -16.34 37.92 42.31
C LYS C 328 -15.66 37.98 43.68
N LYS C 329 -15.29 36.83 44.26
CA LYS C 329 -14.54 36.84 45.51
C LYS C 329 -13.05 37.11 45.30
N GLY C 330 -12.60 37.22 44.06
CA GLY C 330 -11.18 37.44 43.80
C GLY C 330 -10.31 36.22 43.87
N VAL C 331 -10.90 35.02 43.87
CA VAL C 331 -10.13 33.78 43.89
C VAL C 331 -9.70 33.46 42.47
N VAL C 332 -8.43 33.12 42.29
CA VAL C 332 -7.85 32.83 40.99
C VAL C 332 -7.88 31.33 40.76
N ILE C 333 -8.44 30.91 39.63
CA ILE C 333 -8.66 29.51 39.31
C ILE C 333 -7.79 29.15 38.12
N LEU C 334 -6.80 28.28 38.33
CA LEU C 334 -5.99 27.77 37.23
C LEU C 334 -6.77 26.64 36.59
N PRO C 335 -7.23 26.82 35.36
CA PRO C 335 -8.22 25.90 34.79
C PRO C 335 -7.63 24.55 34.44
N ASP C 336 -8.49 23.52 34.54
CA ASP C 336 -8.07 22.14 34.31
C ASP C 336 -7.38 21.94 32.96
N ILE C 337 -7.89 22.59 31.90
CA ILE C 337 -7.41 22.36 30.55
C ILE C 337 -5.93 22.71 30.43
N TYR C 338 -5.46 23.65 31.26
CA TYR C 338 -4.03 23.92 31.35
C TYR C 338 -3.39 23.20 32.53
N ALA C 339 -4.03 23.27 33.70
CA ALA C 339 -3.37 22.86 34.94
C ALA C 339 -2.92 21.40 34.88
N ASN C 340 -3.73 20.52 34.30
CA ASN C 340 -3.37 19.11 34.29
C ASN C 340 -2.83 18.65 32.94
N SER C 341 -2.37 19.57 32.09
CA SER C 341 -1.91 19.19 30.77
C SER C 341 -0.53 18.56 30.76
N GLY C 342 0.14 18.43 31.90
CA GLY C 342 1.43 17.76 31.92
C GLY C 342 1.33 16.33 31.42
N GLY C 343 0.23 15.66 31.73
CA GLY C 343 0.04 14.29 31.26
C GLY C 343 0.00 14.19 29.75
N VAL C 344 -0.84 15.01 29.10
CA VAL C 344 -0.96 14.88 27.65
C VAL C 344 0.31 15.37 26.97
N THR C 345 1.03 16.31 27.60
CA THR C 345 2.27 16.79 27.00
C THR C 345 3.34 15.70 27.02
N VAL C 346 3.47 14.97 28.13
CA VAL C 346 4.47 13.91 28.16
C VAL C 346 4.06 12.75 27.28
N SER C 347 2.75 12.51 27.11
CA SER C 347 2.35 11.47 26.16
C SER C 347 2.74 11.86 24.73
N TYR C 348 2.68 13.16 24.40
CA TYR C 348 3.27 13.63 23.15
C TYR C 348 4.77 13.31 23.08
N PHE C 349 5.51 13.55 24.17
CA PHE C 349 6.94 13.25 24.18
C PHE C 349 7.20 11.75 23.99
N GLU C 350 6.34 10.89 24.54
CA GLU C 350 6.46 9.45 24.34
C GLU C 350 6.35 9.10 22.86
N TRP C 351 5.30 9.61 22.21
CA TRP C 351 5.12 9.45 20.76
C TRP C 351 6.33 9.98 19.98
N VAL C 352 6.85 11.16 20.35
CA VAL C 352 8.04 11.70 19.70
C VAL C 352 9.21 10.73 19.80
N GLN C 353 9.47 10.23 21.01
CA GLN C 353 10.60 9.33 21.20
C GLN C 353 10.45 8.05 20.36
N ASN C 354 9.23 7.50 20.28
CA ASN C 354 9.02 6.30 19.46
C ASN C 354 9.23 6.61 17.99
N ILE C 355 8.66 7.72 17.51
CA ILE C 355 8.84 8.20 16.14
C ILE C 355 10.32 8.39 15.83
N GLN C 356 11.08 8.91 16.79
CA GLN C 356 12.51 9.15 16.62
C GLN C 356 13.34 7.89 16.84
N GLY C 357 12.72 6.76 17.20
CA GLY C 357 13.45 5.51 17.42
C GLY C 357 14.44 5.51 18.56
N PHE C 358 14.29 6.41 19.53
CA PHE C 358 15.36 6.61 20.50
C PHE C 358 14.78 7.29 21.74
N MET C 359 14.85 6.62 22.89
CA MET C 359 14.23 7.13 24.11
C MET C 359 15.10 8.18 24.78
N TRP C 360 14.46 9.12 25.46
CA TRP C 360 15.12 10.22 26.16
C TRP C 360 15.39 9.85 27.61
N GLU C 361 16.39 10.51 28.16
CA GLU C 361 16.60 10.48 29.61
C GLU C 361 15.49 11.27 30.31
N GLU C 362 15.22 10.88 31.58
CA GLU C 362 14.12 11.51 32.31
C GLU C 362 14.36 13.00 32.48
N GLU C 363 15.62 13.38 32.66
CA GLU C 363 15.98 14.78 32.82
C GLU C 363 15.52 15.59 31.61
N LYS C 364 15.68 15.01 30.41
CA LYS C 364 15.26 15.72 29.20
C LYS C 364 13.74 15.82 29.10
N VAL C 365 13.03 14.74 29.46
CA VAL C 365 11.57 14.77 29.45
C VAL C 365 11.05 15.89 30.35
N ASN C 366 11.61 15.99 31.57
CA ASN C 366 11.13 16.98 32.54
C ASN C 366 11.53 18.40 32.16
N ASP C 367 12.71 18.56 31.56
CA ASP C 367 13.09 19.87 31.06
C ASP C 367 12.18 20.30 29.91
N GLU C 368 11.88 19.39 28.98
CA GLU C 368 10.95 19.74 27.91
C GLU C 368 9.57 20.04 28.45
N LEU C 369 9.12 19.28 29.45
CA LEU C 369 7.82 19.56 30.06
C LEU C 369 7.78 20.97 30.66
N LYS C 370 8.84 21.36 31.37
CA LYS C 370 8.92 22.70 31.93
C LYS C 370 8.87 23.77 30.84
N THR C 371 9.58 23.55 29.73
CA THR C 371 9.58 24.48 28.62
C THR C 371 8.18 24.64 28.03
N TYR C 372 7.51 23.53 27.74
CA TYR C 372 6.20 23.58 27.11
C TYR C 372 5.17 24.23 28.04
N MET C 373 5.20 23.90 29.33
CA MET C 373 4.19 24.47 30.21
C MET C 373 4.48 25.91 30.55
N THR C 374 5.75 26.32 30.50
CA THR C 374 6.06 27.72 30.69
C THR C 374 5.53 28.55 29.53
N ARG C 375 5.73 28.06 28.31
CA ARG C 375 5.28 28.79 27.12
C ARG C 375 3.76 28.88 27.05
N SER C 376 3.07 27.77 27.31
CA SER C 376 1.61 27.80 27.27
C SER C 376 1.06 28.72 28.35
N PHE C 377 1.67 28.75 29.54
CA PHE C 377 1.20 29.71 30.53
C PHE C 377 1.42 31.14 30.05
N LYS C 378 2.57 31.40 29.42
CA LYS C 378 2.82 32.73 28.88
C LYS C 378 1.79 33.11 27.82
N ASP C 379 1.52 32.20 26.89
CA ASP C 379 0.57 32.49 25.83
C ASP C 379 -0.85 32.63 26.39
N LEU C 380 -1.19 31.81 27.37
CA LEU C 380 -2.50 31.90 28.01
C LEU C 380 -2.69 33.23 28.71
N LYS C 381 -1.67 33.72 29.41
CA LYS C 381 -1.77 35.00 30.08
C LYS C 381 -1.91 36.14 29.08
N GLU C 382 -1.27 36.03 27.91
CA GLU C 382 -1.40 37.08 26.90
C GLU C 382 -2.83 37.17 26.37
N MET C 383 -3.49 36.03 26.15
CA MET C 383 -4.90 36.06 25.73
C MET C 383 -5.78 36.73 26.78
N CYS C 384 -5.51 36.49 28.07
CA CYS C 384 -6.28 37.16 29.11
C CYS C 384 -6.14 38.66 29.02
N LYS C 385 -4.94 39.15 28.70
CA LYS C 385 -4.77 40.59 28.50
C LYS C 385 -5.55 41.07 27.29
N THR C 386 -5.42 40.36 26.16
CA THR C 386 -6.09 40.78 24.93
C THR C 386 -7.61 40.85 25.10
N HIS C 387 -8.18 39.89 25.81
CA HIS C 387 -9.64 39.79 25.88
C HIS C 387 -10.19 40.13 27.25
N SER C 388 -9.35 40.64 28.16
CA SER C 388 -9.76 41.07 29.49
C SER C 388 -10.68 40.04 30.16
N CYS C 389 -10.20 38.80 30.22
CA CYS C 389 -10.99 37.68 30.71
C CYS C 389 -10.18 36.89 31.73
N ASP C 390 -10.86 35.95 32.41
CA ASP C 390 -10.20 35.13 33.42
C ASP C 390 -9.34 34.05 32.76
N LEU C 391 -8.69 33.24 33.59
CA LEU C 391 -7.77 32.23 33.11
C LEU C 391 -8.47 31.18 32.26
N ARG C 392 -9.66 30.74 32.69
CA ARG C 392 -10.36 29.70 31.94
C ARG C 392 -10.68 30.16 30.53
N MET C 393 -11.18 31.38 30.39
CA MET C 393 -11.51 31.89 29.07
C MET C 393 -10.24 32.20 28.28
N GLY C 394 -9.16 32.61 28.95
CA GLY C 394 -7.88 32.74 28.28
C GLY C 394 -7.40 31.41 27.70
N ALA C 395 -7.65 30.32 28.42
CA ALA C 395 -7.22 29.02 27.92
C ALA C 395 -8.07 28.61 26.72
N PHE C 396 -9.39 28.72 26.84
CA PHE C 396 -10.27 28.33 25.74
C PHE C 396 -10.06 29.18 24.50
N THR C 397 -9.89 30.51 24.67
CA THR C 397 -9.67 31.35 23.50
C THR C 397 -8.36 31.01 22.83
N LEU C 398 -7.33 30.70 23.63
CA LEU C 398 -6.06 30.29 23.08
C LEU C 398 -6.21 29.00 22.26
N GLY C 399 -6.91 28.02 22.80
CA GLY C 399 -7.08 26.75 22.10
C GLY C 399 -7.97 26.86 20.88
N VAL C 400 -9.14 27.49 21.04
CA VAL C 400 -10.04 27.64 19.90
C VAL C 400 -9.38 28.43 18.79
N ASN C 401 -8.64 29.49 19.13
CA ASN C 401 -8.00 30.29 18.09
C ASN C 401 -6.94 29.52 17.32
N ARG C 402 -6.14 28.69 18.02
CA ARG C 402 -5.13 27.88 17.33
C ARG C 402 -5.76 26.89 16.39
N VAL C 403 -6.85 26.24 16.82
CA VAL C 403 -7.55 25.31 15.94
C VAL C 403 -8.19 26.02 14.76
N ALA C 404 -8.81 27.19 15.00
CA ALA C 404 -9.46 27.92 13.92
C ALA C 404 -8.46 28.34 12.84
N GLN C 405 -7.29 28.85 13.24
CA GLN C 405 -6.32 29.31 12.25
C GLN C 405 -5.76 28.16 11.42
N ALA C 406 -5.45 27.03 12.07
CA ALA C 406 -4.99 25.88 11.31
C ALA C 406 -6.05 25.39 10.34
N THR C 407 -7.32 25.40 10.78
CA THR C 407 -8.41 24.99 9.92
C THR C 407 -8.55 25.91 8.71
N ILE C 408 -8.47 27.23 8.94
CA ILE C 408 -8.60 28.18 7.84
C ILE C 408 -7.46 28.02 6.83
N LEU C 409 -6.23 27.87 7.32
CA LEU C 409 -5.08 27.71 6.43
C LEU C 409 -5.23 26.46 5.57
N ARG C 410 -5.71 25.36 6.15
CA ARG C 410 -5.81 24.14 5.37
C ARG C 410 -6.94 24.21 4.33
N GLY C 411 -7.99 25.00 4.58
CA GLY C 411 -8.99 25.27 3.55
C GLY C 411 -10.03 24.17 3.34
N TRP C 412 -10.91 24.41 2.35
CA TRP C 412 -12.02 23.53 2.00
C TRP C 412 -12.01 23.29 0.49
N GLY C 413 -12.41 22.09 0.08
CA GLY C 413 -12.46 21.76 -1.34
C GLY C 413 -11.90 20.38 -1.66
N ALA D 8 -44.44 0.48 9.52
CA ALA D 8 -43.46 1.13 8.66
C ALA D 8 -42.11 0.41 8.72
N ALA D 9 -41.59 0.25 9.93
CA ALA D 9 -40.33 -0.46 10.14
C ALA D 9 -40.52 -1.50 11.25
N THR D 10 -41.42 -2.45 10.99
CA THR D 10 -41.67 -3.57 11.90
C THR D 10 -40.49 -4.54 11.89
N ASN D 11 -39.62 -4.42 12.91
CA ASN D 11 -38.45 -5.25 13.16
C ASN D 11 -38.84 -6.62 13.71
N ARG D 12 -40.14 -6.82 13.91
CA ARG D 12 -40.71 -8.05 14.44
C ARG D 12 -40.51 -9.24 13.51
N ASN D 13 -40.49 -9.02 12.20
CA ASN D 13 -40.27 -10.13 11.28
C ASN D 13 -38.95 -10.84 11.57
N PHE D 14 -37.91 -10.07 11.87
CA PHE D 14 -36.62 -10.69 12.19
C PHE D 14 -36.73 -11.57 13.44
N LYS D 15 -37.31 -11.03 14.52
CA LYS D 15 -37.31 -11.77 15.78
C LYS D 15 -38.13 -13.03 15.67
N LEU D 16 -39.23 -12.98 14.94
CA LEU D 16 -40.01 -14.17 14.65
C LEU D 16 -39.20 -15.19 13.87
N ALA D 17 -38.44 -14.73 12.87
CA ALA D 17 -37.63 -15.64 12.06
C ALA D 17 -36.51 -16.28 12.89
N ALA D 18 -35.88 -15.50 13.77
CA ALA D 18 -34.83 -16.05 14.62
C ALA D 18 -35.37 -17.13 15.56
N ARG D 19 -36.62 -16.99 16.01
CA ARG D 19 -37.23 -18.03 16.83
C ARG D 19 -37.61 -19.25 16.00
N LEU D 20 -38.16 -19.05 14.80
CA LEU D 20 -38.43 -20.17 13.92
C LEU D 20 -37.17 -20.96 13.62
N LEU D 21 -36.06 -20.28 13.38
CA LEU D 21 -34.81 -20.98 13.19
C LEU D 21 -34.19 -21.53 14.47
N GLY D 22 -34.71 -21.17 15.64
CA GLY D 22 -34.09 -21.60 16.88
C GLY D 22 -32.71 -21.03 17.11
N LEU D 23 -32.48 -19.80 16.65
CA LEU D 23 -31.15 -19.19 16.70
C LEU D 23 -30.69 -19.04 18.13
N ASP D 24 -29.41 -19.30 18.39
CA ASP D 24 -28.89 -19.00 19.71
C ASP D 24 -29.11 -17.52 20.03
N SER D 25 -29.53 -17.25 21.27
CA SER D 25 -29.92 -15.90 21.66
C SER D 25 -28.75 -14.92 21.52
N LYS D 26 -27.52 -15.39 21.78
CA LYS D 26 -26.36 -14.51 21.64
C LYS D 26 -26.02 -14.26 20.19
N LEU D 27 -26.26 -15.26 19.33
CA LEU D 27 -26.06 -15.04 17.89
C LEU D 27 -27.08 -14.06 17.34
N GLU D 28 -28.34 -14.17 17.75
CA GLU D 28 -29.36 -13.21 17.32
C GLU D 28 -28.96 -11.78 17.66
N LYS D 29 -28.47 -11.55 18.89
CA LYS D 29 -28.01 -10.24 19.31
C LYS D 29 -26.87 -9.74 18.44
N SER D 30 -25.95 -10.63 18.09
CA SER D 30 -24.88 -10.21 17.19
C SER D 30 -25.43 -9.79 15.83
N LEU D 31 -26.35 -10.57 15.25
CA LEU D 31 -26.91 -10.22 13.94
C LEU D 31 -27.65 -8.88 13.96
N LEU D 32 -28.19 -8.49 15.11
CA LEU D 32 -28.86 -7.19 15.16
C LEU D 32 -27.87 -6.03 15.17
N ILE D 33 -26.70 -6.19 15.78
CA ILE D 33 -25.76 -5.08 15.93
C ILE D 33 -25.08 -4.80 14.59
N PRO D 34 -25.07 -3.56 14.09
CA PRO D 34 -24.39 -3.30 12.82
C PRO D 34 -22.88 -3.46 12.94
N PHE D 35 -22.30 -4.03 11.89
CA PHE D 35 -20.85 -4.09 11.72
C PHE D 35 -20.20 -2.75 12.01
N ARG D 36 -20.72 -1.68 11.44
CA ARG D 36 -20.10 -0.36 11.56
C ARG D 36 -21.15 0.71 11.37
N GLU D 37 -21.09 1.77 12.19
CA GLU D 37 -21.83 3.00 11.96
C GLU D 37 -20.84 4.15 11.90
N ILE D 38 -20.98 4.98 10.86
CA ILE D 38 -20.03 6.04 10.53
C ILE D 38 -20.78 7.35 10.36
N LYS D 39 -20.32 8.41 11.03
CA LYS D 39 -20.78 9.77 10.75
C LYS D 39 -19.54 10.60 10.44
N VAL D 40 -19.59 11.39 9.35
CA VAL D 40 -18.45 12.21 8.92
C VAL D 40 -18.95 13.64 8.66
N GLU D 41 -18.09 14.61 8.95
CA GLU D 41 -18.40 16.00 8.59
C GLU D 41 -18.19 16.24 7.09
N CYS D 42 -19.17 16.87 6.45
CA CYS D 42 -19.04 17.28 5.05
C CYS D 42 -19.27 18.78 5.00
N THR D 43 -18.19 19.55 4.99
CA THR D 43 -18.29 21.00 4.92
C THR D 43 -17.83 21.47 3.56
N ILE D 44 -18.65 22.32 2.92
CA ILE D 44 -18.32 22.80 1.59
C ILE D 44 -18.43 24.32 1.57
N PRO D 45 -17.66 25.00 0.73
CA PRO D 45 -17.99 26.40 0.44
C PRO D 45 -19.23 26.43 -0.42
N LYS D 46 -20.18 27.26 -0.05
CA LYS D 46 -21.32 27.46 -0.93
C LYS D 46 -20.95 28.41 -2.07
N ASP D 47 -21.86 28.50 -3.05
CA ASP D 47 -21.65 29.38 -4.19
C ASP D 47 -21.45 30.84 -3.76
N ASP D 48 -22.06 31.23 -2.63
CA ASP D 48 -21.87 32.59 -2.14
C ASP D 48 -20.60 32.77 -1.31
N GLY D 49 -19.73 31.75 -1.26
CA GLY D 49 -18.48 31.83 -0.55
C GLY D 49 -18.50 31.36 0.90
N THR D 50 -19.65 31.42 1.56
CA THR D 50 -19.72 31.01 2.96
C THR D 50 -19.74 29.48 3.10
N LEU D 51 -19.39 29.02 4.29
CA LEU D 51 -19.34 27.60 4.60
C LEU D 51 -20.72 27.06 4.96
N ALA D 52 -20.96 25.81 4.57
CA ALA D 52 -22.12 25.05 5.00
C ALA D 52 -21.63 23.69 5.45
N SER D 53 -22.10 23.24 6.62
CA SER D 53 -21.67 21.97 7.19
C SER D 53 -22.85 21.00 7.22
N PHE D 54 -22.62 19.81 6.70
CA PHE D 54 -23.59 18.72 6.67
C PHE D 54 -22.96 17.50 7.33
N VAL D 55 -23.80 16.57 7.79
CA VAL D 55 -23.32 15.30 8.34
C VAL D 55 -23.66 14.20 7.35
N GLY D 56 -22.65 13.51 6.87
CA GLY D 56 -22.84 12.32 6.07
C GLY D 56 -22.73 11.10 6.96
N PHE D 57 -23.36 10.01 6.54
CA PHE D 57 -23.40 8.83 7.39
C PHE D 57 -23.52 7.58 6.53
N ARG D 58 -23.14 6.46 7.13
CA ARG D 58 -23.27 5.15 6.49
C ARG D 58 -23.39 4.13 7.60
N VAL D 59 -24.50 3.42 7.64
CA VAL D 59 -24.64 2.25 8.51
C VAL D 59 -24.28 1.04 7.66
N GLN D 60 -23.27 0.31 8.08
CA GLN D 60 -22.84 -0.91 7.43
C GLN D 60 -23.29 -2.06 8.34
N HIS D 61 -24.40 -2.68 7.97
CA HIS D 61 -25.03 -3.57 8.93
C HIS D 61 -24.35 -4.93 9.01
N ASP D 62 -24.11 -5.58 7.87
CA ASP D 62 -23.58 -6.94 7.91
C ASP D 62 -22.80 -7.25 6.63
N ASN D 63 -21.66 -7.94 6.77
CA ASN D 63 -20.90 -8.33 5.58
C ASN D 63 -20.50 -9.80 5.61
N ALA D 64 -21.22 -10.65 6.36
CA ALA D 64 -20.87 -12.07 6.39
C ALA D 64 -20.94 -12.69 4.99
N ARG D 65 -21.91 -12.28 4.17
CA ARG D 65 -22.15 -12.88 2.86
C ARG D 65 -21.46 -12.15 1.72
N GLY D 66 -20.75 -11.06 1.99
CA GLY D 66 -20.06 -10.33 0.95
C GLY D 66 -20.06 -8.84 1.18
N PRO D 67 -19.64 -8.06 0.18
CA PRO D 67 -19.67 -6.59 0.30
C PRO D 67 -21.06 -6.09 0.67
N MET D 68 -21.10 -4.96 1.35
CA MET D 68 -22.37 -4.34 1.66
C MET D 68 -22.90 -3.58 0.45
N LYS D 69 -24.21 -3.35 0.44
CA LYS D 69 -24.91 -2.78 -0.69
C LYS D 69 -26.01 -1.88 -0.13
N GLY D 70 -26.16 -0.66 -0.66
CA GLY D 70 -27.29 0.12 -0.19
C GLY D 70 -27.31 1.57 -0.63
N GLY D 71 -28.47 2.18 -0.56
CA GLY D 71 -28.62 3.50 -1.13
C GLY D 71 -28.05 4.62 -0.28
N ILE D 72 -27.91 5.76 -0.95
CA ILE D 72 -27.44 7.01 -0.39
C ILE D 72 -28.59 7.99 -0.49
N ARG D 73 -29.07 8.46 0.67
CA ARG D 73 -30.23 9.34 0.70
C ARG D 73 -29.78 10.76 1.02
N TYR D 74 -30.12 11.72 0.15
CA TYR D 74 -29.93 13.16 0.43
C TYR D 74 -31.29 13.68 0.86
N HIS D 75 -31.46 13.87 2.17
CA HIS D 75 -32.78 14.22 2.68
C HIS D 75 -32.57 14.81 4.06
N PRO D 76 -33.30 15.87 4.42
CA PRO D 76 -33.06 16.51 5.72
C PRO D 76 -33.57 15.70 6.90
N GLU D 77 -34.52 14.79 6.71
CA GLU D 77 -35.11 14.04 7.83
C GLU D 77 -34.32 12.76 8.02
N VAL D 78 -33.26 12.83 8.82
CA VAL D 78 -32.50 11.64 9.19
C VAL D 78 -32.99 11.11 10.53
N ASP D 79 -33.38 9.83 10.55
CA ASP D 79 -33.78 9.16 11.78
C ASP D 79 -32.88 7.94 11.98
N PRO D 80 -32.13 7.87 13.08
CA PRO D 80 -31.12 6.81 13.19
C PRO D 80 -31.69 5.41 13.22
N ASP D 81 -32.82 5.25 13.90
CA ASP D 81 -33.51 3.97 13.96
C ASP D 81 -33.99 3.53 12.59
N GLU D 82 -34.54 4.46 11.80
CA GLU D 82 -34.97 4.13 10.44
C GLU D 82 -33.79 3.71 9.56
N VAL D 83 -32.69 4.45 9.63
CA VAL D 83 -31.54 4.11 8.79
C VAL D 83 -31.01 2.72 9.14
N ASN D 84 -30.93 2.41 10.44
CA ASN D 84 -30.45 1.10 10.86
C ASN D 84 -31.39 -0.01 10.43
N ALA D 85 -32.71 0.22 10.54
CA ALA D 85 -33.67 -0.81 10.12
C ALA D 85 -33.56 -1.08 8.62
N LEU D 86 -33.41 -0.03 7.82
CA LEU D 86 -33.28 -0.20 6.37
C LEU D 86 -31.98 -0.92 6.01
N ALA D 87 -30.89 -0.62 6.71
CA ALA D 87 -29.66 -1.34 6.42
C ALA D 87 -29.81 -2.82 6.74
N GLN D 88 -30.47 -3.11 7.86
CA GLN D 88 -30.72 -4.50 8.25
C GLN D 88 -31.62 -5.20 7.26
N LEU D 89 -32.69 -4.53 6.82
CA LEU D 89 -33.58 -5.11 5.83
C LEU D 89 -32.82 -5.48 4.56
N MET D 90 -31.88 -4.64 4.14
CA MET D 90 -31.09 -4.93 2.96
C MET D 90 -30.27 -6.21 3.14
N THR D 91 -29.77 -6.45 4.36
CA THR D 91 -29.04 -7.70 4.65
C THR D 91 -29.92 -8.93 4.41
N TRP D 92 -31.19 -8.86 4.86
CA TRP D 92 -32.08 -10.01 4.66
C TRP D 92 -32.50 -10.14 3.20
N LYS D 93 -32.75 -9.00 2.53
CA LYS D 93 -33.20 -9.00 1.13
C LYS D 93 -32.13 -9.55 0.20
N THR D 94 -30.87 -9.12 0.37
CA THR D 94 -29.80 -9.69 -0.45
C THR D 94 -29.68 -11.18 -0.21
N ALA D 95 -29.89 -11.63 1.03
CA ALA D 95 -29.83 -13.06 1.30
C ALA D 95 -31.00 -13.81 0.66
N VAL D 96 -32.20 -13.23 0.69
CA VAL D 96 -33.36 -13.85 0.05
C VAL D 96 -33.10 -14.01 -1.45
N ALA D 97 -32.56 -12.95 -2.09
CA ALA D 97 -32.23 -12.97 -3.51
C ALA D 97 -31.04 -13.86 -3.83
N LYS D 98 -30.29 -14.29 -2.81
CA LYS D 98 -29.07 -15.08 -2.98
C LYS D 98 -28.02 -14.33 -3.79
N ILE D 99 -27.87 -13.04 -3.51
CA ILE D 99 -26.78 -12.30 -4.13
C ILE D 99 -25.72 -12.09 -3.07
N PRO D 100 -24.44 -12.07 -3.44
CA PRO D 100 -23.37 -12.14 -2.41
C PRO D 100 -23.08 -10.76 -1.84
N TYR D 101 -24.03 -10.25 -1.07
CA TYR D 101 -23.91 -8.94 -0.46
C TYR D 101 -24.49 -8.97 0.94
N GLY D 102 -24.02 -8.05 1.79
CA GLY D 102 -24.73 -7.66 2.98
C GLY D 102 -25.42 -6.32 2.78
N GLY D 103 -25.97 -5.79 3.87
CA GLY D 103 -26.82 -4.60 3.81
C GLY D 103 -26.14 -3.37 4.38
N ALA D 104 -26.42 -2.22 3.75
CA ALA D 104 -25.94 -0.93 4.24
C ALA D 104 -26.94 0.13 3.83
N LYS D 105 -26.87 1.29 4.47
CA LYS D 105 -27.68 2.45 4.12
C LYS D 105 -26.96 3.70 4.60
N GLY D 106 -26.96 4.73 3.77
CA GLY D 106 -26.22 5.93 4.09
C GLY D 106 -26.89 7.17 3.55
N GLY D 107 -26.23 8.31 3.65
CA GLY D 107 -26.81 9.53 3.12
C GLY D 107 -26.12 10.74 3.69
N ILE D 108 -26.72 11.91 3.39
CA ILE D 108 -26.31 13.19 3.95
C ILE D 108 -27.57 13.92 4.40
N GLY D 109 -27.52 14.48 5.60
CA GLY D 109 -28.63 15.30 6.05
C GLY D 109 -28.58 16.64 5.34
N CYS D 110 -29.35 16.78 4.26
CA CYS D 110 -29.38 18.03 3.51
C CYS D 110 -30.69 18.08 2.75
N ASP D 111 -31.02 19.27 2.25
CA ASP D 111 -32.19 19.45 1.40
C ASP D 111 -31.71 19.80 0.00
N PRO D 112 -31.69 18.86 -0.94
CA PRO D 112 -31.18 19.16 -2.28
C PRO D 112 -31.96 20.25 -2.99
N SER D 113 -33.24 20.45 -2.66
CA SER D 113 -33.98 21.50 -3.32
C SER D 113 -33.46 22.89 -2.97
N LYS D 114 -32.59 22.99 -1.97
CA LYS D 114 -32.06 24.30 -1.60
C LYS D 114 -30.60 24.47 -1.97
N LEU D 115 -30.06 23.55 -2.77
CA LEU D 115 -28.68 23.60 -3.20
C LEU D 115 -28.61 23.68 -4.72
N SER D 116 -27.69 24.50 -5.22
CA SER D 116 -27.45 24.54 -6.66
C SER D 116 -26.77 23.25 -7.12
N ILE D 117 -26.79 23.03 -8.43
CA ILE D 117 -26.20 21.83 -8.98
C ILE D 117 -24.70 21.81 -8.74
N SER D 118 -24.05 22.99 -8.72
CA SER D 118 -22.64 23.04 -8.36
C SER D 118 -22.43 22.67 -6.89
N GLU D 119 -23.29 23.17 -5.99
CA GLU D 119 -23.16 22.80 -4.59
C GLU D 119 -23.40 21.31 -4.39
N LEU D 120 -24.37 20.74 -5.10
CA LEU D 120 -24.61 19.31 -4.96
C LEU D 120 -23.42 18.49 -5.45
N GLU D 121 -22.77 18.94 -6.51
CA GLU D 121 -21.57 18.22 -6.97
C GLU D 121 -20.46 18.33 -5.93
N ARG D 122 -20.20 19.55 -5.42
CA ARG D 122 -19.17 19.72 -4.40
C ARG D 122 -19.45 18.86 -3.18
N LEU D 123 -20.70 18.86 -2.72
CA LEU D 123 -21.06 18.06 -1.56
C LEU D 123 -20.85 16.57 -1.82
N THR D 124 -21.25 16.11 -3.01
CA THR D 124 -21.08 14.69 -3.35
C THR D 124 -19.61 14.29 -3.38
N ARG D 125 -18.76 15.15 -3.94
CA ARG D 125 -17.33 14.83 -4.00
C ARG D 125 -16.69 14.89 -2.62
N VAL D 126 -17.06 15.89 -1.80
CA VAL D 126 -16.52 15.94 -0.45
C VAL D 126 -16.96 14.72 0.36
N PHE D 127 -18.24 14.34 0.26
CA PHE D 127 -18.70 13.12 0.93
C PHE D 127 -17.88 11.91 0.50
N THR D 128 -17.65 11.75 -0.80
CA THR D 128 -16.85 10.63 -1.29
C THR D 128 -15.44 10.66 -0.73
N GLN D 129 -14.80 11.83 -0.71
CA GLN D 129 -13.46 11.92 -0.12
C GLN D 129 -13.49 11.52 1.35
N LYS D 130 -14.59 11.82 2.06
CA LYS D 130 -14.64 11.53 3.49
C LYS D 130 -14.97 10.06 3.79
N ILE D 131 -15.48 9.29 2.84
CA ILE D 131 -15.80 7.89 3.13
C ILE D 131 -15.07 6.91 2.21
N HIS D 132 -14.21 7.38 1.30
CA HIS D 132 -13.69 6.51 0.26
C HIS D 132 -12.92 5.33 0.84
N ASP D 133 -12.21 5.55 1.94
CA ASP D 133 -11.47 4.48 2.58
C ASP D 133 -12.40 3.54 3.34
N LEU D 134 -13.71 3.85 3.44
CA LEU D 134 -14.64 3.02 4.19
C LEU D 134 -15.52 2.20 3.29
N ILE D 135 -15.50 2.48 1.99
CA ILE D 135 -16.33 1.77 1.01
C ILE D 135 -15.39 1.15 -0.02
N GLY D 136 -15.95 0.52 -1.04
CA GLY D 136 -15.07 -0.06 -2.03
C GLY D 136 -15.74 -1.19 -2.77
N ILE D 137 -15.15 -1.52 -3.91
CA ILE D 137 -15.73 -2.50 -4.83
C ILE D 137 -15.99 -3.83 -4.13
N HIS D 138 -15.14 -4.19 -3.17
CA HIS D 138 -15.31 -5.43 -2.42
C HIS D 138 -15.62 -5.17 -0.95
N THR D 139 -16.08 -3.96 -0.61
CA THR D 139 -16.32 -3.59 0.80
C THR D 139 -17.75 -3.11 1.01
N ASP D 140 -18.17 -2.14 0.20
CA ASP D 140 -19.48 -1.49 0.36
C ASP D 140 -19.77 -0.72 -0.92
N VAL D 141 -20.87 -1.03 -1.57
CA VAL D 141 -21.20 -0.53 -2.91
C VAL D 141 -22.47 0.30 -2.83
N PRO D 142 -22.36 1.63 -2.84
CA PRO D 142 -23.56 2.48 -2.73
C PRO D 142 -24.40 2.47 -4.02
N ALA D 143 -25.57 3.10 -3.92
CA ALA D 143 -26.56 3.15 -4.98
C ALA D 143 -27.42 4.39 -4.78
N PRO D 144 -28.21 4.79 -5.79
CA PRO D 144 -29.13 5.92 -5.58
C PRO D 144 -30.24 5.59 -4.59
N ASP D 145 -30.85 6.65 -4.07
CA ASP D 145 -31.98 6.58 -3.15
C ASP D 145 -32.69 7.93 -3.24
N MET D 146 -33.55 8.22 -2.27
CA MET D 146 -34.25 9.50 -2.24
C MET D 146 -33.23 10.65 -2.27
N GLY D 147 -33.42 11.58 -3.20
CA GLY D 147 -32.54 12.72 -3.34
C GLY D 147 -31.30 12.50 -4.19
N THR D 148 -31.03 11.28 -4.65
CA THR D 148 -29.87 11.03 -5.51
C THR D 148 -30.30 10.27 -6.76
N GLY D 149 -29.40 10.22 -7.74
CA GLY D 149 -29.71 9.59 -9.00
C GLY D 149 -28.46 9.19 -9.77
N PRO D 150 -28.64 8.85 -11.05
CA PRO D 150 -27.47 8.41 -11.86
C PRO D 150 -26.37 9.44 -11.92
N GLN D 151 -26.71 10.73 -11.99
CA GLN D 151 -25.68 11.77 -11.98
C GLN D 151 -24.92 11.80 -10.66
N THR D 152 -25.60 11.60 -9.52
CA THR D 152 -24.88 11.53 -8.25
C THR D 152 -23.88 10.38 -8.28
N MET D 153 -24.31 9.22 -8.76
CA MET D 153 -23.41 8.08 -8.80
C MET D 153 -22.22 8.35 -9.71
N ALA D 154 -22.44 9.08 -10.81
CA ALA D 154 -21.33 9.42 -11.71
C ALA D 154 -20.28 10.26 -10.97
N TRP D 155 -20.72 11.21 -10.16
CA TRP D 155 -19.78 12.04 -9.41
C TRP D 155 -19.06 11.23 -8.35
N ILE D 156 -19.75 10.32 -7.68
CA ILE D 156 -19.07 9.44 -6.74
C ILE D 156 -18.01 8.61 -7.45
N LEU D 157 -18.40 7.96 -8.55
CA LEU D 157 -17.47 7.14 -9.32
C LEU D 157 -16.23 7.95 -9.71
N ASP D 158 -16.45 9.18 -10.18
CA ASP D 158 -15.36 10.03 -10.65
C ASP D 158 -14.44 10.42 -9.51
N GLU D 159 -15.00 10.84 -8.38
CA GLU D 159 -14.13 11.21 -7.25
C GLU D 159 -13.43 9.98 -6.68
N TYR D 160 -14.15 8.87 -6.50
CA TYR D 160 -13.51 7.66 -5.96
C TYR D 160 -12.37 7.19 -6.83
N SER D 161 -12.52 7.31 -8.16
CA SER D 161 -11.53 6.82 -9.11
C SER D 161 -10.24 7.63 -9.06
N LYS D 162 -10.30 8.86 -8.55
CA LYS D 162 -9.07 9.61 -8.31
C LYS D 162 -8.21 8.94 -7.26
N PHE D 163 -8.82 8.25 -6.31
CA PHE D 163 -8.07 7.63 -5.24
C PHE D 163 -7.71 6.19 -5.55
N HIS D 164 -8.46 5.50 -6.40
CA HIS D 164 -8.27 4.06 -6.57
C HIS D 164 -8.18 3.61 -8.01
N GLY D 165 -8.06 4.51 -8.99
CA GLY D 165 -8.14 4.14 -10.37
C GLY D 165 -9.58 3.92 -10.81
N TYR D 166 -9.77 3.77 -12.12
CA TYR D 166 -11.13 3.68 -12.66
C TYR D 166 -11.89 2.52 -12.00
N SER D 167 -12.97 2.82 -11.29
CA SER D 167 -13.62 1.83 -10.44
C SER D 167 -15.12 1.87 -10.63
N PRO D 168 -15.61 1.52 -11.83
CA PRO D 168 -17.06 1.61 -12.09
C PRO D 168 -17.88 0.73 -11.18
N ALA D 169 -17.32 -0.36 -10.67
CA ALA D 169 -18.10 -1.22 -9.78
C ALA D 169 -18.27 -0.66 -8.38
N VAL D 170 -17.73 0.53 -8.07
CA VAL D 170 -17.87 1.02 -6.70
C VAL D 170 -19.29 1.52 -6.42
N VAL D 171 -20.06 1.89 -7.45
CA VAL D 171 -21.46 2.25 -7.28
C VAL D 171 -22.29 1.56 -8.35
N THR D 172 -23.57 1.33 -8.06
CA THR D 172 -24.52 0.91 -9.09
C THR D 172 -25.51 2.04 -9.33
N GLY D 173 -26.38 1.85 -10.32
CA GLY D 173 -27.28 2.92 -10.73
C GLY D 173 -26.61 3.97 -11.59
N LYS D 174 -25.44 3.65 -12.16
CA LYS D 174 -24.72 4.55 -13.03
C LYS D 174 -25.46 4.70 -14.36
N PRO D 175 -25.24 5.79 -15.09
CA PRO D 175 -25.69 5.85 -16.48
C PRO D 175 -25.06 4.71 -17.30
N ILE D 176 -25.78 4.29 -18.35
CA ILE D 176 -25.31 3.21 -19.21
C ILE D 176 -23.90 3.49 -19.72
N ASP D 177 -23.64 4.75 -20.08
CA ASP D 177 -22.34 5.15 -20.63
C ASP D 177 -21.18 5.02 -19.65
N LEU D 178 -21.44 4.90 -18.35
CA LEU D 178 -20.39 4.73 -17.36
C LEU D 178 -20.41 3.35 -16.73
N GLY D 179 -21.07 2.39 -17.37
CA GLY D 179 -21.13 1.04 -16.85
C GLY D 179 -22.45 0.61 -16.25
N GLY D 180 -23.52 1.40 -16.35
CA GLY D 180 -24.82 0.91 -15.92
C GLY D 180 -25.27 -0.26 -16.78
N SER D 181 -26.07 -1.13 -16.19
CA SER D 181 -26.45 -2.35 -16.88
C SER D 181 -27.66 -2.12 -17.77
N LEU D 182 -27.67 -2.77 -18.93
CA LEU D 182 -28.92 -2.83 -19.68
C LEU D 182 -29.97 -3.59 -18.86
N GLY D 183 -31.24 -3.26 -19.10
CA GLY D 183 -32.32 -3.92 -18.40
C GLY D 183 -32.57 -3.42 -16.99
N ARG D 184 -31.80 -2.44 -16.51
CA ARG D 184 -32.03 -1.94 -15.15
C ARG D 184 -33.37 -1.23 -15.04
N ASP D 185 -33.76 -0.52 -16.09
CA ASP D 185 -35.00 0.25 -16.04
C ASP D 185 -36.20 -0.68 -15.81
N ALA D 186 -36.26 -1.79 -16.54
CA ALA D 186 -37.35 -2.75 -16.46
C ALA D 186 -37.19 -3.75 -15.31
N ALA D 187 -36.09 -3.70 -14.57
CA ALA D 187 -35.70 -4.83 -13.71
C ALA D 187 -36.76 -5.15 -12.66
N THR D 188 -37.24 -4.15 -11.92
CA THR D 188 -38.18 -4.44 -10.83
C THR D 188 -39.52 -4.91 -11.39
N GLY D 189 -40.04 -4.23 -12.41
CA GLY D 189 -41.28 -4.67 -13.00
C GLY D 189 -41.18 -6.05 -13.61
N ARG D 190 -40.06 -6.32 -14.29
CA ARG D 190 -39.87 -7.65 -14.87
C ARG D 190 -39.81 -8.70 -13.78
N GLY D 191 -39.14 -8.38 -12.66
CA GLY D 191 -39.11 -9.31 -11.53
C GLY D 191 -40.47 -9.53 -10.92
N VAL D 192 -41.30 -8.47 -10.85
CA VAL D 192 -42.68 -8.63 -10.42
C VAL D 192 -43.39 -9.63 -11.31
N MET D 193 -43.17 -9.55 -12.61
CA MET D 193 -43.81 -10.48 -13.53
C MET D 193 -43.27 -11.91 -13.35
N PHE D 194 -41.95 -12.08 -13.15
CA PHE D 194 -41.35 -13.40 -12.92
C PHE D 194 -41.88 -14.04 -11.64
N GLY D 195 -41.88 -13.28 -10.54
CA GLY D 195 -42.38 -13.83 -9.30
C GLY D 195 -43.86 -14.17 -9.35
N THR D 196 -44.64 -13.39 -10.10
CA THR D 196 -46.05 -13.72 -10.27
C THR D 196 -46.23 -15.04 -11.01
N GLU D 197 -45.47 -15.26 -12.08
CA GLU D 197 -45.58 -16.51 -12.80
C GLU D 197 -45.12 -17.69 -11.95
N ALA D 198 -44.06 -17.51 -11.16
CA ALA D 198 -43.59 -18.59 -10.28
C ALA D 198 -44.63 -18.94 -9.23
N LEU D 199 -45.25 -17.91 -8.62
CA LEU D 199 -46.29 -18.18 -7.64
C LEU D 199 -47.50 -18.83 -8.28
N LEU D 200 -47.91 -18.35 -9.47
CA LEU D 200 -49.08 -18.92 -10.13
C LEU D 200 -48.86 -20.38 -10.50
N ASN D 201 -47.67 -20.71 -11.00
CA ASN D 201 -47.37 -22.10 -11.33
C ASN D 201 -47.55 -23.03 -10.14
N GLU D 202 -47.15 -22.57 -8.94
CA GLU D 202 -47.33 -23.40 -7.75
C GLU D 202 -48.79 -23.76 -7.53
N HIS D 203 -49.71 -22.91 -7.98
CA HIS D 203 -51.14 -23.15 -7.87
C HIS D 203 -51.71 -23.69 -9.18
N GLY D 204 -50.86 -24.16 -10.09
CA GLY D 204 -51.31 -24.68 -11.36
C GLY D 204 -51.89 -23.65 -12.29
N LYS D 205 -51.49 -22.39 -12.16
CA LYS D 205 -52.02 -21.33 -13.00
C LYS D 205 -50.90 -20.66 -13.79
N THR D 206 -51.31 -19.85 -14.76
CA THR D 206 -50.39 -19.10 -15.59
C THR D 206 -50.94 -17.68 -15.74
N ILE D 207 -50.03 -16.75 -16.05
CA ILE D 207 -50.42 -15.34 -16.19
C ILE D 207 -51.49 -15.18 -17.26
N SER D 208 -51.37 -15.92 -18.36
CA SER D 208 -52.28 -15.74 -19.48
C SER D 208 -53.72 -15.95 -19.03
N GLY D 209 -54.56 -14.93 -19.26
CA GLY D 209 -55.95 -14.99 -18.90
C GLY D 209 -56.28 -14.41 -17.55
N GLN D 210 -55.32 -14.33 -16.63
CA GLN D 210 -55.59 -13.76 -15.32
C GLN D 210 -55.89 -12.27 -15.45
N ARG D 211 -56.73 -11.78 -14.55
CA ARG D 211 -57.12 -10.37 -14.53
C ARG D 211 -56.36 -9.66 -13.40
N PHE D 212 -55.63 -8.61 -13.77
CA PHE D 212 -54.76 -7.88 -12.85
C PHE D 212 -55.32 -6.49 -12.58
N VAL D 213 -55.18 -6.03 -11.35
CA VAL D 213 -55.38 -4.63 -11.00
C VAL D 213 -54.07 -4.08 -10.48
N ILE D 214 -53.62 -2.96 -11.03
CA ILE D 214 -52.32 -2.40 -10.69
C ILE D 214 -52.50 -0.98 -10.16
N GLN D 215 -52.03 -0.74 -8.95
CA GLN D 215 -52.06 0.58 -8.32
C GLN D 215 -50.66 1.20 -8.43
N GLY D 216 -50.56 2.32 -9.14
CA GLY D 216 -49.25 2.89 -9.43
C GLY D 216 -48.81 2.58 -10.85
N PHE D 217 -48.29 3.58 -11.54
CA PHE D 217 -47.91 3.42 -12.94
C PHE D 217 -46.58 4.10 -13.19
N GLY D 218 -45.66 3.97 -12.24
CA GLY D 218 -44.34 4.54 -12.36
C GLY D 218 -43.36 3.53 -12.90
N ASN D 219 -42.13 3.56 -12.42
CA ASN D 219 -41.11 2.64 -12.91
C ASN D 219 -41.53 1.19 -12.72
N VAL D 220 -42.08 0.85 -11.55
CA VAL D 220 -42.48 -0.54 -11.29
C VAL D 220 -43.78 -0.86 -12.01
N GLY D 221 -44.82 -0.05 -11.78
CA GLY D 221 -46.16 -0.38 -12.28
C GLY D 221 -46.26 -0.43 -13.79
N SER D 222 -45.63 0.51 -14.48
CA SER D 222 -45.78 0.54 -15.94
C SER D 222 -45.05 -0.63 -16.58
N TRP D 223 -43.86 -0.96 -16.09
CA TRP D 223 -43.13 -2.10 -16.63
C TRP D 223 -43.81 -3.42 -16.27
N ALA D 224 -44.28 -3.55 -15.04
CA ALA D 224 -45.02 -4.77 -14.69
C ALA D 224 -46.24 -4.92 -15.58
N ALA D 225 -47.00 -3.82 -15.79
CA ALA D 225 -48.19 -3.90 -16.65
C ALA D 225 -47.81 -4.25 -18.08
N LYS D 226 -46.77 -3.64 -18.62
CA LYS D 226 -46.36 -3.92 -20.00
C LYS D 226 -45.95 -5.38 -20.16
N LEU D 227 -45.14 -5.89 -19.23
CA LEU D 227 -44.66 -7.26 -19.36
C LEU D 227 -45.74 -8.29 -19.01
N ILE D 228 -46.61 -7.99 -18.06
CA ILE D 228 -47.70 -8.91 -17.74
C ILE D 228 -48.68 -9.03 -18.90
N SER D 229 -49.06 -7.90 -19.52
CA SER D 229 -49.99 -8.00 -20.65
C SER D 229 -49.36 -8.72 -21.84
N GLU D 230 -48.05 -8.54 -22.06
CA GLU D 230 -47.39 -9.27 -23.13
C GLU D 230 -47.40 -10.78 -22.88
N LYS D 231 -47.51 -11.21 -21.63
CA LYS D 231 -47.66 -12.62 -21.29
C LYS D 231 -49.11 -13.04 -21.29
N GLY D 232 -49.99 -12.17 -21.74
CA GLY D 232 -51.38 -12.52 -21.82
C GLY D 232 -52.19 -12.12 -20.61
N GLY D 233 -51.60 -11.44 -19.64
CA GLY D 233 -52.40 -10.93 -18.54
C GLY D 233 -53.33 -9.85 -19.04
N LYS D 234 -54.54 -9.83 -18.48
CA LYS D 234 -55.51 -8.78 -18.79
C LYS D 234 -55.42 -7.76 -17.67
N ILE D 235 -54.93 -6.57 -18.00
CA ILE D 235 -54.82 -5.48 -17.03
C ILE D 235 -56.15 -4.75 -17.05
N VAL D 236 -57.03 -5.07 -16.10
CA VAL D 236 -58.39 -4.54 -16.19
C VAL D 236 -58.55 -3.18 -15.52
N ALA D 237 -57.67 -2.80 -14.61
CA ALA D 237 -57.76 -1.49 -14.00
C ALA D 237 -56.38 -1.03 -13.57
N VAL D 238 -56.11 0.26 -13.72
CA VAL D 238 -54.84 0.87 -13.34
C VAL D 238 -55.12 2.21 -12.69
N SER D 239 -54.29 2.60 -11.73
CA SER D 239 -54.40 3.94 -11.19
C SER D 239 -53.01 4.52 -10.97
N ASP D 240 -52.95 5.85 -10.89
CA ASP D 240 -51.74 6.56 -10.47
C ASP D 240 -52.19 7.79 -9.70
N ILE D 241 -51.27 8.75 -9.52
CA ILE D 241 -51.62 9.90 -8.70
C ILE D 241 -52.71 10.75 -9.34
N THR D 242 -52.96 10.60 -10.64
CA THR D 242 -53.94 11.43 -11.32
C THR D 242 -55.34 10.82 -11.38
N GLY D 243 -55.48 9.53 -11.16
CA GLY D 243 -56.80 8.93 -11.21
C GLY D 243 -56.71 7.45 -11.54
N ALA D 244 -57.89 6.84 -11.67
CA ALA D 244 -58.01 5.42 -11.94
C ALA D 244 -58.86 5.21 -13.19
N ILE D 245 -58.48 4.20 -13.98
CA ILE D 245 -59.14 3.86 -15.22
C ILE D 245 -59.38 2.36 -15.26
N LYS D 246 -60.41 1.94 -15.99
CA LYS D 246 -60.85 0.55 -15.99
C LYS D 246 -61.30 0.11 -17.37
N ASN D 247 -61.00 -1.15 -17.70
CA ASN D 247 -61.54 -1.80 -18.89
C ASN D 247 -61.55 -3.30 -18.63
N LYS D 248 -62.75 -3.86 -18.43
CA LYS D 248 -62.90 -5.26 -18.06
C LYS D 248 -62.32 -6.22 -19.09
N ASP D 249 -62.17 -5.80 -20.34
CA ASP D 249 -61.54 -6.64 -21.34
C ASP D 249 -60.02 -6.51 -21.35
N GLY D 250 -59.45 -5.62 -20.55
CA GLY D 250 -58.02 -5.40 -20.57
C GLY D 250 -57.64 -4.07 -21.19
N ILE D 251 -56.80 -3.30 -20.51
CA ILE D 251 -56.32 -2.02 -21.00
C ILE D 251 -55.16 -2.25 -21.96
N ASP D 252 -55.18 -1.56 -23.10
CA ASP D 252 -54.10 -1.58 -24.08
C ASP D 252 -52.91 -0.84 -23.48
N ILE D 253 -51.97 -1.57 -22.90
CA ILE D 253 -50.88 -0.94 -22.17
C ILE D 253 -49.98 -0.13 -23.11
N PRO D 254 -49.57 -0.66 -24.27
CA PRO D 254 -48.78 0.19 -25.19
C PRO D 254 -49.45 1.52 -25.51
N ALA D 255 -50.76 1.51 -25.74
CA ALA D 255 -51.49 2.77 -25.96
C ALA D 255 -51.50 3.62 -24.69
N LEU D 256 -51.68 2.99 -23.53
CA LEU D 256 -51.69 3.73 -22.27
C LEU D 256 -50.35 4.38 -22.00
N LEU D 257 -49.25 3.65 -22.24
CA LEU D 257 -47.91 4.19 -22.05
C LEU D 257 -47.71 5.42 -22.92
N LYS D 258 -48.13 5.32 -24.19
CA LYS D 258 -48.00 6.46 -25.09
C LYS D 258 -48.84 7.64 -24.59
N HIS D 259 -50.01 7.34 -24.02
CA HIS D 259 -50.85 8.39 -23.44
C HIS D 259 -50.20 9.04 -22.22
N THR D 260 -49.55 8.24 -21.37
CA THR D 260 -49.08 8.78 -20.09
C THR D 260 -47.86 9.68 -20.26
N LYS D 261 -47.07 9.49 -21.31
CA LYS D 261 -45.95 10.42 -21.49
C LYS D 261 -46.43 11.78 -22.00
N GLU D 262 -47.56 11.81 -22.71
CA GLU D 262 -48.06 13.05 -23.27
C GLU D 262 -49.00 13.78 -22.32
N HIS D 263 -49.41 13.13 -21.23
CA HIS D 263 -50.27 13.70 -20.19
C HIS D 263 -49.60 13.49 -18.84
N ARG D 264 -50.28 13.93 -17.78
CA ARG D 264 -49.71 13.79 -16.45
C ARG D 264 -49.97 12.42 -15.83
N GLY D 265 -50.64 11.53 -16.54
CA GLY D 265 -51.09 10.33 -15.89
C GLY D 265 -52.09 9.57 -16.74
N VAL D 266 -52.54 8.45 -16.17
CA VAL D 266 -53.50 7.64 -16.88
C VAL D 266 -54.84 8.35 -17.05
N LYS D 267 -55.10 9.41 -16.29
CA LYS D 267 -56.39 10.10 -16.44
C LYS D 267 -56.57 10.60 -17.87
N GLY D 268 -57.78 10.42 -18.40
CA GLY D 268 -58.15 10.84 -19.73
C GLY D 268 -57.78 9.91 -20.86
N PHE D 269 -57.33 8.69 -20.55
CA PHE D 269 -56.95 7.74 -21.59
C PHE D 269 -58.19 7.34 -22.39
N ASP D 270 -58.07 7.41 -23.73
CA ASP D 270 -59.22 7.18 -24.60
C ASP D 270 -59.68 5.73 -24.62
N GLY D 271 -58.82 4.80 -24.23
CA GLY D 271 -59.12 3.38 -24.32
C GLY D 271 -59.56 2.75 -23.01
N ALA D 272 -60.02 3.57 -22.06
CA ALA D 272 -60.48 3.08 -20.77
C ALA D 272 -61.40 4.10 -20.14
N ASP D 273 -62.36 3.62 -19.40
CA ASP D 273 -63.23 4.55 -18.71
C ASP D 273 -62.72 4.82 -17.29
N PRO D 274 -62.93 6.05 -16.80
CA PRO D 274 -62.48 6.39 -15.44
C PRO D 274 -63.32 5.72 -14.36
N ILE D 275 -62.68 5.41 -13.23
CA ILE D 275 -63.37 4.84 -12.08
C ILE D 275 -62.94 5.63 -10.86
N ASP D 276 -63.73 5.48 -9.79
CA ASP D 276 -63.41 6.03 -8.48
C ASP D 276 -62.03 5.55 -8.04
N PRO D 277 -61.08 6.45 -7.80
CA PRO D 277 -59.74 6.01 -7.37
C PRO D 277 -59.72 5.25 -6.05
N ASN D 278 -60.68 5.49 -5.16
CA ASN D 278 -60.68 4.78 -3.89
C ASN D 278 -61.24 3.37 -4.01
N SER D 279 -61.68 2.96 -5.19
CA SER D 279 -62.21 1.62 -5.40
C SER D 279 -61.22 0.70 -6.10
N ILE D 280 -60.00 1.18 -6.41
CA ILE D 280 -59.09 0.40 -7.25
C ILE D 280 -58.70 -0.89 -6.55
N LEU D 281 -58.51 -0.85 -5.22
CA LEU D 281 -58.02 -2.03 -4.51
C LEU D 281 -59.09 -3.11 -4.33
N VAL D 282 -60.38 -2.75 -4.38
CA VAL D 282 -61.45 -3.72 -4.18
C VAL D 282 -62.14 -4.08 -5.50
N GLU D 283 -61.50 -3.78 -6.63
CA GLU D 283 -62.02 -4.16 -7.93
C GLU D 283 -61.97 -5.68 -8.12
N ASP D 284 -62.96 -6.20 -8.83
CA ASP D 284 -62.97 -7.63 -9.14
C ASP D 284 -61.80 -7.99 -10.03
N CYS D 285 -61.00 -8.96 -9.60
CA CYS D 285 -59.86 -9.41 -10.37
C CYS D 285 -59.35 -10.70 -9.76
N ASP D 286 -58.32 -11.27 -10.37
CA ASP D 286 -57.63 -12.42 -9.84
C ASP D 286 -56.40 -12.03 -9.03
N ILE D 287 -55.66 -11.02 -9.48
CA ILE D 287 -54.37 -10.66 -8.94
C ILE D 287 -54.30 -9.16 -8.71
N LEU D 288 -53.97 -8.77 -7.49
CA LEU D 288 -53.86 -7.37 -7.11
C LEU D 288 -52.39 -7.01 -6.93
N VAL D 289 -51.94 -5.95 -7.59
CA VAL D 289 -50.54 -5.54 -7.55
C VAL D 289 -50.41 -4.12 -7.03
N PRO D 290 -50.30 -3.91 -5.72
CA PRO D 290 -50.03 -2.55 -5.20
C PRO D 290 -48.60 -2.12 -5.54
N ALA D 291 -48.46 -1.06 -6.33
CA ALA D 291 -47.15 -0.63 -6.81
C ALA D 291 -46.94 0.86 -6.62
N ALA D 292 -47.56 1.46 -5.60
CA ALA D 292 -47.44 2.90 -5.40
C ALA D 292 -46.86 3.24 -4.04
N LEU D 293 -47.72 3.28 -3.01
CA LEU D 293 -47.33 3.61 -1.66
C LEU D 293 -47.52 2.39 -0.76
N GLY D 294 -46.98 2.51 0.46
CA GLY D 294 -47.21 1.50 1.48
C GLY D 294 -48.48 1.75 2.27
N GLY D 295 -48.83 0.76 3.09
CA GLY D 295 -49.97 0.92 3.99
C GLY D 295 -51.32 1.07 3.32
N VAL D 296 -51.43 0.77 2.03
CA VAL D 296 -52.69 0.98 1.34
C VAL D 296 -53.68 -0.15 1.59
N ILE D 297 -53.21 -1.30 2.08
CA ILE D 297 -54.08 -2.42 2.43
C ILE D 297 -54.10 -2.56 3.95
N ASN D 298 -55.28 -2.36 4.55
CA ASN D 298 -55.43 -2.35 6.01
C ASN D 298 -56.76 -3.02 6.39
N ARG D 299 -57.11 -2.99 7.68
CA ARG D 299 -58.26 -3.72 8.19
C ARG D 299 -59.60 -3.23 7.65
N GLU D 300 -59.64 -2.08 6.98
CA GLU D 300 -60.91 -1.54 6.50
C GLU D 300 -61.25 -1.98 5.08
N ASN D 301 -60.25 -2.16 4.20
CA ASN D 301 -60.51 -2.69 2.87
C ASN D 301 -60.20 -4.18 2.74
N ALA D 302 -59.51 -4.76 3.74
CA ALA D 302 -59.00 -6.13 3.61
C ALA D 302 -60.10 -7.16 3.39
N ASN D 303 -61.23 -7.01 4.07
CA ASN D 303 -62.28 -8.02 4.00
C ASN D 303 -62.93 -8.08 2.63
N GLU D 304 -62.76 -7.04 1.82
CA GLU D 304 -63.42 -6.93 0.52
C GLU D 304 -62.46 -7.12 -0.66
N ILE D 305 -61.19 -7.44 -0.42
CA ILE D 305 -60.29 -7.68 -1.54
C ILE D 305 -60.83 -8.84 -2.35
N LYS D 306 -60.92 -8.65 -3.67
CA LYS D 306 -61.48 -9.67 -4.55
C LYS D 306 -60.42 -10.62 -5.09
N ALA D 307 -59.16 -10.18 -5.08
CA ALA D 307 -58.08 -10.96 -5.63
C ALA D 307 -57.80 -12.21 -4.80
N LYS D 308 -57.38 -13.27 -5.49
CA LYS D 308 -56.86 -14.47 -4.84
C LYS D 308 -55.38 -14.32 -4.49
N PHE D 309 -54.65 -13.45 -5.19
CA PHE D 309 -53.23 -13.22 -4.99
C PHE D 309 -52.95 -11.72 -4.89
N ILE D 310 -52.00 -11.36 -4.01
CA ILE D 310 -51.52 -9.99 -3.87
C ILE D 310 -50.02 -9.99 -4.13
N ILE D 311 -49.57 -9.19 -5.09
CA ILE D 311 -48.16 -9.09 -5.40
C ILE D 311 -47.67 -7.75 -4.86
N GLU D 312 -46.85 -7.80 -3.82
CA GLU D 312 -46.39 -6.59 -3.16
C GLU D 312 -45.23 -5.99 -3.97
N ALA D 313 -45.54 -5.17 -4.97
CA ALA D 313 -44.47 -4.48 -5.68
C ALA D 313 -43.92 -3.30 -4.89
N ALA D 314 -44.80 -2.49 -4.30
CA ALA D 314 -44.36 -1.42 -3.42
C ALA D 314 -43.81 -2.02 -2.13
N ASN D 315 -43.07 -1.20 -1.40
CA ASN D 315 -42.60 -1.61 -0.09
C ASN D 315 -43.69 -1.41 0.95
N HIS D 316 -43.91 -2.45 1.76
CA HIS D 316 -44.86 -2.45 2.86
C HIS D 316 -46.27 -2.01 2.46
N PRO D 317 -46.85 -2.61 1.41
CA PRO D 317 -48.23 -2.24 1.05
C PRO D 317 -49.29 -2.83 1.97
N THR D 318 -49.03 -3.93 2.66
CA THR D 318 -50.02 -4.57 3.52
C THR D 318 -49.59 -4.44 4.97
N ASP D 319 -50.51 -3.96 5.83
CA ASP D 319 -50.11 -3.89 7.23
C ASP D 319 -50.39 -5.22 7.93
N PRO D 320 -49.83 -5.43 9.13
CA PRO D 320 -50.02 -6.73 9.79
C PRO D 320 -51.48 -7.13 9.96
N ASP D 321 -52.36 -6.16 10.19
CA ASP D 321 -53.77 -6.48 10.42
C ASP D 321 -54.39 -7.16 9.20
N ALA D 322 -54.15 -6.60 8.00
CA ALA D 322 -54.69 -7.17 6.78
C ALA D 322 -54.05 -8.52 6.44
N ASP D 323 -52.76 -8.70 6.77
CA ASP D 323 -52.13 -10.01 6.58
C ASP D 323 -52.96 -11.11 7.22
N GLU D 324 -53.36 -10.90 8.47
CA GLU D 324 -54.19 -11.90 9.16
C GLU D 324 -55.56 -12.03 8.50
N ILE D 325 -56.20 -10.92 8.19
CA ILE D 325 -57.53 -10.97 7.59
C ILE D 325 -57.47 -11.71 6.26
N LEU D 326 -56.48 -11.36 5.42
CA LEU D 326 -56.41 -11.93 4.08
C LEU D 326 -55.98 -13.39 4.11
N SER D 327 -55.11 -13.76 5.04
CA SER D 327 -54.73 -15.16 5.18
C SER D 327 -55.96 -16.03 5.45
N LYS D 328 -56.83 -15.59 6.36
CA LYS D 328 -58.02 -16.38 6.65
C LYS D 328 -59.02 -16.36 5.50
N LYS D 329 -59.00 -15.32 4.66
CA LYS D 329 -59.83 -15.35 3.45
C LYS D 329 -59.22 -16.25 2.39
N GLY D 330 -58.05 -16.82 2.66
CA GLY D 330 -57.31 -17.66 1.73
C GLY D 330 -56.46 -16.91 0.72
N VAL D 331 -56.22 -15.62 0.93
CA VAL D 331 -55.45 -14.85 -0.04
C VAL D 331 -53.97 -15.10 0.18
N VAL D 332 -53.26 -15.37 -0.91
CA VAL D 332 -51.82 -15.61 -0.88
C VAL D 332 -51.12 -14.31 -1.23
N ILE D 333 -50.18 -13.89 -0.39
CA ILE D 333 -49.50 -12.61 -0.54
C ILE D 333 -48.02 -12.87 -0.81
N LEU D 334 -47.57 -12.46 -1.99
CA LEU D 334 -46.15 -12.56 -2.32
C LEU D 334 -45.42 -11.36 -1.71
N PRO D 335 -44.56 -11.57 -0.73
CA PRO D 335 -44.04 -10.45 0.04
C PRO D 335 -43.05 -9.60 -0.73
N ASP D 336 -43.08 -8.30 -0.41
CA ASP D 336 -42.25 -7.28 -1.09
C ASP D 336 -40.77 -7.65 -1.10
N ILE D 337 -40.27 -8.21 0.01
CA ILE D 337 -38.84 -8.43 0.13
C ILE D 337 -38.39 -9.33 -1.01
N TYR D 338 -39.28 -10.19 -1.51
CA TYR D 338 -39.01 -11.00 -2.68
C TYR D 338 -39.59 -10.40 -3.97
N ALA D 339 -40.84 -9.94 -3.92
CA ALA D 339 -41.56 -9.56 -5.13
C ALA D 339 -40.87 -8.44 -5.90
N ASN D 340 -40.30 -7.46 -5.20
CA ASN D 340 -39.67 -6.36 -5.90
C ASN D 340 -38.13 -6.47 -5.92
N SER D 341 -37.60 -7.67 -5.69
CA SER D 341 -36.15 -7.88 -5.62
C SER D 341 -35.48 -7.93 -7.00
N GLY D 342 -36.23 -7.78 -8.09
CA GLY D 342 -35.58 -7.69 -9.39
C GLY D 342 -34.62 -6.52 -9.47
N GLY D 343 -34.97 -5.39 -8.83
CA GLY D 343 -34.09 -4.23 -8.86
C GLY D 343 -32.74 -4.52 -8.26
N VAL D 344 -32.70 -5.07 -7.04
CA VAL D 344 -31.41 -5.26 -6.38
C VAL D 344 -30.65 -6.39 -7.06
N THR D 345 -31.35 -7.36 -7.65
CA THR D 345 -30.65 -8.44 -8.35
C THR D 345 -29.95 -7.91 -9.60
N VAL D 346 -30.61 -7.04 -10.36
CA VAL D 346 -29.94 -6.51 -11.54
C VAL D 346 -28.84 -5.55 -11.13
N SER D 347 -28.96 -4.89 -9.97
CA SER D 347 -27.83 -4.08 -9.49
C SER D 347 -26.63 -4.97 -9.15
N TYR D 348 -26.87 -6.16 -8.62
CA TYR D 348 -25.79 -7.13 -8.51
C TYR D 348 -25.19 -7.45 -9.87
N PHE D 349 -26.05 -7.67 -10.88
CA PHE D 349 -25.52 -8.00 -12.21
C PHE D 349 -24.69 -6.85 -12.77
N GLU D 350 -25.06 -5.60 -12.49
CA GLU D 350 -24.27 -4.46 -12.93
C GLU D 350 -22.86 -4.52 -12.35
N TRP D 351 -22.78 -4.75 -11.03
CA TRP D 351 -21.50 -4.92 -10.37
C TRP D 351 -20.69 -6.05 -11.00
N VAL D 352 -21.34 -7.18 -11.26
CA VAL D 352 -20.64 -8.30 -11.88
C VAL D 352 -20.02 -7.89 -13.20
N GLN D 353 -20.82 -7.26 -14.06
CA GLN D 353 -20.34 -6.85 -15.37
C GLN D 353 -19.17 -5.88 -15.26
N ASN D 354 -19.22 -4.95 -14.30
CA ASN D 354 -18.12 -4.02 -14.11
C ASN D 354 -16.87 -4.74 -13.62
N ILE D 355 -17.04 -5.63 -12.63
CA ILE D 355 -15.95 -6.45 -12.11
C ILE D 355 -15.32 -7.28 -13.23
N GLN D 356 -16.15 -7.82 -14.12
CA GLN D 356 -15.66 -8.65 -15.21
C GLN D 356 -15.13 -7.85 -16.38
N GLY D 357 -15.22 -6.51 -16.32
CA GLY D 357 -14.73 -5.61 -17.36
C GLY D 357 -15.45 -5.70 -18.69
N PHE D 358 -16.68 -6.21 -18.73
CA PHE D 358 -17.34 -6.54 -20.00
C PHE D 358 -18.84 -6.59 -19.76
N MET D 359 -19.57 -5.71 -20.43
CA MET D 359 -21.01 -5.59 -20.22
C MET D 359 -21.75 -6.67 -21.00
N TRP D 360 -22.91 -7.07 -20.48
CA TRP D 360 -23.77 -8.08 -21.08
C TRP D 360 -24.85 -7.45 -21.97
N GLU D 361 -25.33 -8.25 -22.93
CA GLU D 361 -26.54 -7.93 -23.67
C GLU D 361 -27.77 -8.03 -22.76
N GLU D 362 -28.82 -7.29 -23.14
CA GLU D 362 -30.01 -7.24 -22.30
C GLU D 362 -30.64 -8.62 -22.13
N GLU D 363 -30.60 -9.42 -23.18
CA GLU D 363 -31.14 -10.77 -23.14
C GLU D 363 -30.48 -11.59 -22.04
N LYS D 364 -29.16 -11.44 -21.89
CA LYS D 364 -28.48 -12.20 -20.84
C LYS D 364 -28.87 -11.71 -19.46
N VAL D 365 -28.96 -10.38 -19.28
CA VAL D 365 -29.38 -9.83 -17.99
C VAL D 365 -30.75 -10.39 -17.61
N ASN D 366 -31.68 -10.38 -18.54
CA ASN D 366 -33.03 -10.81 -18.26
C ASN D 366 -33.11 -12.30 -18.05
N ASP D 367 -32.27 -13.07 -18.74
CA ASP D 367 -32.27 -14.52 -18.52
C ASP D 367 -31.71 -14.87 -17.14
N GLU D 368 -30.63 -14.20 -16.73
CA GLU D 368 -30.09 -14.44 -15.39
C GLU D 368 -31.07 -14.00 -14.31
N LEU D 369 -31.76 -12.87 -14.52
CA LEU D 369 -32.76 -12.42 -13.56
C LEU D 369 -33.84 -13.48 -13.38
N LYS D 370 -34.32 -14.08 -14.49
CA LYS D 370 -35.33 -15.12 -14.37
C LYS D 370 -34.80 -16.31 -13.57
N THR D 371 -33.55 -16.70 -13.81
CA THR D 371 -32.93 -17.80 -13.08
C THR D 371 -32.86 -17.49 -11.58
N TYR D 372 -32.36 -16.31 -11.24
CA TYR D 372 -32.22 -15.93 -9.84
C TYR D 372 -33.57 -15.88 -9.14
N MET D 373 -34.57 -15.29 -9.79
CA MET D 373 -35.85 -15.15 -9.10
C MET D 373 -36.66 -16.43 -9.06
N THR D 374 -36.46 -17.32 -10.04
CA THR D 374 -37.08 -18.64 -9.96
C THR D 374 -36.52 -19.44 -8.80
N ARG D 375 -35.20 -19.42 -8.64
CA ARG D 375 -34.55 -20.15 -7.57
C ARG D 375 -34.91 -19.58 -6.20
N SER D 376 -34.91 -18.25 -6.07
CA SER D 376 -35.31 -17.63 -4.80
C SER D 376 -36.72 -18.03 -4.43
N PHE D 377 -37.64 -18.06 -5.40
CA PHE D 377 -38.99 -18.46 -5.06
C PHE D 377 -39.04 -19.91 -4.60
N LYS D 378 -38.28 -20.79 -5.27
CA LYS D 378 -38.27 -22.18 -4.85
C LYS D 378 -37.72 -22.33 -3.43
N ASP D 379 -36.64 -21.62 -3.11
CA ASP D 379 -36.07 -21.72 -1.77
C ASP D 379 -37.02 -21.14 -0.73
N LEU D 380 -37.65 -20.01 -1.07
CA LEU D 380 -38.67 -19.40 -0.24
C LEU D 380 -39.84 -20.34 0.01
N LYS D 381 -40.32 -20.99 -1.06
CA LYS D 381 -41.44 -21.92 -0.91
C LYS D 381 -41.04 -23.12 -0.06
N GLU D 382 -39.81 -23.61 -0.21
CA GLU D 382 -39.37 -24.75 0.61
C GLU D 382 -39.23 -24.36 2.08
N MET D 383 -38.77 -23.13 2.36
CA MET D 383 -38.70 -22.68 3.74
C MET D 383 -40.09 -22.69 4.40
N CYS D 384 -41.13 -22.32 3.64
CA CYS D 384 -42.50 -22.32 4.16
C CYS D 384 -42.95 -23.72 4.56
N LYS D 385 -42.58 -24.73 3.79
CA LYS D 385 -42.93 -26.10 4.16
C LYS D 385 -42.20 -26.52 5.43
N THR D 386 -40.89 -26.24 5.49
CA THR D 386 -40.10 -26.64 6.65
C THR D 386 -40.65 -26.08 7.95
N HIS D 387 -41.07 -24.81 7.93
CA HIS D 387 -41.43 -24.10 9.14
C HIS D 387 -42.91 -23.79 9.26
N SER D 388 -43.76 -24.38 8.40
CA SER D 388 -45.21 -24.21 8.44
C SER D 388 -45.63 -22.75 8.60
N CYS D 389 -45.12 -21.90 7.71
CA CYS D 389 -45.37 -20.47 7.80
C CYS D 389 -45.81 -19.93 6.45
N ASP D 390 -46.24 -18.67 6.43
CA ASP D 390 -46.68 -18.01 5.20
C ASP D 390 -45.48 -17.59 4.35
N LEU D 391 -45.77 -17.02 3.19
CA LEU D 391 -44.72 -16.61 2.25
C LEU D 391 -43.81 -15.54 2.87
N ARG D 392 -44.39 -14.58 3.59
CA ARG D 392 -43.57 -13.52 4.19
C ARG D 392 -42.55 -14.08 5.16
N MET D 393 -42.98 -14.98 6.04
CA MET D 393 -42.05 -15.54 7.02
C MET D 393 -41.08 -16.53 6.39
N GLY D 394 -41.51 -17.23 5.34
CA GLY D 394 -40.56 -18.04 4.59
C GLY D 394 -39.43 -17.21 4.03
N ALA D 395 -39.72 -15.98 3.59
CA ALA D 395 -38.68 -15.13 3.03
C ALA D 395 -37.73 -14.65 4.12
N PHE D 396 -38.28 -14.17 5.24
CA PHE D 396 -37.40 -13.73 6.33
C PHE D 396 -36.58 -14.87 6.91
N THR D 397 -37.18 -16.04 7.14
CA THR D 397 -36.37 -17.12 7.67
C THR D 397 -35.32 -17.55 6.65
N LEU D 398 -35.65 -17.50 5.36
CA LEU D 398 -34.64 -17.85 4.36
C LEU D 398 -33.45 -16.90 4.44
N GLY D 399 -33.72 -15.60 4.52
CA GLY D 399 -32.63 -14.63 4.54
C GLY D 399 -31.85 -14.66 5.84
N VAL D 400 -32.54 -14.67 6.96
CA VAL D 400 -31.85 -14.75 8.25
C VAL D 400 -31.03 -16.03 8.32
N ASN D 401 -31.58 -17.14 7.84
CA ASN D 401 -30.84 -18.40 7.93
C ASN D 401 -29.55 -18.36 7.13
N ARG D 402 -29.60 -17.77 5.92
CA ARG D 402 -28.38 -17.67 5.10
C ARG D 402 -27.33 -16.81 5.78
N VAL D 403 -27.73 -15.68 6.36
CA VAL D 403 -26.76 -14.81 7.03
C VAL D 403 -26.20 -15.51 8.26
N ALA D 404 -27.06 -16.17 9.02
CA ALA D 404 -26.59 -16.87 10.22
C ALA D 404 -25.61 -17.97 9.86
N GLN D 405 -25.90 -18.75 8.82
CA GLN D 405 -25.02 -19.86 8.48
C GLN D 405 -23.66 -19.35 7.98
N ALA D 406 -23.65 -18.28 7.20
CA ALA D 406 -22.36 -17.72 6.76
C ALA D 406 -21.58 -17.21 7.97
N THR D 407 -22.27 -16.53 8.90
CA THR D 407 -21.60 -16.02 10.09
C THR D 407 -20.99 -17.15 10.91
N ILE D 408 -21.74 -18.22 11.11
CA ILE D 408 -21.26 -19.36 11.89
C ILE D 408 -20.06 -20.03 11.20
N LEU D 409 -20.13 -20.22 9.89
CA LEU D 409 -19.01 -20.83 9.18
C LEU D 409 -17.75 -19.99 9.31
N ARG D 410 -17.87 -18.65 9.21
CA ARG D 410 -16.67 -17.82 9.28
C ARG D 410 -16.11 -17.76 10.69
N GLY D 411 -16.95 -17.97 11.72
CA GLY D 411 -16.45 -18.13 13.09
C GLY D 411 -16.15 -16.82 13.79
N TRP D 412 -15.68 -16.94 15.05
CA TRP D 412 -15.43 -15.78 15.91
C TRP D 412 -14.08 -15.75 16.62
N GLY D 413 -13.12 -16.59 16.24
CA GLY D 413 -11.80 -16.46 16.82
C GLY D 413 -11.13 -15.16 16.39
N ALA D 414 -10.13 -14.75 17.16
CA ALA D 414 -9.39 -13.51 16.85
C ALA D 414 -8.18 -13.79 15.94
N ALA E 8 21.29 29.50 -16.79
CA ALA E 8 22.00 30.51 -17.56
C ALA E 8 23.29 29.92 -18.16
N ALA E 9 24.41 30.22 -17.49
CA ALA E 9 25.66 29.51 -17.72
C ALA E 9 25.77 28.29 -16.82
N THR E 10 24.63 27.72 -16.41
CA THR E 10 24.66 26.56 -15.52
C THR E 10 25.29 25.37 -16.21
N ASN E 11 25.00 25.17 -17.50
CA ASN E 11 25.54 23.99 -18.16
C ASN E 11 27.01 24.14 -18.48
N ARG E 12 27.53 25.37 -18.56
CA ARG E 12 28.96 25.55 -18.78
C ARG E 12 29.76 25.20 -17.53
N ASN E 13 29.31 25.66 -16.36
CA ASN E 13 30.01 25.41 -15.11
C ASN E 13 30.07 23.92 -14.81
N PHE E 14 28.96 23.21 -15.05
CA PHE E 14 28.92 21.77 -14.84
C PHE E 14 29.95 21.06 -15.71
N LYS E 15 29.98 21.37 -17.00
CA LYS E 15 30.87 20.64 -17.91
C LYS E 15 32.32 20.87 -17.55
N LEU E 16 32.65 22.10 -17.15
CA LEU E 16 33.97 22.39 -16.63
C LEU E 16 34.26 21.59 -15.36
N ALA E 17 33.29 21.53 -14.45
CA ALA E 17 33.47 20.76 -13.22
C ALA E 17 33.65 19.28 -13.54
N ALA E 18 32.86 18.77 -14.48
CA ALA E 18 33.01 17.37 -14.87
C ALA E 18 34.38 17.10 -15.46
N ARG E 19 34.96 18.07 -16.17
CA ARG E 19 36.30 17.92 -16.72
C ARG E 19 37.36 18.02 -15.62
N LEU E 20 37.19 18.95 -14.67
CA LEU E 20 38.12 19.01 -13.54
C LEU E 20 38.18 17.68 -12.81
N LEU E 21 37.02 17.07 -12.56
CA LEU E 21 36.97 15.71 -12.04
C LEU E 21 37.35 14.78 -13.18
N GLY E 22 37.59 13.51 -12.88
CA GLY E 22 37.97 12.71 -14.04
C GLY E 22 36.78 12.08 -14.72
N LEU E 23 35.62 12.76 -14.72
CA LEU E 23 34.34 12.10 -14.95
C LEU E 23 34.28 11.45 -16.33
N ASP E 24 33.87 10.19 -16.35
CA ASP E 24 33.62 9.51 -17.62
C ASP E 24 32.53 10.23 -18.41
N SER E 25 32.72 10.36 -19.73
CA SER E 25 31.78 11.16 -20.52
C SER E 25 30.37 10.56 -20.48
N LYS E 26 30.25 9.23 -20.41
CA LYS E 26 28.90 8.64 -20.35
C LYS E 26 28.25 8.85 -18.99
N LEU E 27 29.04 8.86 -17.91
CA LEU E 27 28.48 9.22 -16.62
C LEU E 27 28.05 10.68 -16.61
N GLU E 28 28.88 11.56 -17.17
CA GLU E 28 28.53 12.96 -17.30
C GLU E 28 27.23 13.14 -18.07
N LYS E 29 27.08 12.45 -19.19
CA LYS E 29 25.83 12.56 -19.95
C LYS E 29 24.65 12.15 -19.09
N SER E 30 24.79 11.06 -18.33
CA SER E 30 23.72 10.63 -17.45
C SER E 30 23.40 11.70 -16.41
N LEU E 31 24.42 12.28 -15.78
CA LEU E 31 24.14 13.31 -14.77
C LEU E 31 23.40 14.50 -15.37
N LEU E 32 23.56 14.75 -16.66
CA LEU E 32 22.91 15.89 -17.29
C LEU E 32 21.40 15.64 -17.53
N ILE E 33 21.02 14.41 -17.86
CA ILE E 33 19.62 14.11 -18.19
C ILE E 33 18.78 14.10 -16.91
N PRO E 34 17.66 14.80 -16.84
CA PRO E 34 16.83 14.70 -15.62
C PRO E 34 16.26 13.30 -15.42
N PHE E 35 16.23 12.87 -14.16
CA PHE E 35 15.54 11.64 -13.77
C PHE E 35 14.15 11.55 -14.38
N ARG E 36 13.36 12.62 -14.26
CA ARG E 36 11.98 12.58 -14.74
C ARG E 36 11.50 14.01 -14.99
N GLU E 37 10.80 14.22 -16.11
CA GLU E 37 10.09 15.46 -16.41
C GLU E 37 8.61 15.18 -16.53
N ILE E 38 7.79 16.03 -15.91
CA ILE E 38 6.34 15.81 -15.78
C ILE E 38 5.61 17.04 -16.31
N LYS E 39 4.62 16.82 -17.17
CA LYS E 39 3.72 17.88 -17.59
C LYS E 39 2.29 17.38 -17.39
N VAL E 40 1.44 18.19 -16.72
CA VAL E 40 0.07 17.77 -16.41
C VAL E 40 -0.96 18.84 -16.76
N GLU E 41 -2.14 18.40 -17.18
CA GLU E 41 -3.25 19.33 -17.38
C GLU E 41 -3.85 19.73 -16.05
N CYS E 42 -4.04 21.03 -15.84
CA CYS E 42 -4.73 21.51 -14.64
C CYS E 42 -5.90 22.36 -15.13
N THR E 43 -7.08 21.75 -15.17
CA THR E 43 -8.29 22.43 -15.62
C THR E 43 -9.21 22.63 -14.42
N ILE E 44 -9.68 23.86 -14.23
CA ILE E 44 -10.55 24.17 -13.09
C ILE E 44 -11.74 24.97 -13.60
N PRO E 45 -12.88 24.88 -12.94
CA PRO E 45 -13.92 25.88 -13.18
C PRO E 45 -13.49 27.21 -12.54
N LYS E 46 -13.60 28.28 -13.31
CA LYS E 46 -13.34 29.59 -12.73
C LYS E 46 -14.54 30.02 -11.90
N ASP E 47 -14.38 31.14 -11.19
CA ASP E 47 -15.45 31.63 -10.34
C ASP E 47 -16.74 31.89 -11.12
N ASP E 48 -16.63 32.23 -12.40
CA ASP E 48 -17.83 32.42 -13.23
C ASP E 48 -18.39 31.11 -13.80
N GLY E 49 -17.89 29.96 -13.37
CA GLY E 49 -18.36 28.68 -13.83
C GLY E 49 -17.64 28.12 -15.05
N THR E 50 -17.05 28.98 -15.87
CA THR E 50 -16.39 28.53 -17.09
C THR E 50 -15.05 27.87 -16.79
N LEU E 51 -14.61 27.03 -17.72
CA LEU E 51 -13.38 26.25 -17.57
C LEU E 51 -12.15 27.06 -17.94
N ALA E 52 -11.08 26.83 -17.21
CA ALA E 52 -9.77 27.37 -17.55
C ALA E 52 -8.77 26.23 -17.45
N SER E 53 -7.92 26.08 -18.46
CA SER E 53 -6.93 25.01 -18.49
C SER E 53 -5.54 25.60 -18.40
N PHE E 54 -4.75 25.07 -17.47
CA PHE E 54 -3.39 25.50 -17.21
C PHE E 54 -2.49 24.28 -17.34
N VAL E 55 -1.20 24.54 -17.54
CA VAL E 55 -0.18 23.51 -17.62
C VAL E 55 0.63 23.52 -16.33
N GLY E 56 0.61 22.42 -15.61
CA GLY E 56 1.48 22.22 -14.46
C GLY E 56 2.68 21.38 -14.87
N PHE E 57 3.77 21.54 -14.15
CA PHE E 57 4.98 20.84 -14.57
C PHE E 57 5.89 20.64 -13.37
N ARG E 58 6.78 19.66 -13.51
CA ARG E 58 7.81 19.42 -12.50
C ARG E 58 8.98 18.73 -13.18
N VAL E 59 10.17 19.32 -13.13
CA VAL E 59 11.38 18.64 -13.54
C VAL E 59 12.03 18.07 -12.28
N GLN E 60 12.19 16.76 -12.25
CA GLN E 60 12.88 16.08 -11.17
C GLN E 60 14.25 15.65 -11.69
N HIS E 61 15.30 16.41 -11.35
CA HIS E 61 16.57 16.26 -12.05
C HIS E 61 17.40 15.07 -11.53
N ASP E 62 17.57 14.95 -10.23
CA ASP E 62 18.46 13.90 -9.71
C ASP E 62 18.05 13.54 -8.30
N ASN E 63 18.14 12.25 -7.98
CA ASN E 63 17.83 11.79 -6.63
C ASN E 63 18.88 10.84 -6.06
N ALA E 64 20.11 10.88 -6.56
CA ALA E 64 21.14 9.98 -6.04
C ALA E 64 21.38 10.17 -4.55
N ARG E 65 21.38 11.41 -4.09
CA ARG E 65 21.71 11.77 -2.72
C ARG E 65 20.48 11.88 -1.81
N GLY E 66 19.28 11.63 -2.33
CA GLY E 66 18.08 11.68 -1.52
C GLY E 66 16.89 12.20 -2.29
N PRO E 67 15.79 12.49 -1.60
CA PRO E 67 14.61 13.04 -2.29
C PRO E 67 14.94 14.32 -3.05
N MET E 68 14.21 14.56 -4.12
CA MET E 68 14.34 15.84 -4.81
C MET E 68 13.72 16.95 -3.97
N LYS E 69 14.17 18.17 -4.22
CA LYS E 69 13.81 19.35 -3.46
C LYS E 69 13.73 20.50 -4.44
N GLY E 70 12.67 21.32 -4.37
CA GLY E 70 12.67 22.49 -5.22
C GLY E 70 11.37 23.27 -5.26
N GLY E 71 11.44 24.53 -5.70
CA GLY E 71 10.28 25.40 -5.60
C GLY E 71 9.20 25.16 -6.65
N ILE E 72 8.02 25.72 -6.37
CA ILE E 72 6.87 25.69 -7.25
C ILE E 72 6.59 27.13 -7.67
N ARG E 73 6.67 27.40 -8.97
CA ARG E 73 6.55 28.77 -9.47
C ARG E 73 5.19 28.95 -10.14
N TYR E 74 4.41 29.93 -9.69
CA TYR E 74 3.19 30.32 -10.40
C TYR E 74 3.52 31.60 -11.17
N HIS E 75 3.74 31.46 -12.48
CA HIS E 75 4.21 32.58 -13.31
C HIS E 75 3.87 32.27 -14.76
N PRO E 76 3.46 33.26 -15.56
CA PRO E 76 3.04 32.95 -16.94
C PRO E 76 4.18 32.55 -17.86
N GLU E 77 5.42 32.95 -17.57
CA GLU E 77 6.55 32.73 -18.48
C GLU E 77 7.27 31.45 -18.11
N VAL E 78 6.82 30.35 -18.69
CA VAL E 78 7.48 29.06 -18.56
C VAL E 78 8.45 28.86 -19.70
N ASP E 79 9.73 28.61 -19.38
CA ASP E 79 10.72 28.26 -20.40
C ASP E 79 11.32 26.92 -20.03
N PRO E 80 11.21 25.89 -20.87
CA PRO E 80 11.64 24.55 -20.45
C PRO E 80 13.13 24.44 -20.18
N ASP E 81 13.94 25.13 -20.98
CA ASP E 81 15.38 25.14 -20.76
C ASP E 81 15.72 25.76 -19.41
N GLU E 82 15.09 26.87 -19.04
CA GLU E 82 15.44 27.47 -17.76
C GLU E 82 14.98 26.59 -16.60
N VAL E 83 13.77 26.00 -16.71
CA VAL E 83 13.31 25.13 -15.63
C VAL E 83 14.27 23.98 -15.45
N ASN E 84 14.76 23.40 -16.55
CA ASN E 84 15.70 22.28 -16.44
C ASN E 84 17.01 22.74 -15.83
N ALA E 85 17.46 23.95 -16.20
CA ALA E 85 18.70 24.49 -15.62
C ALA E 85 18.55 24.72 -14.12
N LEU E 86 17.41 25.28 -13.68
CA LEU E 86 17.22 25.55 -12.26
C LEU E 86 17.12 24.24 -11.45
N ALA E 87 16.45 23.22 -12.01
CA ALA E 87 16.40 21.94 -11.32
C ALA E 87 17.78 21.33 -11.22
N GLN E 88 18.56 21.41 -12.29
CA GLN E 88 19.92 20.90 -12.25
C GLN E 88 20.77 21.69 -11.26
N LEU E 89 20.61 23.02 -11.24
CA LEU E 89 21.35 23.84 -10.29
C LEU E 89 21.06 23.41 -8.87
N MET E 90 19.79 23.10 -8.58
CA MET E 90 19.41 22.67 -7.24
C MET E 90 20.09 21.36 -6.87
N THR E 91 20.32 20.46 -7.83
CA THR E 91 21.06 19.24 -7.52
C THR E 91 22.47 19.54 -7.02
N TRP E 92 23.18 20.50 -7.65
CA TRP E 92 24.52 20.83 -7.20
C TRP E 92 24.48 21.62 -5.89
N LYS E 93 23.50 22.50 -5.73
CA LYS E 93 23.44 23.33 -4.54
C LYS E 93 23.18 22.50 -3.28
N THR E 94 22.24 21.55 -3.36
CA THR E 94 22.00 20.69 -2.21
C THR E 94 23.25 19.89 -1.86
N ALA E 95 24.00 19.46 -2.87
CA ALA E 95 25.23 18.71 -2.62
C ALA E 95 26.32 19.61 -2.01
N VAL E 96 26.42 20.86 -2.48
CA VAL E 96 27.37 21.78 -1.85
C VAL E 96 27.00 22.01 -0.39
N ALA E 97 25.70 22.20 -0.12
CA ALA E 97 25.23 22.40 1.25
C ALA E 97 25.33 21.13 2.09
N LYS E 98 25.55 19.98 1.45
CA LYS E 98 25.59 18.66 2.09
C LYS E 98 24.29 18.33 2.80
N ILE E 99 23.18 18.63 2.15
CA ILE E 99 21.89 18.22 2.68
C ILE E 99 21.44 17.06 1.79
N PRO E 100 20.71 16.08 2.34
CA PRO E 100 20.43 14.82 1.61
C PRO E 100 19.25 14.96 0.65
N TYR E 101 19.46 15.75 -0.40
CA TYR E 101 18.45 15.99 -1.41
C TYR E 101 19.09 16.04 -2.78
N GLY E 102 18.28 15.75 -3.81
CA GLY E 102 18.58 16.17 -5.17
C GLY E 102 17.75 17.38 -5.58
N GLY E 103 17.81 17.72 -6.86
CA GLY E 103 17.23 18.96 -7.37
C GLY E 103 15.95 18.75 -8.18
N ALA E 104 15.02 19.68 -8.01
CA ALA E 104 13.78 19.72 -8.78
C ALA E 104 13.32 21.17 -8.92
N LYS E 105 12.45 21.42 -9.89
CA LYS E 105 11.83 22.72 -10.08
C LYS E 105 10.51 22.48 -10.81
N GLY E 106 9.47 23.18 -10.37
CA GLY E 106 8.16 22.99 -10.95
C GLY E 106 7.33 24.25 -10.95
N GLY E 107 6.06 24.13 -11.32
CA GLY E 107 5.21 25.30 -11.32
C GLY E 107 3.97 25.06 -12.14
N ILE E 108 3.21 26.13 -12.30
CA ILE E 108 2.03 26.19 -13.14
C ILE E 108 2.16 27.44 -13.97
N GLY E 109 1.91 27.32 -15.27
CA GLY E 109 1.90 28.52 -16.09
C GLY E 109 0.59 29.24 -15.93
N CYS E 110 0.60 30.26 -15.06
CA CYS E 110 -0.58 31.04 -14.74
C CYS E 110 -0.12 32.38 -14.20
N ASP E 111 -1.05 33.34 -14.15
CA ASP E 111 -0.78 34.65 -13.57
C ASP E 111 -1.63 34.81 -12.31
N PRO E 112 -1.05 34.65 -11.12
CA PRO E 112 -1.88 34.74 -9.90
C PRO E 112 -2.57 36.08 -9.70
N SER E 113 -2.01 37.16 -10.26
CA SER E 113 -2.66 38.44 -10.15
C SER E 113 -3.96 38.53 -10.96
N LYS E 114 -4.22 37.57 -11.84
CA LYS E 114 -5.45 37.55 -12.62
C LYS E 114 -6.39 36.47 -12.13
N LEU E 115 -6.10 35.88 -10.98
CA LEU E 115 -6.88 34.81 -10.36
C LEU E 115 -7.31 35.18 -8.96
N SER E 116 -8.55 34.84 -8.63
CA SER E 116 -9.06 35.00 -7.27
C SER E 116 -8.43 33.97 -6.36
N ILE E 117 -8.57 34.20 -5.04
CA ILE E 117 -8.02 33.29 -4.04
C ILE E 117 -8.68 31.91 -4.10
N SER E 118 -9.98 31.86 -4.42
CA SER E 118 -10.66 30.58 -4.58
C SER E 118 -10.10 29.82 -5.78
N GLU E 119 -9.89 30.53 -6.88
CA GLU E 119 -9.34 29.90 -8.08
C GLU E 119 -7.93 29.39 -7.82
N LEU E 120 -7.13 30.14 -7.05
CA LEU E 120 -5.77 29.68 -6.76
C LEU E 120 -5.78 28.41 -5.90
N GLU E 121 -6.72 28.33 -4.95
CA GLU E 121 -6.80 27.14 -4.14
C GLU E 121 -7.21 25.94 -4.98
N ARG E 122 -8.23 26.12 -5.82
CA ARG E 122 -8.68 25.05 -6.70
C ARG E 122 -7.57 24.61 -7.62
N LEU E 123 -6.85 25.57 -8.21
CA LEU E 123 -5.76 25.24 -9.11
C LEU E 123 -4.68 24.47 -8.39
N THR E 124 -4.34 24.92 -7.18
CA THR E 124 -3.33 24.23 -6.38
C THR E 124 -3.75 22.81 -6.04
N ARG E 125 -5.02 22.62 -5.69
CA ARG E 125 -5.47 21.28 -5.33
C ARG E 125 -5.49 20.36 -6.53
N VAL E 126 -5.90 20.87 -7.69
CA VAL E 126 -5.90 20.05 -8.90
C VAL E 126 -4.49 19.64 -9.28
N PHE E 127 -3.55 20.60 -9.22
CA PHE E 127 -2.15 20.31 -9.49
C PHE E 127 -1.62 19.20 -8.58
N THR E 128 -1.94 19.29 -7.29
CA THR E 128 -1.50 18.27 -6.35
C THR E 128 -2.08 16.91 -6.71
N GLN E 129 -3.36 16.86 -7.10
CA GLN E 129 -3.96 15.59 -7.50
C GLN E 129 -3.24 14.99 -8.68
N LYS E 130 -2.76 15.82 -9.61
CA LYS E 130 -2.11 15.29 -10.80
C LYS E 130 -0.71 14.79 -10.51
N ILE E 131 -0.08 15.21 -9.42
CA ILE E 131 1.30 14.79 -9.17
C ILE E 131 1.48 14.07 -7.83
N HIS E 132 0.41 13.79 -7.09
CA HIS E 132 0.60 13.29 -5.71
C HIS E 132 1.39 11.99 -5.68
N ASP E 133 1.20 11.11 -6.66
CA ASP E 133 1.91 9.85 -6.72
C ASP E 133 3.35 10.00 -7.19
N LEU E 134 3.77 11.19 -7.61
CA LEU E 134 5.12 11.42 -8.09
C LEU E 134 5.99 12.22 -7.11
N ILE E 135 5.41 12.70 -6.01
CA ILE E 135 6.16 13.44 -4.99
C ILE E 135 6.00 12.67 -3.69
N GLY E 136 6.56 13.15 -2.61
CA GLY E 136 6.44 12.44 -1.36
C GLY E 136 7.57 12.80 -0.43
N ILE E 137 7.38 12.48 0.85
CA ILE E 137 8.34 12.91 1.87
C ILE E 137 9.71 12.34 1.59
N HIS E 138 9.80 11.15 0.99
CA HIS E 138 11.10 10.59 0.62
C HIS E 138 11.32 10.52 -0.88
N THR E 139 10.57 11.28 -1.67
CA THR E 139 10.62 11.26 -3.13
C THR E 139 10.94 12.63 -3.70
N ASP E 140 10.15 13.64 -3.35
CA ASP E 140 10.27 14.99 -3.88
C ASP E 140 9.48 15.92 -2.97
N VAL E 141 10.13 16.93 -2.42
CA VAL E 141 9.57 17.82 -1.41
C VAL E 141 9.50 19.22 -2.01
N PRO E 142 8.32 19.68 -2.44
CA PRO E 142 8.21 21.01 -3.04
C PRO E 142 8.35 22.12 -2.01
N ALA E 143 8.45 23.36 -2.51
CA ALA E 143 8.70 24.54 -1.69
C ALA E 143 8.15 25.76 -2.41
N PRO E 144 7.97 26.88 -1.70
CA PRO E 144 7.50 28.10 -2.36
C PRO E 144 8.53 28.63 -3.33
N ASP E 145 8.07 29.50 -4.23
CA ASP E 145 8.91 30.16 -5.22
C ASP E 145 8.13 31.41 -5.66
N MET E 146 8.54 32.02 -6.78
CA MET E 146 7.81 33.17 -7.32
C MET E 146 6.34 32.82 -7.55
N GLY E 147 5.44 33.66 -7.03
CA GLY E 147 4.02 33.46 -7.19
C GLY E 147 3.37 32.52 -6.20
N THR E 148 4.14 31.84 -5.35
CA THR E 148 3.59 30.94 -4.34
C THR E 148 4.17 31.29 -2.98
N GLY E 149 3.54 30.77 -1.93
CA GLY E 149 3.98 31.07 -0.59
C GLY E 149 3.46 30.05 0.40
N PRO E 150 3.58 30.37 1.69
CA PRO E 150 3.14 29.40 2.72
C PRO E 150 1.70 28.97 2.58
N GLN E 151 0.79 29.87 2.18
CA GLN E 151 -0.59 29.45 1.96
C GLN E 151 -0.67 28.40 0.86
N THR E 152 0.10 28.57 -0.22
CA THR E 152 0.13 27.55 -1.27
C THR E 152 0.60 26.21 -0.72
N MET E 153 1.66 26.23 0.09
CA MET E 153 2.19 24.99 0.64
C MET E 153 1.17 24.32 1.54
N ALA E 154 0.40 25.12 2.30
CA ALA E 154 -0.65 24.57 3.15
C ALA E 154 -1.70 23.83 2.32
N TRP E 155 -2.09 24.37 1.16
CA TRP E 155 -3.08 23.69 0.33
C TRP E 155 -2.52 22.40 -0.27
N ILE E 156 -1.25 22.42 -0.72
CA ILE E 156 -0.61 21.21 -1.20
C ILE E 156 -0.59 20.15 -0.10
N LEU E 157 -0.15 20.52 1.10
CA LEU E 157 -0.13 19.58 2.22
C LEU E 157 -1.52 19.02 2.49
N ASP E 158 -2.54 19.86 2.50
CA ASP E 158 -3.88 19.39 2.81
C ASP E 158 -4.39 18.43 1.74
N GLU E 159 -4.21 18.78 0.47
CA GLU E 159 -4.67 17.89 -0.61
C GLU E 159 -3.83 16.61 -0.67
N TYR E 160 -2.51 16.73 -0.56
CA TYR E 160 -1.66 15.54 -0.61
C TYR E 160 -2.05 14.56 0.48
N SER E 161 -2.42 15.07 1.65
CA SER E 161 -2.69 14.20 2.78
C SER E 161 -3.97 13.38 2.59
N LYS E 162 -4.88 13.82 1.72
CA LYS E 162 -6.05 13.01 1.41
C LYS E 162 -5.65 11.71 0.72
N PHE E 163 -4.56 11.72 -0.03
CA PHE E 163 -4.15 10.54 -0.79
C PHE E 163 -3.20 9.64 -0.02
N HIS E 164 -2.44 10.18 0.93
CA HIS E 164 -1.39 9.42 1.58
C HIS E 164 -1.41 9.56 3.09
N GLY E 165 -2.46 10.14 3.65
CA GLY E 165 -2.46 10.45 5.06
C GLY E 165 -1.60 11.66 5.38
N TYR E 166 -1.81 12.19 6.58
CA TYR E 166 -1.20 13.43 7.01
C TYR E 166 0.32 13.36 6.89
N SER E 167 0.90 14.28 6.11
CA SER E 167 2.31 14.21 5.74
C SER E 167 2.95 15.60 5.77
N PRO E 168 3.10 16.20 6.95
CA PRO E 168 3.65 17.56 7.01
C PRO E 168 5.04 17.73 6.38
N ALA E 169 5.86 16.68 6.33
CA ALA E 169 7.17 16.81 5.72
C ALA E 169 7.16 16.79 4.19
N VAL E 170 5.99 16.75 3.53
CA VAL E 170 5.97 16.67 2.07
C VAL E 170 6.26 18.02 1.37
N VAL E 171 6.10 19.15 2.05
CA VAL E 171 6.47 20.45 1.52
C VAL E 171 7.22 21.20 2.62
N THR E 172 8.07 22.12 2.22
CA THR E 172 8.68 23.03 3.18
C THR E 172 8.14 24.43 2.91
N GLY E 173 8.51 25.38 3.76
CA GLY E 173 7.93 26.69 3.59
C GLY E 173 6.52 26.81 4.11
N LYS E 174 6.09 25.87 4.96
CA LYS E 174 4.75 25.90 5.54
C LYS E 174 4.59 27.05 6.53
N PRO E 175 3.36 27.49 6.79
CA PRO E 175 3.12 28.39 7.92
C PRO E 175 3.60 27.73 9.22
N ILE E 176 4.01 28.56 10.17
CA ILE E 176 4.48 28.01 11.44
C ILE E 176 3.38 27.17 12.10
N ASP E 177 2.13 27.58 11.95
CA ASP E 177 1.01 26.86 12.55
C ASP E 177 0.89 25.42 12.07
N LEU E 178 1.45 25.11 10.90
CA LEU E 178 1.35 23.79 10.28
C LEU E 178 2.67 23.07 10.19
N GLY E 179 3.65 23.45 11.01
CA GLY E 179 4.92 22.76 11.02
C GLY E 179 6.06 23.51 10.35
N GLY E 180 5.90 24.79 10.02
CA GLY E 180 7.02 25.59 9.56
C GLY E 180 8.08 25.77 10.63
N SER E 181 9.30 25.99 10.18
CA SER E 181 10.44 26.12 11.09
C SER E 181 10.65 27.56 11.52
N LEU E 182 11.06 27.74 12.78
CA LEU E 182 11.61 29.01 13.20
C LEU E 182 12.92 29.27 12.45
N GLY E 183 13.28 30.55 12.35
CA GLY E 183 14.50 30.98 11.69
C GLY E 183 14.46 31.07 10.18
N ARG E 184 13.29 30.81 9.55
CA ARG E 184 13.18 30.85 8.10
C ARG E 184 13.44 32.24 7.54
N ASP E 185 12.83 33.26 8.14
CA ASP E 185 12.91 34.61 7.59
C ASP E 185 14.35 35.10 7.49
N ALA E 186 15.15 34.88 8.52
CA ALA E 186 16.53 35.37 8.56
C ALA E 186 17.51 34.45 7.86
N ALA E 187 17.06 33.29 7.38
CA ALA E 187 17.97 32.19 7.09
C ALA E 187 19.01 32.59 6.05
N THR E 188 18.57 33.14 4.93
CA THR E 188 19.50 33.43 3.84
C THR E 188 20.44 34.57 4.21
N GLY E 189 19.89 35.65 4.78
CA GLY E 189 20.75 36.73 5.23
C GLY E 189 21.74 36.29 6.31
N ARG E 190 21.28 35.44 7.23
CA ARG E 190 22.18 34.92 8.26
C ARG E 190 23.30 34.08 7.65
N GLY E 191 22.96 33.25 6.66
CA GLY E 191 23.98 32.48 5.99
C GLY E 191 24.97 33.35 5.23
N VAL E 192 24.48 34.43 4.61
CA VAL E 192 25.39 35.38 3.96
C VAL E 192 26.39 35.91 4.97
N MET E 193 25.92 36.23 6.17
CA MET E 193 26.83 36.70 7.22
C MET E 193 27.76 35.58 7.67
N PHE E 194 27.24 34.35 7.81
CA PHE E 194 28.08 33.23 8.19
C PHE E 194 29.19 32.98 7.18
N GLY E 195 28.83 32.90 5.89
CA GLY E 195 29.82 32.59 4.88
C GLY E 195 30.88 33.65 4.77
N THR E 196 30.52 34.91 5.04
CA THR E 196 31.50 35.99 5.03
C THR E 196 32.54 35.81 6.14
N GLU E 197 32.11 35.46 7.35
CA GLU E 197 33.05 35.27 8.45
C GLU E 197 33.99 34.09 8.16
N ALA E 198 33.46 33.01 7.58
CA ALA E 198 34.32 31.88 7.24
C ALA E 198 35.38 32.28 6.21
N LEU E 199 34.97 33.05 5.20
CA LEU E 199 35.90 33.51 4.17
C LEU E 199 36.94 34.47 4.74
N LEU E 200 36.51 35.41 5.59
CA LEU E 200 37.47 36.34 6.18
C LEU E 200 38.47 35.63 7.08
N ASN E 201 38.00 34.65 7.87
CA ASN E 201 38.92 33.92 8.75
C ASN E 201 40.04 33.27 7.95
N GLU E 202 39.73 32.76 6.76
CA GLU E 202 40.75 32.17 5.89
C GLU E 202 41.81 33.20 5.49
N HIS E 203 41.45 34.49 5.46
CA HIS E 203 42.40 35.54 5.18
C HIS E 203 42.88 36.26 6.43
N GLY E 204 42.63 35.68 7.61
CA GLY E 204 43.04 36.31 8.86
C GLY E 204 42.28 37.57 9.21
N LYS E 205 41.05 37.71 8.74
CA LYS E 205 40.21 38.87 9.03
C LYS E 205 38.93 38.44 9.75
N THR E 206 38.23 39.44 10.26
CA THR E 206 36.95 39.27 10.94
C THR E 206 35.99 40.34 10.45
N ILE E 207 34.69 40.09 10.62
CA ILE E 207 33.68 41.06 10.18
C ILE E 207 33.89 42.39 10.87
N SER E 208 34.21 42.35 12.17
CA SER E 208 34.33 43.56 12.97
C SER E 208 35.39 44.48 12.38
N GLY E 209 34.99 45.71 12.08
CA GLY E 209 35.86 46.69 11.49
C GLY E 209 35.81 46.78 9.98
N GLN E 210 35.41 45.70 9.30
CA GLN E 210 35.31 45.73 7.84
C GLN E 210 34.20 46.68 7.40
N ARG E 211 34.41 47.30 6.25
CA ARG E 211 33.45 48.22 5.67
C ARG E 211 32.69 47.49 4.56
N PHE E 212 31.36 47.47 4.67
CA PHE E 212 30.51 46.72 3.75
C PHE E 212 29.73 47.69 2.87
N VAL E 213 29.61 47.34 1.60
CA VAL E 213 28.67 47.98 0.70
C VAL E 213 27.68 46.91 0.26
N ILE E 214 26.39 47.15 0.48
CA ILE E 214 25.35 46.16 0.25
C ILE E 214 24.34 46.73 -0.73
N GLN E 215 24.16 46.03 -1.84
CA GLN E 215 23.20 46.40 -2.87
C GLN E 215 21.94 45.56 -2.72
N GLY E 216 20.81 46.21 -2.44
CA GLY E 216 19.59 45.50 -2.14
C GLY E 216 19.29 45.49 -0.66
N PHE E 217 18.03 45.71 -0.29
CA PHE E 217 17.66 45.80 1.12
C PHE E 217 16.37 45.06 1.39
N GLY E 218 16.23 43.89 0.81
CA GLY E 218 15.07 43.01 0.98
C GLY E 218 15.31 41.96 2.05
N ASN E 219 14.73 40.78 1.85
CA ASN E 219 14.85 39.71 2.84
C ASN E 219 16.31 39.37 3.09
N VAL E 220 17.09 39.24 2.01
CA VAL E 220 18.50 38.93 2.17
C VAL E 220 19.27 40.16 2.63
N GLY E 221 19.15 41.27 1.90
CA GLY E 221 20.00 42.42 2.18
C GLY E 221 19.77 42.99 3.57
N SER E 222 18.51 43.12 3.99
CA SER E 222 18.25 43.76 5.27
C SER E 222 18.65 42.86 6.43
N TRP E 223 18.40 41.55 6.32
CA TRP E 223 18.86 40.64 7.36
C TRP E 223 20.39 40.58 7.39
N ALA E 224 21.02 40.55 6.22
CA ALA E 224 22.48 40.59 6.18
C ALA E 224 23.02 41.85 6.84
N ALA E 225 22.46 43.01 6.47
CA ALA E 225 22.92 44.27 7.05
C ALA E 225 22.72 44.28 8.56
N LYS E 226 21.56 43.83 9.03
CA LYS E 226 21.29 43.82 10.46
C LYS E 226 22.29 42.94 11.19
N LEU E 227 22.50 41.72 10.69
CA LEU E 227 23.36 40.78 11.40
C LEU E 227 24.82 41.14 11.26
N ILE E 228 25.23 41.68 10.11
CA ILE E 228 26.63 42.08 9.95
C ILE E 228 26.95 43.27 10.85
N SER E 229 26.06 44.27 10.90
CA SER E 229 26.34 45.44 11.72
C SER E 229 26.40 45.08 13.21
N GLU E 230 25.58 44.13 13.65
CA GLU E 230 25.58 43.74 15.06
C GLU E 230 26.89 43.07 15.47
N LYS E 231 27.56 42.42 14.54
CA LYS E 231 28.83 41.76 14.80
C LYS E 231 30.05 42.66 14.59
N GLY E 232 29.83 43.96 14.38
CA GLY E 232 30.90 44.93 14.26
C GLY E 232 31.28 45.32 12.85
N GLY E 233 30.59 44.81 11.84
CA GLY E 233 30.83 45.30 10.49
C GLY E 233 30.28 46.71 10.31
N LYS E 234 31.00 47.53 9.56
CA LYS E 234 30.55 48.87 9.23
C LYS E 234 29.96 48.86 7.82
N ILE E 235 28.64 49.00 7.72
CA ILE E 235 27.96 49.05 6.43
C ILE E 235 27.93 50.51 5.98
N VAL E 236 28.82 50.86 5.06
CA VAL E 236 29.02 52.25 4.67
C VAL E 236 28.09 52.67 3.54
N ALA E 237 27.50 51.74 2.80
CA ALA E 237 26.58 52.11 1.74
C ALA E 237 25.54 51.02 1.53
N VAL E 238 24.30 51.44 1.26
CA VAL E 238 23.19 50.55 0.97
C VAL E 238 22.37 51.16 -0.16
N SER E 239 21.82 50.31 -1.02
CA SER E 239 20.91 50.76 -2.06
C SER E 239 19.76 49.76 -2.18
N ASP E 240 18.68 50.25 -2.80
CA ASP E 240 17.56 49.42 -3.22
C ASP E 240 16.97 50.05 -4.47
N ILE E 241 15.74 49.66 -4.81
CA ILE E 241 15.12 50.13 -6.05
C ILE E 241 14.76 51.61 -6.00
N THR E 242 14.65 52.20 -4.81
CA THR E 242 14.25 53.59 -4.69
C THR E 242 15.41 54.56 -4.61
N GLY E 243 16.62 54.08 -4.31
CA GLY E 243 17.76 54.95 -4.24
C GLY E 243 18.85 54.37 -3.36
N ALA E 244 19.95 55.12 -3.28
CA ALA E 244 21.14 54.71 -2.55
C ALA E 244 21.57 55.80 -1.58
N ILE E 245 22.09 55.37 -0.43
CA ILE E 245 22.56 56.26 0.64
C ILE E 245 23.94 55.80 1.08
N LYS E 246 24.71 56.75 1.62
CA LYS E 246 26.10 56.52 1.95
C LYS E 246 26.45 57.19 3.27
N ASN E 247 27.31 56.53 4.05
CA ASN E 247 27.83 57.11 5.27
C ASN E 247 29.20 56.49 5.52
N LYS E 248 30.26 57.27 5.30
CA LYS E 248 31.61 56.73 5.41
C LYS E 248 31.89 56.19 6.81
N ASP E 249 31.18 56.70 7.82
CA ASP E 249 31.32 56.23 9.19
C ASP E 249 30.43 55.04 9.51
N GLY E 250 29.58 54.62 8.58
CA GLY E 250 28.68 53.52 8.85
C GLY E 250 27.23 53.95 9.01
N ILE E 251 26.33 53.29 8.32
CA ILE E 251 24.90 53.58 8.45
C ILE E 251 24.37 52.88 9.69
N ASP E 252 23.61 53.61 10.50
CA ASP E 252 22.94 53.03 11.66
C ASP E 252 21.80 52.16 11.15
N ILE E 253 22.04 50.86 11.02
CA ILE E 253 21.09 49.93 10.41
C ILE E 253 19.81 49.79 11.26
N PRO E 254 19.87 49.69 12.60
CA PRO E 254 18.60 49.64 13.36
C PRO E 254 17.68 50.80 13.05
N ALA E 255 18.24 52.01 12.97
CA ALA E 255 17.45 53.18 12.58
C ALA E 255 17.02 53.08 11.13
N LEU E 256 17.89 52.59 10.26
CA LEU E 256 17.52 52.42 8.85
C LEU E 256 16.38 51.42 8.70
N LEU E 257 16.43 50.31 9.45
CA LEU E 257 15.36 49.33 9.39
C LEU E 257 14.01 49.94 9.78
N LYS E 258 13.97 50.66 10.90
CA LYS E 258 12.72 51.28 11.32
C LYS E 258 12.28 52.33 10.31
N HIS E 259 13.24 53.06 9.72
CA HIS E 259 12.89 54.00 8.68
C HIS E 259 12.33 53.28 7.46
N THR E 260 12.95 52.16 7.08
CA THR E 260 12.58 51.52 5.82
C THR E 260 11.23 50.82 5.91
N LYS E 261 10.80 50.40 7.11
CA LYS E 261 9.46 49.84 7.22
C LYS E 261 8.38 50.93 7.17
N GLU E 262 8.70 52.16 7.58
CA GLU E 262 7.70 53.21 7.55
C GLU E 262 7.74 54.05 6.26
N HIS E 263 8.77 53.89 5.42
CA HIS E 263 8.84 54.61 4.16
C HIS E 263 9.02 53.69 2.95
N ARG E 264 9.26 52.39 3.16
CA ARG E 264 9.37 51.42 2.09
C ARG E 264 10.52 51.74 1.13
N GLY E 265 11.64 52.19 1.68
CA GLY E 265 12.74 52.65 0.84
C GLY E 265 13.81 53.40 1.61
N VAL E 266 15.08 53.10 1.32
CA VAL E 266 16.19 53.76 2.01
C VAL E 266 16.41 55.21 1.57
N LYS E 267 15.88 55.62 0.42
CA LYS E 267 16.09 56.99 -0.05
C LYS E 267 15.52 57.99 0.95
N GLY E 268 16.26 59.06 1.19
CA GLY E 268 15.82 60.03 2.18
C GLY E 268 16.14 59.66 3.60
N PHE E 269 16.98 58.64 3.81
CA PHE E 269 17.35 58.23 5.16
C PHE E 269 18.13 59.34 5.83
N ASP E 270 17.85 59.57 7.11
CA ASP E 270 18.45 60.69 7.82
C ASP E 270 19.95 60.44 8.04
N GLY E 271 20.34 59.29 8.56
CA GLY E 271 21.73 59.07 8.90
C GLY E 271 22.66 58.83 7.72
N ALA E 272 22.24 59.19 6.52
CA ALA E 272 23.09 59.06 5.34
C ALA E 272 22.57 59.96 4.24
N ASP E 273 23.49 60.54 3.49
CA ASP E 273 23.04 61.33 2.36
C ASP E 273 22.96 60.47 1.11
N PRO E 274 22.00 60.71 0.23
CA PRO E 274 21.90 59.89 -0.98
C PRO E 274 23.06 60.15 -1.94
N ILE E 275 23.44 59.08 -2.64
CA ILE E 275 24.53 59.08 -3.60
C ILE E 275 24.02 58.41 -4.88
N ASP E 276 24.78 58.61 -5.96
CA ASP E 276 24.51 58.02 -7.26
C ASP E 276 24.23 56.53 -7.13
N PRO E 277 23.04 56.06 -7.55
CA PRO E 277 22.74 54.62 -7.42
C PRO E 277 23.67 53.73 -8.23
N ASN E 278 24.20 54.21 -9.35
CA ASN E 278 25.06 53.41 -10.20
C ASN E 278 26.52 53.39 -9.75
N SER E 279 26.88 54.10 -8.68
CA SER E 279 28.26 54.11 -8.19
C SER E 279 28.47 53.20 -7.01
N ILE E 280 27.42 52.51 -6.57
CA ILE E 280 27.49 51.73 -5.35
C ILE E 280 28.49 50.59 -5.48
N LEU E 281 28.58 49.99 -6.69
CA LEU E 281 29.41 48.80 -6.85
C LEU E 281 30.90 49.11 -6.82
N VAL E 282 31.29 50.34 -7.16
CA VAL E 282 32.70 50.69 -7.19
C VAL E 282 33.11 51.55 -6.01
N GLU E 283 32.27 51.62 -4.97
CA GLU E 283 32.61 52.37 -3.77
C GLU E 283 33.75 51.69 -3.02
N ASP E 284 34.60 52.50 -2.41
CA ASP E 284 35.71 52.00 -1.62
C ASP E 284 35.19 51.30 -0.36
N CYS E 285 35.58 50.05 -0.19
CA CYS E 285 35.18 49.23 0.95
C CYS E 285 36.06 47.99 0.94
N ASP E 286 35.83 47.11 1.91
CA ASP E 286 36.51 45.82 1.93
C ASP E 286 35.67 44.71 1.30
N ILE E 287 34.35 44.73 1.49
CA ILE E 287 33.49 43.62 1.11
C ILE E 287 32.27 44.18 0.38
N LEU E 288 32.04 43.70 -0.84
CA LEU E 288 30.90 44.10 -1.65
C LEU E 288 29.90 42.95 -1.72
N VAL E 289 28.64 43.25 -1.41
CA VAL E 289 27.63 42.20 -1.38
C VAL E 289 26.49 42.51 -2.33
N PRO E 290 26.54 42.08 -3.59
CA PRO E 290 25.37 42.22 -4.47
C PRO E 290 24.26 41.33 -3.96
N ALA E 291 23.15 41.96 -3.53
CA ALA E 291 22.06 41.20 -2.93
C ALA E 291 20.71 41.63 -3.47
N ALA E 292 20.66 42.09 -4.72
CA ALA E 292 19.38 42.48 -5.33
C ALA E 292 19.07 41.69 -6.59
N LEU E 293 19.74 41.98 -7.72
CA LEU E 293 19.54 41.29 -8.99
C LEU E 293 20.85 40.70 -9.48
N GLY E 294 20.75 39.87 -10.54
CA GLY E 294 21.91 39.35 -11.22
C GLY E 294 22.44 40.27 -12.33
N GLY E 295 23.61 39.90 -12.86
CA GLY E 295 24.21 40.58 -13.99
C GLY E 295 24.69 42.00 -13.73
N VAL E 296 24.79 42.41 -12.47
CA VAL E 296 25.19 43.78 -12.17
C VAL E 296 26.69 44.00 -12.23
N ILE E 297 27.49 42.95 -12.10
CA ILE E 297 28.93 43.08 -12.18
C ILE E 297 29.37 42.46 -13.50
N ASN E 298 29.90 43.27 -14.39
CA ASN E 298 30.21 42.83 -15.75
C ASN E 298 31.53 43.46 -16.19
N ARG E 299 31.89 43.19 -17.44
CA ARG E 299 33.18 43.58 -18.01
C ARG E 299 33.34 45.10 -18.13
N GLU E 300 32.29 45.87 -17.87
CA GLU E 300 32.35 47.32 -17.98
C GLU E 300 32.62 47.99 -16.64
N ASN E 301 32.06 47.48 -15.54
CA ASN E 301 32.31 48.01 -14.21
C ASN E 301 33.30 47.20 -13.38
N ALA E 302 33.74 46.03 -13.87
CA ALA E 302 34.57 45.13 -13.07
C ALA E 302 35.90 45.78 -12.67
N ASN E 303 36.50 46.54 -13.57
CA ASN E 303 37.83 47.07 -13.31
C ASN E 303 37.84 48.12 -12.19
N GLU E 304 36.69 48.62 -11.75
CA GLU E 304 36.65 49.70 -10.78
C GLU E 304 36.25 49.27 -9.37
N ILE E 305 35.95 47.98 -9.13
CA ILE E 305 35.68 47.52 -7.76
C ILE E 305 36.94 47.60 -6.91
N LYS E 306 36.82 48.25 -5.76
CA LYS E 306 37.93 48.41 -4.84
C LYS E 306 37.94 47.34 -3.74
N ALA E 307 36.81 46.67 -3.53
CA ALA E 307 36.73 45.65 -2.50
C ALA E 307 37.62 44.47 -2.84
N LYS E 308 38.19 43.84 -1.80
CA LYS E 308 38.93 42.61 -1.99
C LYS E 308 38.04 41.38 -1.99
N PHE E 309 36.82 41.46 -1.43
CA PHE E 309 35.90 40.32 -1.37
C PHE E 309 34.53 40.69 -1.90
N ILE E 310 33.93 39.79 -2.67
CA ILE E 310 32.56 39.94 -3.18
C ILE E 310 31.73 38.74 -2.71
N ILE E 311 30.63 38.99 -2.01
CA ILE E 311 29.76 37.93 -1.53
C ILE E 311 28.51 37.90 -2.40
N GLU E 312 28.38 36.84 -3.19
CA GLU E 312 27.28 36.73 -4.14
C GLU E 312 26.03 36.30 -3.38
N ALA E 313 25.33 37.28 -2.82
CA ALA E 313 24.08 36.94 -2.14
C ALA E 313 22.96 36.72 -3.16
N ALA E 314 22.85 37.60 -4.15
CA ALA E 314 21.91 37.41 -5.25
C ALA E 314 22.38 36.27 -6.16
N ASN E 315 21.44 35.74 -6.94
CA ASN E 315 21.79 34.70 -7.90
C ASN E 315 22.39 35.28 -9.18
N HIS E 316 23.45 34.62 -9.66
N HIS E 316 23.45 34.62 -9.66
CA HIS E 316 24.15 34.97 -10.88
CA HIS E 316 24.12 34.98 -10.89
C HIS E 316 24.45 36.48 -10.97
C HIS E 316 24.45 36.47 -10.98
N PRO E 317 25.07 37.06 -9.94
CA PRO E 317 25.22 38.52 -9.92
C PRO E 317 26.33 38.99 -10.83
N THR E 318 27.30 38.13 -11.06
CA THR E 318 28.43 38.43 -11.93
C THR E 318 28.38 37.49 -13.13
N ASP E 319 28.53 38.06 -14.32
CA ASP E 319 28.61 37.25 -15.50
C ASP E 319 30.06 36.78 -15.66
N PRO E 320 30.29 35.77 -16.50
CA PRO E 320 31.66 35.20 -16.59
C PRO E 320 32.74 36.23 -16.82
N ASP E 321 32.42 37.32 -17.53
CA ASP E 321 33.39 38.33 -17.90
C ASP E 321 34.03 39.00 -16.67
N ALA E 322 33.21 39.42 -15.71
CA ALA E 322 33.74 40.11 -14.53
C ALA E 322 34.59 39.20 -13.67
N ASP E 323 34.24 37.91 -13.62
CA ASP E 323 35.05 36.93 -12.90
C ASP E 323 36.50 36.99 -13.32
N GLU E 324 36.75 37.03 -14.64
CA GLU E 324 38.11 37.08 -15.15
C GLU E 324 38.84 38.35 -14.71
N ILE E 325 38.19 39.51 -14.89
CA ILE E 325 38.81 40.79 -14.53
C ILE E 325 39.11 40.84 -13.03
N LEU E 326 38.15 40.39 -12.23
CA LEU E 326 38.24 40.49 -10.77
C LEU E 326 39.24 39.48 -10.19
N SER E 327 39.31 38.28 -10.78
CA SER E 327 40.25 37.27 -10.31
C SER E 327 41.69 37.75 -10.38
N LYS E 328 42.09 38.38 -11.49
CA LYS E 328 43.47 38.81 -11.67
C LYS E 328 43.85 39.98 -10.76
N LYS E 329 42.90 40.79 -10.33
CA LYS E 329 43.17 41.87 -9.38
C LYS E 329 43.31 41.37 -7.94
N GLY E 330 43.16 40.08 -7.71
CA GLY E 330 43.17 39.54 -6.37
C GLY E 330 41.83 39.60 -5.66
N VAL E 331 40.73 39.81 -6.40
CA VAL E 331 39.40 39.82 -5.79
C VAL E 331 38.93 38.38 -5.65
N VAL E 332 38.48 38.03 -4.45
CA VAL E 332 37.97 36.71 -4.12
C VAL E 332 36.45 36.78 -4.16
N ILE E 333 35.82 35.85 -4.87
CA ILE E 333 34.37 35.86 -5.07
C ILE E 333 33.74 34.62 -4.42
N LEU E 334 32.90 34.84 -3.41
CA LEU E 334 32.13 33.78 -2.77
C LEU E 334 30.88 33.51 -3.59
N PRO E 335 30.79 32.37 -4.27
CA PRO E 335 29.73 32.20 -5.26
C PRO E 335 28.35 31.98 -4.65
N ASP E 336 27.33 32.46 -5.37
CA ASP E 336 25.94 32.42 -4.91
C ASP E 336 25.51 31.02 -4.49
N ILE E 337 25.99 29.98 -5.19
CA ILE E 337 25.50 28.63 -4.93
C ILE E 337 25.80 28.24 -3.49
N TYR E 338 26.86 28.81 -2.90
CA TYR E 338 27.16 28.65 -1.49
C TYR E 338 26.64 29.80 -0.64
N ALA E 339 26.86 31.03 -1.11
CA ALA E 339 26.63 32.21 -0.27
C ALA E 339 25.18 32.35 0.15
N ASN E 340 24.22 32.04 -0.73
CA ASN E 340 22.81 32.20 -0.39
C ASN E 340 22.14 30.88 -0.03
N SER E 341 22.91 29.85 0.28
CA SER E 341 22.39 28.53 0.59
C SER E 341 21.81 28.43 2.00
N GLY E 342 21.79 29.50 2.78
CA GLY E 342 21.15 29.43 4.08
C GLY E 342 19.67 29.07 4.00
N GLY E 343 18.96 29.58 3.00
CA GLY E 343 17.54 29.28 2.87
C GLY E 343 17.27 27.80 2.66
N VAL E 344 17.94 27.20 1.67
CA VAL E 344 17.64 25.79 1.40
C VAL E 344 18.10 24.92 2.56
N THR E 345 19.13 25.34 3.30
CA THR E 345 19.60 24.52 4.43
C THR E 345 18.55 24.50 5.55
N VAL E 346 17.96 25.66 5.85
CA VAL E 346 16.94 25.68 6.90
C VAL E 346 15.68 24.96 6.42
N SER E 347 15.41 24.96 5.11
CA SER E 347 14.29 24.16 4.62
C SER E 347 14.53 22.66 4.84
N TYR E 348 15.78 22.22 4.72
CA TYR E 348 16.11 20.86 5.13
C TYR E 348 15.79 20.65 6.61
N PHE E 349 16.18 21.61 7.48
CA PHE E 349 15.91 21.46 8.90
C PHE E 349 14.41 21.40 9.18
N GLU E 350 13.61 22.15 8.43
CA GLU E 350 12.15 22.08 8.58
C GLU E 350 11.65 20.68 8.30
N TRP E 351 12.09 20.12 7.18
CA TRP E 351 11.78 18.74 6.87
C TRP E 351 12.25 17.82 7.99
N VAL E 352 13.47 18.03 8.49
CA VAL E 352 13.97 17.20 9.59
C VAL E 352 13.03 17.28 10.78
N GLN E 353 12.66 18.50 11.18
CA GLN E 353 11.80 18.67 12.34
C GLN E 353 10.47 17.96 12.14
N ASN E 354 9.91 18.01 10.93
CA ASN E 354 8.64 17.32 10.65
C ASN E 354 8.81 15.81 10.73
N ILE E 355 9.87 15.28 10.12
CA ILE E 355 10.17 13.85 10.20
C ILE E 355 10.29 13.40 11.65
N GLN E 356 10.91 14.23 12.50
CA GLN E 356 11.11 13.89 13.90
C GLN E 356 9.90 14.21 14.77
N GLY E 357 8.85 14.81 14.19
CA GLY E 357 7.63 15.11 14.95
C GLY E 357 7.80 16.11 16.08
N PHE E 358 8.83 16.96 16.03
CA PHE E 358 9.19 17.79 17.18
C PHE E 358 9.97 19.01 16.71
N MET E 359 9.42 20.20 16.94
CA MET E 359 10.05 21.40 16.40
C MET E 359 11.24 21.81 17.27
N TRP E 360 12.20 22.49 16.64
CA TRP E 360 13.40 23.01 17.29
C TRP E 360 13.22 24.44 17.75
N GLU E 361 14.01 24.81 18.75
CA GLU E 361 14.14 26.21 19.13
C GLU E 361 14.87 26.96 18.01
N GLU E 362 14.63 28.27 17.94
CA GLU E 362 15.30 29.06 16.91
C GLU E 362 16.83 29.04 17.11
N GLU E 363 17.30 29.02 18.36
CA GLU E 363 18.74 28.95 18.61
C GLU E 363 19.35 27.69 18.03
N LYS E 364 18.64 26.55 18.11
CA LYS E 364 19.16 25.31 17.54
C LYS E 364 19.17 25.38 16.03
N VAL E 365 18.13 25.95 15.41
CA VAL E 365 18.13 26.16 13.96
C VAL E 365 19.37 26.95 13.55
N ASN E 366 19.65 28.05 14.26
CA ASN E 366 20.75 28.90 13.85
C ASN E 366 22.10 28.25 14.11
N ASP E 367 22.23 27.48 15.20
CA ASP E 367 23.48 26.77 15.47
C ASP E 367 23.76 25.70 14.42
N GLU E 368 22.73 24.94 14.06
CA GLU E 368 22.92 23.94 13.01
C GLU E 368 23.25 24.60 11.67
N LEU E 369 22.61 25.73 11.38
CA LEU E 369 22.92 26.46 10.14
C LEU E 369 24.40 26.85 10.10
N LYS E 370 24.91 27.36 11.22
CA LYS E 370 26.33 27.71 11.28
C LYS E 370 27.22 26.47 11.08
N THR E 371 26.84 25.36 11.69
CA THR E 371 27.62 24.13 11.52
C THR E 371 27.65 23.69 10.05
N TYR E 372 26.48 23.68 9.41
CA TYR E 372 26.41 23.22 8.02
C TYR E 372 27.20 24.13 7.10
N MET E 373 27.03 25.43 7.26
CA MET E 373 27.70 26.33 6.33
C MET E 373 29.19 26.47 6.62
N THR E 374 29.60 26.26 7.87
CA THR E 374 31.04 26.26 8.15
C THR E 374 31.70 25.06 7.48
N ARG E 375 31.07 23.90 7.59
CA ARG E 375 31.61 22.70 6.95
C ARG E 375 31.60 22.81 5.43
N SER E 376 30.53 23.36 4.86
CA SER E 376 30.50 23.53 3.41
C SER E 376 31.63 24.42 2.92
N PHE E 377 31.92 25.52 3.62
CA PHE E 377 33.03 26.36 3.20
C PHE E 377 34.36 25.64 3.32
N LYS E 378 34.55 24.86 4.39
CA LYS E 378 35.79 24.11 4.53
C LYS E 378 35.98 23.12 3.38
N ASP E 379 34.92 22.39 3.04
CA ASP E 379 35.02 21.39 1.97
C ASP E 379 35.21 22.05 0.61
N LEU E 380 34.52 23.17 0.37
CA LEU E 380 34.67 23.92 -0.87
C LEU E 380 36.10 24.43 -1.03
N LYS E 381 36.67 24.95 0.06
CA LYS E 381 38.06 25.43 0.02
C LYS E 381 39.02 24.28 -0.27
N GLU E 382 38.73 23.09 0.25
CA GLU E 382 39.60 21.94 -0.01
C GLU E 382 39.57 21.55 -1.48
N MET E 383 38.39 21.60 -2.11
CA MET E 383 38.30 21.31 -3.54
C MET E 383 39.15 22.29 -4.35
N CYS E 384 39.17 23.57 -3.94
CA CYS E 384 40.00 24.56 -4.64
C CYS E 384 41.47 24.20 -4.57
N LYS E 385 41.92 23.73 -3.41
CA LYS E 385 43.31 23.29 -3.25
C LYS E 385 43.59 22.06 -4.11
N THR E 386 42.71 21.08 -4.06
CA THR E 386 42.92 19.86 -4.83
C THR E 386 42.98 20.15 -6.33
N HIS E 387 42.14 21.07 -6.80
CA HIS E 387 41.99 21.28 -8.23
C HIS E 387 42.55 22.61 -8.72
N SER E 388 43.26 23.34 -7.87
CA SER E 388 43.90 24.61 -8.26
C SER E 388 42.96 25.51 -9.06
N CYS E 389 41.77 25.75 -8.48
CA CYS E 389 40.72 26.51 -9.13
C CYS E 389 40.15 27.55 -8.17
N ASP E 390 39.32 28.46 -8.70
CA ASP E 390 38.68 29.48 -7.88
C ASP E 390 37.53 28.89 -7.07
N LEU E 391 36.92 29.74 -6.24
CA LEU E 391 35.86 29.27 -5.34
C LEU E 391 34.65 28.78 -6.11
N ARG E 392 34.26 29.48 -7.17
CA ARG E 392 33.07 29.05 -7.90
C ARG E 392 33.23 27.63 -8.42
N MET E 393 34.38 27.33 -9.04
CA MET E 393 34.61 25.99 -9.54
C MET E 393 34.86 25.00 -8.40
N GLY E 394 35.41 25.49 -7.28
CA GLY E 394 35.53 24.64 -6.11
C GLY E 394 34.19 24.13 -5.61
N ALA E 395 33.16 24.98 -5.67
CA ALA E 395 31.83 24.58 -5.22
C ALA E 395 31.20 23.61 -6.21
N PHE E 396 31.26 23.94 -7.51
CA PHE E 396 30.67 23.06 -8.50
C PHE E 396 31.33 21.69 -8.50
N THR E 397 32.66 21.64 -8.43
CA THR E 397 33.32 20.34 -8.36
C THR E 397 32.92 19.62 -7.08
N LEU E 398 32.78 20.38 -5.99
CA LEU E 398 32.31 19.75 -4.75
C LEU E 398 30.93 19.15 -4.95
N GLY E 399 30.02 19.90 -5.57
CA GLY E 399 28.66 19.42 -5.75
C GLY E 399 28.57 18.28 -6.74
N VAL E 400 29.22 18.44 -7.91
CA VAL E 400 29.23 17.40 -8.91
C VAL E 400 29.89 16.14 -8.37
N ASN E 401 31.01 16.30 -7.66
CA ASN E 401 31.70 15.12 -7.15
C ASN E 401 30.82 14.34 -6.18
N ARG E 402 30.10 15.04 -5.30
CA ARG E 402 29.21 14.34 -4.37
C ARG E 402 28.09 13.61 -5.10
N VAL E 403 27.49 14.24 -6.10
CA VAL E 403 26.43 13.56 -6.83
C VAL E 403 26.99 12.38 -7.62
N ALA E 404 28.14 12.57 -8.26
CA ALA E 404 28.74 11.50 -9.03
C ALA E 404 29.10 10.30 -8.15
N GLN E 405 29.69 10.57 -6.99
CA GLN E 405 30.10 9.49 -6.11
C GLN E 405 28.92 8.71 -5.56
N ALA E 406 27.83 9.39 -5.18
CA ALA E 406 26.63 8.67 -4.75
C ALA E 406 26.07 7.83 -5.90
N THR E 407 26.07 8.39 -7.12
CA THR E 407 25.59 7.66 -8.28
C THR E 407 26.42 6.40 -8.53
N ILE E 408 27.75 6.51 -8.44
CA ILE E 408 28.64 5.36 -8.66
C ILE E 408 28.44 4.30 -7.58
N LEU E 409 28.35 4.71 -6.30
CA LEU E 409 28.15 3.74 -5.22
C LEU E 409 26.85 2.95 -5.40
N ARG E 410 25.78 3.63 -5.81
CA ARG E 410 24.47 2.98 -5.94
C ARG E 410 24.40 2.06 -7.15
N GLY E 411 25.16 2.35 -8.21
CA GLY E 411 25.30 1.42 -9.34
C GLY E 411 24.18 1.50 -10.35
N TRP E 412 24.29 0.65 -11.40
CA TRP E 412 23.34 0.61 -12.52
C TRP E 412 22.90 -0.81 -12.87
N GLY E 413 22.79 -1.70 -11.89
CA GLY E 413 22.33 -3.05 -12.19
C GLY E 413 23.40 -3.99 -12.72
N MET F 4 5.55 16.62 -42.55
CA MET F 4 4.78 17.48 -41.65
C MET F 4 4.95 16.98 -40.21
N ASN F 5 4.94 17.91 -39.26
CA ASN F 5 5.02 17.53 -37.86
C ASN F 5 3.80 16.69 -37.48
N ALA F 6 4.04 15.58 -36.78
CA ALA F 6 2.96 14.60 -36.53
C ALA F 6 1.88 15.18 -35.63
N LEU F 7 2.28 15.91 -34.59
CA LEU F 7 1.29 16.44 -33.65
C LEU F 7 0.52 17.61 -34.26
N ALA F 8 1.18 18.42 -35.09
CA ALA F 8 0.47 19.45 -35.84
C ALA F 8 -0.54 18.83 -36.80
N ALA F 9 -0.16 17.73 -37.45
CA ALA F 9 -1.08 17.10 -38.38
C ALA F 9 -2.26 16.48 -37.65
N THR F 10 -2.02 15.87 -36.50
CA THR F 10 -3.13 15.27 -35.76
C THR F 10 -4.03 16.32 -35.12
N ASN F 11 -3.46 17.44 -34.66
CA ASN F 11 -4.31 18.44 -34.00
C ASN F 11 -5.18 19.14 -35.02
N ARG F 12 -4.72 19.17 -36.28
CA ARG F 12 -5.52 19.76 -37.34
C ARG F 12 -6.75 18.91 -37.64
N ASN F 13 -6.57 17.58 -37.68
CA ASN F 13 -7.72 16.70 -37.85
C ASN F 13 -8.68 16.85 -36.68
N PHE F 14 -8.15 16.90 -35.45
CA PHE F 14 -9.00 17.09 -34.27
C PHE F 14 -9.81 18.38 -34.39
N LYS F 15 -9.15 19.46 -34.77
CA LYS F 15 -9.84 20.74 -34.83
C LYS F 15 -10.89 20.76 -35.92
N LEU F 16 -10.64 20.09 -37.05
CA LEU F 16 -11.70 19.95 -38.04
C LEU F 16 -12.89 19.20 -37.46
N ALA F 17 -12.63 18.11 -36.72
CA ALA F 17 -13.72 17.34 -36.15
C ALA F 17 -14.48 18.14 -35.10
N ALA F 18 -13.77 18.90 -34.26
CA ALA F 18 -14.43 19.70 -33.23
C ALA F 18 -15.32 20.79 -33.83
N ARG F 19 -14.98 21.33 -35.00
CA ARG F 19 -15.87 22.30 -35.64
C ARG F 19 -17.11 21.62 -36.20
N LEU F 20 -16.96 20.43 -36.79
CA LEU F 20 -18.15 19.73 -37.28
C LEU F 20 -19.13 19.45 -36.15
N LEU F 21 -18.63 19.07 -34.98
CA LEU F 21 -19.48 18.88 -33.81
C LEU F 21 -19.95 20.16 -33.14
N GLY F 22 -19.43 21.33 -33.52
CA GLY F 22 -19.81 22.53 -32.78
C GLY F 22 -19.39 22.49 -31.32
N LEU F 23 -18.24 21.87 -31.03
CA LEU F 23 -17.78 21.67 -29.67
C LEU F 23 -17.51 23.02 -28.99
N ASP F 24 -17.95 23.18 -27.74
CA ASP F 24 -17.60 24.36 -26.95
C ASP F 24 -16.09 24.53 -26.90
N SER F 25 -15.63 25.77 -27.07
CA SER F 25 -14.20 26.00 -27.26
C SER F 25 -13.37 25.64 -26.03
N LYS F 26 -13.91 25.88 -24.82
CA LYS F 26 -13.13 25.58 -23.61
C LYS F 26 -13.07 24.08 -23.34
N LEU F 27 -14.14 23.36 -23.64
CA LEU F 27 -14.10 21.91 -23.54
C LEU F 27 -13.15 21.32 -24.58
N GLU F 28 -13.17 21.87 -25.80
CA GLU F 28 -12.26 21.45 -26.85
C GLU F 28 -10.81 21.59 -26.41
N LYS F 29 -10.45 22.74 -25.82
CA LYS F 29 -9.09 22.94 -25.35
C LYS F 29 -8.70 21.91 -24.31
N SER F 30 -9.63 21.60 -23.39
CA SER F 30 -9.34 20.57 -22.43
C SER F 30 -9.13 19.22 -23.13
N LEU F 31 -10.01 18.85 -24.06
CA LEU F 31 -9.84 17.53 -24.69
C LEU F 31 -8.52 17.40 -25.45
N LEU F 32 -7.98 18.52 -25.94
CA LEU F 32 -6.74 18.46 -26.69
C LEU F 32 -5.54 18.21 -25.78
N ILE F 33 -5.53 18.81 -24.59
CA ILE F 33 -4.37 18.75 -23.69
C ILE F 33 -4.28 17.36 -23.08
N PRO F 34 -3.12 16.70 -23.12
CA PRO F 34 -3.01 15.39 -22.47
C PRO F 34 -3.11 15.52 -20.95
N PHE F 35 -3.81 14.55 -20.35
CA PHE F 35 -3.88 14.37 -18.91
C PHE F 35 -2.49 14.50 -18.27
N ARG F 36 -1.50 13.79 -18.81
CA ARG F 36 -0.19 13.79 -18.19
C ARG F 36 0.89 13.30 -19.17
N GLU F 37 2.05 13.96 -19.14
CA GLU F 37 3.17 13.65 -20.04
C GLU F 37 4.40 13.39 -19.18
N ILE F 38 5.07 12.27 -19.43
CA ILE F 38 6.23 11.84 -18.64
C ILE F 38 7.42 11.56 -19.55
N LYS F 39 8.57 12.11 -19.20
CA LYS F 39 9.85 11.80 -19.80
C LYS F 39 10.78 11.29 -18.72
N VAL F 40 11.39 10.12 -18.93
CA VAL F 40 12.22 9.47 -17.94
C VAL F 40 13.57 9.08 -18.55
N GLU F 41 14.61 9.13 -17.73
CA GLU F 41 15.93 8.62 -18.13
C GLU F 41 15.97 7.10 -18.03
N CYS F 42 16.46 6.44 -19.09
CA CYS F 42 16.68 5.00 -19.06
C CYS F 42 18.16 4.76 -19.39
N THR F 43 18.97 4.58 -18.36
CA THR F 43 20.40 4.34 -18.53
C THR F 43 20.68 2.90 -18.15
N ILE F 44 21.40 2.18 -19.01
CA ILE F 44 21.74 0.78 -18.82
C ILE F 44 23.23 0.55 -19.07
N PRO F 45 23.84 -0.46 -18.46
CA PRO F 45 25.13 -0.94 -18.95
C PRO F 45 24.92 -1.69 -20.26
N LYS F 46 25.74 -1.38 -21.26
CA LYS F 46 25.75 -2.18 -22.47
C LYS F 46 26.54 -3.48 -22.24
N ASP F 47 26.46 -4.38 -23.22
CA ASP F 47 27.13 -5.67 -23.06
C ASP F 47 28.63 -5.50 -22.83
N ASP F 48 29.25 -4.45 -23.35
CA ASP F 48 30.66 -4.17 -23.09
C ASP F 48 30.90 -3.42 -21.77
N GLY F 49 29.90 -3.25 -20.92
CA GLY F 49 30.10 -2.60 -19.64
C GLY F 49 29.92 -1.09 -19.64
N THR F 50 30.06 -0.43 -20.79
CA THR F 50 29.91 1.00 -20.81
C THR F 50 28.43 1.41 -20.67
N LEU F 51 28.24 2.65 -20.21
CA LEU F 51 26.92 3.21 -19.97
C LEU F 51 26.31 3.71 -21.26
N ALA F 52 25.00 3.51 -21.42
CA ALA F 52 24.22 4.09 -22.52
C ALA F 52 22.94 4.68 -21.96
N SER F 53 22.64 5.92 -22.35
CA SER F 53 21.47 6.61 -21.83
C SER F 53 20.45 6.78 -22.94
N PHE F 54 19.21 6.41 -22.65
CA PHE F 54 18.10 6.55 -23.56
C PHE F 54 17.04 7.37 -22.84
N VAL F 55 16.15 7.97 -23.62
CA VAL F 55 15.03 8.70 -23.06
C VAL F 55 13.73 7.96 -23.38
N GLY F 56 12.98 7.60 -22.33
CA GLY F 56 11.67 7.03 -22.48
C GLY F 56 10.55 8.04 -22.24
N PHE F 57 9.37 7.71 -22.76
CA PHE F 57 8.22 8.59 -22.65
C PHE F 57 6.99 7.77 -22.41
N ARG F 58 6.03 8.41 -21.77
CA ARG F 58 4.68 7.86 -21.66
C ARG F 58 3.79 9.10 -21.62
N VAL F 59 2.99 9.27 -22.65
CA VAL F 59 1.94 10.28 -22.67
C VAL F 59 0.62 9.60 -22.34
N GLN F 60 -0.05 10.09 -21.29
CA GLN F 60 -1.37 9.62 -20.90
C GLN F 60 -2.34 10.71 -21.36
N HIS F 61 -3.01 10.49 -22.50
CA HIS F 61 -3.73 11.61 -23.09
C HIS F 61 -5.09 11.83 -22.43
N ASP F 62 -5.89 10.77 -22.27
CA ASP F 62 -7.24 11.00 -21.77
C ASP F 62 -7.74 9.74 -21.11
N ASN F 63 -8.45 9.87 -19.96
CA ASN F 63 -8.99 8.71 -19.28
C ASN F 63 -10.47 8.84 -18.93
N ALA F 64 -11.21 9.69 -19.64
CA ALA F 64 -12.64 9.84 -19.35
C ALA F 64 -13.40 8.53 -19.56
N ARG F 65 -13.04 7.76 -20.59
CA ARG F 65 -13.81 6.57 -20.93
C ARG F 65 -13.28 5.28 -20.28
N GLY F 66 -12.20 5.34 -19.49
CA GLY F 66 -11.69 4.16 -18.80
C GLY F 66 -10.18 4.19 -18.65
N PRO F 67 -9.57 3.07 -18.22
CA PRO F 67 -8.11 3.03 -18.15
C PRO F 67 -7.52 3.42 -19.49
N MET F 68 -6.35 4.04 -19.45
CA MET F 68 -5.76 4.44 -20.71
C MET F 68 -5.11 3.25 -21.39
N LYS F 69 -4.97 3.37 -22.71
CA LYS F 69 -4.53 2.22 -23.48
C LYS F 69 -3.63 2.70 -24.60
N GLY F 70 -2.47 2.07 -24.73
CA GLY F 70 -1.63 2.33 -25.88
C GLY F 70 -0.27 1.65 -25.82
N GLY F 71 0.28 1.43 -26.99
CA GLY F 71 1.47 0.63 -27.19
C GLY F 71 2.74 1.37 -26.85
N ILE F 72 3.84 0.62 -26.89
CA ILE F 72 5.18 1.16 -26.66
C ILE F 72 6.01 0.98 -27.92
N ARG F 73 6.55 2.09 -28.44
CA ARG F 73 7.33 2.07 -29.66
C ARG F 73 8.83 2.19 -29.36
N TYR F 74 9.63 1.23 -29.86
CA TYR F 74 11.10 1.32 -29.86
C TYR F 74 11.53 1.66 -31.28
N HIS F 75 11.92 2.92 -31.52
CA HIS F 75 12.21 3.42 -32.86
C HIS F 75 13.05 4.67 -32.73
N PRO F 76 14.03 4.90 -33.61
CA PRO F 76 14.92 6.06 -33.43
C PRO F 76 14.21 7.41 -33.55
N GLU F 77 13.03 7.45 -34.19
CA GLU F 77 12.30 8.69 -34.40
C GLU F 77 11.26 8.94 -33.30
N VAL F 78 11.33 8.24 -32.18
CA VAL F 78 10.43 8.50 -31.06
C VAL F 78 10.90 9.78 -30.37
N ASP F 79 10.04 10.80 -30.37
CA ASP F 79 10.25 12.07 -29.69
C ASP F 79 8.94 12.50 -29.05
N PRO F 80 8.91 13.61 -28.28
CA PRO F 80 7.64 13.95 -27.59
C PRO F 80 6.48 14.24 -28.53
N ASP F 81 6.71 14.89 -29.70
CA ASP F 81 5.62 15.13 -30.65
C ASP F 81 5.02 13.84 -31.20
N GLU F 82 5.86 12.88 -31.58
CA GLU F 82 5.34 11.62 -32.10
C GLU F 82 4.53 10.89 -31.02
N VAL F 83 5.06 10.81 -29.81
CA VAL F 83 4.32 10.12 -28.74
C VAL F 83 3.02 10.85 -28.43
N ASN F 84 3.03 12.20 -28.44
CA ASN F 84 1.79 12.92 -28.16
C ASN F 84 0.75 12.70 -29.23
N ALA F 85 1.17 12.72 -30.50
CA ALA F 85 0.24 12.50 -31.60
C ALA F 85 -0.39 11.11 -31.51
N LEU F 86 0.44 10.10 -31.26
CA LEU F 86 -0.04 8.72 -31.17
C LEU F 86 -0.96 8.51 -29.97
N ALA F 87 -0.64 9.13 -28.82
CA ALA F 87 -1.48 9.01 -27.64
C ALA F 87 -2.85 9.64 -27.88
N GLN F 88 -2.89 10.79 -28.56
CA GLN F 88 -4.18 11.41 -28.83
C GLN F 88 -5.02 10.55 -29.76
N LEU F 89 -4.40 9.95 -30.78
CA LEU F 89 -5.13 9.06 -31.70
C LEU F 89 -5.72 7.85 -30.97
N MET F 90 -5.02 7.33 -29.95
CA MET F 90 -5.54 6.21 -29.17
C MET F 90 -6.83 6.60 -28.45
N THR F 91 -6.90 7.84 -27.98
CA THR F 91 -8.13 8.30 -27.35
C THR F 91 -9.30 8.25 -28.33
N TRP F 92 -9.10 8.70 -29.58
CA TRP F 92 -10.21 8.66 -30.54
C TRP F 92 -10.47 7.23 -31.02
N LYS F 93 -9.41 6.46 -31.20
CA LYS F 93 -9.51 5.09 -31.71
C LYS F 93 -10.27 4.20 -30.73
N THR F 94 -9.92 4.27 -29.44
CA THR F 94 -10.63 3.48 -28.44
C THR F 94 -12.11 3.86 -28.39
N ALA F 95 -12.41 5.15 -28.57
CA ALA F 95 -13.80 5.60 -28.61
C ALA F 95 -14.50 5.14 -29.89
N VAL F 96 -13.83 5.20 -31.04
CA VAL F 96 -14.42 4.68 -32.28
C VAL F 96 -14.72 3.19 -32.14
N ALA F 97 -13.79 2.44 -31.55
CA ALA F 97 -13.94 1.01 -31.34
C ALA F 97 -15.03 0.67 -30.33
N LYS F 98 -15.47 1.66 -29.55
CA LYS F 98 -16.46 1.49 -28.48
C LYS F 98 -15.97 0.50 -27.43
N ILE F 99 -14.70 0.62 -27.06
CA ILE F 99 -14.14 -0.16 -25.97
C ILE F 99 -13.92 0.76 -24.78
N PRO F 100 -14.00 0.26 -23.57
CA PRO F 100 -13.95 1.18 -22.41
C PRO F 100 -12.53 1.54 -22.01
N TYR F 101 -11.85 2.28 -22.88
CA TYR F 101 -10.51 2.75 -22.59
C TYR F 101 -10.38 4.20 -23.01
N GLY F 102 -9.41 4.89 -22.41
CA GLY F 102 -8.86 6.13 -22.94
C GLY F 102 -7.55 5.86 -23.66
N GLY F 103 -6.87 6.93 -24.03
CA GLY F 103 -5.68 6.84 -24.89
C GLY F 103 -4.38 7.18 -24.17
N ALA F 104 -3.33 6.42 -24.49
CA ALA F 104 -1.99 6.66 -23.99
C ALA F 104 -1.03 6.12 -25.03
N LYS F 105 0.24 6.51 -24.93
CA LYS F 105 1.25 5.94 -25.81
C LYS F 105 2.60 6.18 -25.16
N GLY F 106 3.56 5.28 -25.43
CA GLY F 106 4.89 5.46 -24.92
C GLY F 106 5.94 4.99 -25.89
N GLY F 107 7.19 5.13 -25.50
CA GLY F 107 8.26 4.63 -26.32
C GLY F 107 9.61 5.07 -25.83
N ILE F 108 10.62 4.57 -26.53
CA ILE F 108 12.02 4.88 -26.25
C ILE F 108 12.69 5.20 -27.58
N GLY F 109 13.43 6.28 -27.61
CA GLY F 109 14.23 6.58 -28.78
C GLY F 109 15.47 5.69 -28.83
N CYS F 110 15.39 4.60 -29.59
CA CYS F 110 16.49 3.65 -29.74
C CYS F 110 16.26 2.90 -31.04
N ASP F 111 17.31 2.21 -31.48
CA ASP F 111 17.23 1.34 -32.65
C ASP F 111 17.43 -0.12 -32.23
N PRO F 112 16.38 -0.92 -32.10
CA PRO F 112 16.55 -2.30 -31.60
C PRO F 112 17.44 -3.16 -32.48
N SER F 113 17.51 -2.86 -33.78
CA SER F 113 18.39 -3.63 -34.62
C SER F 113 19.86 -3.40 -34.28
N LYS F 114 20.17 -2.39 -33.47
CA LYS F 114 21.54 -2.12 -33.05
C LYS F 114 21.78 -2.47 -31.59
N LEU F 115 20.84 -3.17 -30.95
CA LEU F 115 20.92 -3.59 -29.57
C LEU F 115 20.86 -5.11 -29.52
N SER F 116 21.67 -5.71 -28.66
CA SER F 116 21.59 -7.14 -28.45
C SER F 116 20.31 -7.47 -27.69
N ILE F 117 19.95 -8.76 -27.70
CA ILE F 117 18.75 -9.18 -26.99
C ILE F 117 18.88 -8.94 -25.49
N SER F 118 20.10 -9.05 -24.95
CA SER F 118 20.35 -8.78 -23.53
C SER F 118 20.13 -7.31 -23.22
N GLU F 119 20.67 -6.43 -24.07
CA GLU F 119 20.49 -5.00 -23.90
C GLU F 119 19.02 -4.61 -24.03
N LEU F 120 18.29 -5.24 -24.95
CA LEU F 120 16.88 -4.90 -25.08
C LEU F 120 16.11 -5.30 -23.82
N GLU F 121 16.48 -6.42 -23.20
CA GLU F 121 15.82 -6.82 -21.96
C GLU F 121 16.13 -5.84 -20.83
N ARG F 122 17.41 -5.47 -20.68
CA ARG F 122 17.79 -4.53 -19.64
C ARG F 122 17.06 -3.19 -19.78
N LEU F 123 16.99 -2.68 -21.02
CA LEU F 123 16.32 -1.42 -21.32
C LEU F 123 14.82 -1.50 -21.03
N THR F 124 14.19 -2.60 -21.43
CA THR F 124 12.77 -2.77 -21.18
C THR F 124 12.48 -2.79 -19.69
N ARG F 125 13.31 -3.50 -18.90
CA ARG F 125 13.10 -3.57 -17.46
C ARG F 125 13.38 -2.22 -16.79
N VAL F 126 14.43 -1.52 -17.20
CA VAL F 126 14.67 -0.20 -16.61
C VAL F 126 13.52 0.74 -16.93
N PHE F 127 13.06 0.75 -18.18
CA PHE F 127 11.91 1.57 -18.55
C PHE F 127 10.70 1.25 -17.69
N THR F 128 10.42 -0.05 -17.49
CA THR F 128 9.32 -0.44 -16.62
C THR F 128 9.51 0.05 -15.19
N GLN F 129 10.72 -0.05 -14.66
CA GLN F 129 10.98 0.50 -13.33
C GLN F 129 10.69 1.99 -13.28
N LYS F 130 10.97 2.70 -14.37
CA LYS F 130 10.80 4.15 -14.33
C LYS F 130 9.36 4.58 -14.53
N ILE F 131 8.49 3.72 -15.05
CA ILE F 131 7.09 4.11 -15.26
C ILE F 131 6.12 3.27 -14.45
N HIS F 132 6.59 2.35 -13.61
CA HIS F 132 5.65 1.40 -13.01
C HIS F 132 4.61 2.12 -12.15
N ASP F 133 4.95 3.27 -11.59
CA ASP F 133 4.01 4.02 -10.78
C ASP F 133 2.98 4.76 -11.62
N LEU F 134 3.11 4.75 -12.95
CA LEU F 134 2.17 5.42 -13.84
C LEU F 134 1.21 4.48 -14.54
N ILE F 135 1.47 3.18 -14.50
CA ILE F 135 0.62 2.25 -15.23
C ILE F 135 -0.07 1.34 -14.22
N GLY F 136 -0.95 0.48 -14.68
CA GLY F 136 -1.71 -0.38 -13.80
C GLY F 136 -2.97 -0.88 -14.48
N ILE F 137 -3.52 -1.96 -13.91
CA ILE F 137 -4.62 -2.69 -14.55
C ILE F 137 -5.80 -1.79 -14.85
N HIS F 138 -6.09 -0.84 -13.96
CA HIS F 138 -7.24 0.05 -14.12
C HIS F 138 -6.80 1.50 -14.32
N THR F 139 -5.56 1.72 -14.75
CA THR F 139 -5.02 3.06 -14.91
C THR F 139 -4.50 3.30 -16.31
N ASP F 140 -3.60 2.45 -16.80
CA ASP F 140 -2.94 2.63 -18.09
C ASP F 140 -2.29 1.31 -18.44
N VAL F 141 -2.67 0.73 -19.57
CA VAL F 141 -2.30 -0.63 -19.93
C VAL F 141 -1.49 -0.62 -21.22
N PRO F 142 -0.16 -0.84 -21.18
CA PRO F 142 0.61 -0.84 -22.43
C PRO F 142 0.40 -2.09 -23.28
N ALA F 143 1.03 -2.07 -24.45
CA ALA F 143 0.93 -3.07 -25.50
C ALA F 143 2.10 -2.86 -26.46
N PRO F 144 2.29 -3.77 -27.42
CA PRO F 144 3.33 -3.55 -28.44
C PRO F 144 2.95 -2.43 -29.40
N ASP F 145 3.96 -2.00 -30.13
CA ASP F 145 3.87 -1.08 -31.26
C ASP F 145 5.11 -1.37 -32.11
N MET F 146 5.46 -0.46 -33.01
CA MET F 146 6.65 -0.68 -33.83
C MET F 146 7.90 -0.89 -32.97
N GLY F 147 8.68 -1.92 -33.29
CA GLY F 147 9.91 -2.20 -32.56
C GLY F 147 9.77 -3.03 -31.29
N THR F 148 8.55 -3.34 -30.84
CA THR F 148 8.33 -4.18 -29.67
C THR F 148 7.36 -5.31 -30.02
N GLY F 149 7.28 -6.32 -29.16
CA GLY F 149 6.43 -7.44 -29.45
C GLY F 149 6.09 -8.22 -28.20
N PRO F 150 5.53 -9.40 -28.38
CA PRO F 150 5.17 -10.20 -27.19
C PRO F 150 6.33 -10.47 -26.24
N GLN F 151 7.54 -10.69 -26.75
CA GLN F 151 8.67 -10.87 -25.85
C GLN F 151 8.92 -9.63 -24.99
N THR F 152 8.81 -8.44 -25.59
CA THR F 152 8.93 -7.21 -24.82
C THR F 152 7.87 -7.14 -23.72
N MET F 153 6.63 -7.47 -24.08
CA MET F 153 5.56 -7.43 -23.10
C MET F 153 5.80 -8.42 -21.98
N ALA F 154 6.36 -9.60 -22.31
CA ALA F 154 6.67 -10.55 -21.26
C ALA F 154 7.61 -9.95 -20.24
N TRP F 155 8.62 -9.20 -20.72
CA TRP F 155 9.58 -8.58 -19.80
C TRP F 155 8.91 -7.51 -18.97
N ILE F 156 8.03 -6.70 -19.58
CA ILE F 156 7.30 -5.68 -18.82
C ILE F 156 6.47 -6.33 -17.72
N LEU F 157 5.71 -7.37 -18.10
CA LEU F 157 4.88 -8.07 -17.12
C LEU F 157 5.74 -8.58 -15.96
N ASP F 158 6.89 -9.18 -16.29
CA ASP F 158 7.72 -9.79 -15.27
C ASP F 158 8.30 -8.75 -14.33
N GLU F 159 8.80 -7.64 -14.89
CA GLU F 159 9.36 -6.59 -14.05
C GLU F 159 8.27 -5.88 -13.24
N TYR F 160 7.14 -5.55 -13.87
CA TYR F 160 6.07 -4.87 -13.15
C TYR F 160 5.59 -5.71 -12.00
N SER F 161 5.53 -7.03 -12.20
CA SER F 161 4.99 -7.91 -11.17
C SER F 161 5.90 -7.97 -9.94
N LYS F 162 7.18 -7.66 -10.08
CA LYS F 162 8.04 -7.55 -8.90
C LYS F 162 7.63 -6.41 -7.99
N PHE F 163 7.06 -5.33 -8.54
CA PHE F 163 6.69 -4.16 -7.75
C PHE F 163 5.26 -4.23 -7.23
N HIS F 164 4.37 -4.93 -7.92
CA HIS F 164 2.98 -4.87 -7.55
C HIS F 164 2.35 -6.25 -7.43
N GLY F 165 3.14 -7.33 -7.44
CA GLY F 165 2.61 -8.66 -7.52
C GLY F 165 2.15 -8.99 -8.94
N TYR F 166 1.93 -10.28 -9.17
CA TYR F 166 1.60 -10.79 -10.50
C TYR F 166 0.38 -10.11 -11.08
N SER F 167 0.54 -9.48 -12.24
CA SER F 167 -0.48 -8.60 -12.81
C SER F 167 -0.59 -8.81 -14.31
N PRO F 168 -1.08 -9.97 -14.74
CA PRO F 168 -1.12 -10.24 -16.18
C PRO F 168 -1.91 -9.23 -16.99
N ALA F 169 -2.94 -8.60 -16.41
CA ALA F 169 -3.71 -7.61 -17.15
C ALA F 169 -3.01 -6.26 -17.24
N VAL F 170 -1.76 -6.12 -16.76
CA VAL F 170 -1.11 -4.81 -16.86
C VAL F 170 -0.60 -4.50 -18.27
N VAL F 171 -0.33 -5.50 -19.11
CA VAL F 171 0.03 -5.29 -20.50
C VAL F 171 -0.76 -6.26 -21.36
N THR F 172 -1.03 -5.86 -22.60
CA THR F 172 -1.61 -6.79 -23.55
C THR F 172 -0.60 -7.07 -24.66
N GLY F 173 -0.96 -8.00 -25.53
CA GLY F 173 0.03 -8.46 -26.48
C GLY F 173 1.04 -9.44 -25.91
N LYS F 174 0.72 -10.06 -24.77
CA LYS F 174 1.61 -11.03 -24.14
C LYS F 174 1.69 -12.31 -24.96
N PRO F 175 2.76 -13.09 -24.80
CA PRO F 175 2.76 -14.44 -25.36
C PRO F 175 1.61 -15.27 -24.79
N ILE F 176 1.11 -16.22 -25.58
CA ILE F 176 0.02 -17.07 -25.11
C ILE F 176 0.38 -17.75 -23.79
N ASP F 177 1.65 -18.15 -23.65
CA ASP F 177 2.09 -18.89 -22.47
C ASP F 177 1.90 -18.10 -21.19
N LEU F 178 1.79 -16.78 -21.30
CA LEU F 178 1.74 -15.89 -20.15
C LEU F 178 0.42 -15.15 -20.06
N GLY F 179 -0.64 -15.65 -20.67
CA GLY F 179 -1.92 -14.97 -20.55
C GLY F 179 -2.28 -14.12 -21.76
N GLY F 180 -1.50 -14.21 -22.85
CA GLY F 180 -1.90 -13.55 -24.09
C GLY F 180 -3.16 -14.17 -24.68
N SER F 181 -3.86 -13.41 -25.49
CA SER F 181 -5.10 -13.86 -26.10
C SER F 181 -4.85 -14.52 -27.44
N LEU F 182 -5.56 -15.62 -27.71
CA LEU F 182 -5.60 -16.12 -29.07
C LEU F 182 -6.18 -15.05 -29.99
N GLY F 183 -5.69 -14.99 -31.23
CA GLY F 183 -6.14 -13.98 -32.17
C GLY F 183 -5.49 -12.61 -32.00
N ARG F 184 -4.77 -12.35 -30.91
CA ARG F 184 -4.19 -11.02 -30.71
C ARG F 184 -3.11 -10.73 -31.74
N ASP F 185 -2.18 -11.68 -31.96
CA ASP F 185 -1.09 -11.45 -32.90
C ASP F 185 -1.61 -11.07 -34.27
N ALA F 186 -2.64 -11.76 -34.74
CA ALA F 186 -3.19 -11.51 -36.07
C ALA F 186 -4.17 -10.34 -36.10
N ALA F 187 -4.50 -9.77 -34.93
CA ALA F 187 -5.72 -8.94 -34.80
C ALA F 187 -5.69 -7.71 -35.71
N THR F 188 -4.58 -6.98 -35.71
CA THR F 188 -4.58 -5.74 -36.46
C THR F 188 -4.70 -6.04 -37.94
N GLY F 189 -3.93 -7.02 -38.43
CA GLY F 189 -4.04 -7.41 -39.82
C GLY F 189 -5.43 -7.93 -40.16
N ARG F 190 -6.04 -8.69 -39.24
CA ARG F 190 -7.38 -9.20 -39.48
C ARG F 190 -8.39 -8.07 -39.57
N GLY F 191 -8.29 -7.09 -38.68
CA GLY F 191 -9.17 -5.94 -38.76
C GLY F 191 -8.94 -5.10 -40.01
N VAL F 192 -7.67 -4.95 -40.41
CA VAL F 192 -7.37 -4.28 -41.68
C VAL F 192 -8.07 -4.99 -42.82
N MET F 193 -8.04 -6.33 -42.82
CA MET F 193 -8.75 -7.08 -43.86
C MET F 193 -10.27 -6.91 -43.73
N PHE F 194 -10.79 -6.90 -42.50
CA PHE F 194 -12.22 -6.70 -42.29
C PHE F 194 -12.68 -5.35 -42.83
N GLY F 195 -11.98 -4.29 -42.45
CA GLY F 195 -12.39 -2.96 -42.87
C GLY F 195 -12.28 -2.76 -44.36
N THR F 196 -11.29 -3.42 -44.97
CA THR F 196 -11.15 -3.34 -46.41
C THR F 196 -12.37 -3.93 -47.10
N GLU F 197 -12.81 -5.10 -46.65
CA GLU F 197 -13.99 -5.70 -47.29
C GLU F 197 -15.22 -4.85 -47.04
N ALA F 198 -15.34 -4.26 -45.85
CA ALA F 198 -16.49 -3.40 -45.53
C ALA F 198 -16.53 -2.19 -46.45
N LEU F 199 -15.37 -1.56 -46.67
CA LEU F 199 -15.32 -0.39 -47.55
C LEU F 199 -15.57 -0.77 -49.01
N LEU F 200 -14.95 -1.86 -49.47
CA LEU F 200 -15.15 -2.27 -50.86
C LEU F 200 -16.61 -2.64 -51.09
N ASN F 201 -17.26 -3.29 -50.12
CA ASN F 201 -18.67 -3.63 -50.29
C ASN F 201 -19.52 -2.39 -50.52
N GLU F 202 -19.20 -1.27 -49.85
CA GLU F 202 -19.95 -0.03 -50.04
C GLU F 202 -19.87 0.46 -51.48
N HIS F 203 -18.78 0.14 -52.17
CA HIS F 203 -18.62 0.49 -53.58
C HIS F 203 -18.95 -0.66 -54.52
N GLY F 204 -19.61 -1.71 -54.03
CA GLY F 204 -19.95 -2.83 -54.88
C GLY F 204 -18.77 -3.66 -55.33
N LYS F 205 -17.69 -3.68 -54.56
CA LYS F 205 -16.48 -4.41 -54.88
C LYS F 205 -16.19 -5.42 -53.77
N THR F 206 -15.25 -6.32 -54.04
CA THR F 206 -14.83 -7.32 -53.06
C THR F 206 -13.30 -7.42 -53.13
N ILE F 207 -12.70 -7.94 -52.04
CA ILE F 207 -11.25 -8.06 -51.95
C ILE F 207 -10.68 -8.89 -53.10
N SER F 208 -11.36 -9.97 -53.46
CA SER F 208 -10.83 -10.91 -54.43
C SER F 208 -10.55 -10.23 -55.77
N GLY F 209 -9.30 -10.37 -56.23
CA GLY F 209 -8.89 -9.80 -57.50
C GLY F 209 -8.25 -8.43 -57.41
N GLN F 210 -8.51 -7.69 -56.32
CA GLN F 210 -7.90 -6.38 -56.16
C GLN F 210 -6.38 -6.53 -56.02
N ARG F 211 -5.66 -5.54 -56.50
CA ARG F 211 -4.20 -5.48 -56.43
C ARG F 211 -3.78 -4.61 -55.25
N PHE F 212 -2.99 -5.17 -54.34
CA PHE F 212 -2.57 -4.48 -53.12
C PHE F 212 -1.08 -4.16 -53.14
N VAL F 213 -0.75 -2.99 -52.61
CA VAL F 213 0.63 -2.63 -52.27
C VAL F 213 0.68 -2.35 -50.78
N ILE F 214 1.66 -2.96 -50.09
CA ILE F 214 1.78 -2.89 -48.63
C ILE F 214 3.18 -2.37 -48.28
N GLN F 215 3.25 -1.25 -47.56
CA GLN F 215 4.52 -0.70 -47.09
C GLN F 215 4.70 -1.10 -45.63
N GLY F 216 5.74 -1.88 -45.35
CA GLY F 216 5.86 -2.43 -44.02
C GLY F 216 5.42 -3.88 -44.02
N PHE F 217 6.17 -4.74 -43.34
CA PHE F 217 5.86 -6.15 -43.32
C PHE F 217 6.09 -6.72 -41.93
N GLY F 218 5.68 -5.98 -40.89
CA GLY F 218 5.84 -6.43 -39.52
C GLY F 218 4.60 -7.13 -38.98
N ASN F 219 4.28 -6.90 -37.71
CA ASN F 219 3.09 -7.54 -37.15
C ASN F 219 1.84 -7.17 -37.94
N VAL F 220 1.69 -5.90 -38.29
CA VAL F 220 0.51 -5.46 -39.04
C VAL F 220 0.62 -5.86 -40.50
N GLY F 221 1.72 -5.48 -41.17
CA GLY F 221 1.82 -5.67 -42.60
C GLY F 221 1.79 -7.13 -43.04
N SER F 222 2.48 -8.00 -42.29
CA SER F 222 2.57 -9.41 -42.73
C SER F 222 1.25 -10.12 -42.55
N TRP F 223 0.55 -9.86 -41.44
CA TRP F 223 -0.78 -10.46 -41.24
C TRP F 223 -1.80 -9.89 -42.24
N ALA F 224 -1.76 -8.59 -42.49
CA ALA F 224 -2.64 -8.02 -43.51
C ALA F 224 -2.39 -8.68 -44.85
N ALA F 225 -1.12 -8.82 -45.24
CA ALA F 225 -0.81 -9.46 -46.51
C ALA F 225 -1.29 -10.91 -46.54
N LYS F 226 -1.07 -11.64 -45.45
CA LYS F 226 -1.46 -13.05 -45.40
C LYS F 226 -2.97 -13.21 -45.49
N LEU F 227 -3.72 -12.45 -44.67
CA LEU F 227 -5.17 -12.64 -44.63
C LEU F 227 -5.83 -12.08 -45.87
N ILE F 228 -5.29 -10.99 -46.42
CA ILE F 228 -5.86 -10.45 -47.65
C ILE F 228 -5.66 -11.42 -48.81
N SER F 229 -4.46 -12.02 -48.95
CA SER F 229 -4.23 -12.96 -50.04
C SER F 229 -5.09 -14.21 -49.88
N GLU F 230 -5.38 -14.61 -48.63
CA GLU F 230 -6.26 -15.74 -48.41
C GLU F 230 -7.69 -15.44 -48.86
N LYS F 231 -8.10 -14.18 -48.92
CA LYS F 231 -9.38 -13.84 -49.53
C LYS F 231 -9.28 -13.51 -51.01
N GLY F 232 -8.14 -13.78 -51.64
CA GLY F 232 -8.01 -13.61 -53.07
C GLY F 232 -7.40 -12.29 -53.50
N GLY F 233 -6.94 -11.47 -52.57
CA GLY F 233 -6.22 -10.25 -52.96
C GLY F 233 -4.87 -10.57 -53.58
N LYS F 234 -4.49 -9.76 -54.57
CA LYS F 234 -3.20 -9.85 -55.23
C LYS F 234 -2.25 -8.83 -54.60
N ILE F 235 -1.23 -9.32 -53.89
CA ILE F 235 -0.24 -8.46 -53.25
C ILE F 235 0.86 -8.23 -54.29
N VAL F 236 0.83 -7.09 -54.98
CA VAL F 236 1.76 -6.89 -56.09
C VAL F 236 3.09 -6.25 -55.67
N ALA F 237 3.14 -5.60 -54.51
CA ALA F 237 4.40 -5.03 -54.05
C ALA F 237 4.40 -4.95 -52.53
N VAL F 238 5.57 -5.17 -51.94
CA VAL F 238 5.81 -5.12 -50.50
C VAL F 238 7.16 -4.47 -50.25
N SER F 239 7.26 -3.74 -49.14
CA SER F 239 8.55 -3.24 -48.70
C SER F 239 8.64 -3.34 -47.18
N ASP F 240 9.89 -3.29 -46.69
CA ASP F 240 10.18 -3.12 -45.26
C ASP F 240 11.49 -2.35 -45.16
N ILE F 241 12.12 -2.37 -43.98
CA ILE F 241 13.33 -1.57 -43.82
C ILE F 241 14.49 -2.10 -44.68
N THR F 242 14.42 -3.34 -45.17
CA THR F 242 15.53 -3.90 -45.93
C THR F 242 15.42 -3.70 -47.44
N GLY F 243 14.26 -3.36 -47.96
CA GLY F 243 14.09 -3.17 -49.39
C GLY F 243 12.64 -3.38 -49.80
N ALA F 244 12.41 -3.25 -51.11
CA ALA F 244 11.08 -3.39 -51.70
C ALA F 244 11.11 -4.43 -52.82
N ILE F 245 10.01 -5.19 -52.95
CA ILE F 245 9.91 -6.24 -53.96
C ILE F 245 8.59 -6.12 -54.68
N LYS F 246 8.55 -6.64 -55.93
CA LYS F 246 7.37 -6.49 -56.78
C LYS F 246 7.15 -7.74 -57.64
N ASN F 247 5.88 -8.12 -57.80
CA ASN F 247 5.49 -9.17 -58.73
C ASN F 247 4.07 -8.85 -59.18
N LYS F 248 3.91 -8.40 -60.42
CA LYS F 248 2.63 -7.90 -60.90
C LYS F 248 1.54 -8.98 -60.89
N ASP F 249 1.93 -10.24 -60.98
CA ASP F 249 0.96 -11.34 -60.93
C ASP F 249 0.60 -11.73 -59.51
N GLY F 250 1.22 -11.13 -58.51
CA GLY F 250 0.97 -11.48 -57.13
C GLY F 250 2.12 -12.20 -56.47
N ILE F 251 2.50 -11.70 -55.30
CA ILE F 251 3.56 -12.31 -54.51
C ILE F 251 2.98 -13.48 -53.73
N ASP F 252 3.69 -14.61 -53.73
CA ASP F 252 3.30 -15.77 -52.92
C ASP F 252 3.58 -15.44 -51.46
N ILE F 253 2.54 -15.02 -50.73
CA ILE F 253 2.75 -14.58 -49.36
C ILE F 253 3.25 -15.69 -48.46
N PRO F 254 2.69 -16.92 -48.50
CA PRO F 254 3.30 -18.00 -47.72
C PRO F 254 4.79 -18.19 -47.96
N ALA F 255 5.22 -18.12 -49.23
CA ALA F 255 6.65 -18.19 -49.52
C ALA F 255 7.39 -16.99 -48.96
N LEU F 256 6.82 -15.80 -49.09
CA LEU F 256 7.47 -14.60 -48.57
C LEU F 256 7.59 -14.68 -47.05
N LEU F 257 6.54 -15.15 -46.38
CA LEU F 257 6.60 -15.31 -44.93
C LEU F 257 7.74 -16.25 -44.53
N LYS F 258 7.88 -17.36 -45.26
CA LYS F 258 8.95 -18.31 -44.96
C LYS F 258 10.31 -17.68 -45.17
N HIS F 259 10.47 -16.88 -46.23
CA HIS F 259 11.71 -16.17 -46.46
C HIS F 259 12.00 -15.16 -45.34
N THR F 260 10.99 -14.41 -44.90
CA THR F 260 11.26 -13.35 -43.94
C THR F 260 11.54 -13.89 -42.55
N LYS F 261 11.05 -15.10 -42.23
CA LYS F 261 11.41 -15.71 -40.94
C LYS F 261 12.86 -16.17 -40.93
N GLU F 262 13.41 -16.53 -42.09
CA GLU F 262 14.79 -16.99 -42.20
C GLU F 262 15.78 -15.89 -42.59
N HIS F 263 15.30 -14.73 -43.02
CA HIS F 263 16.19 -13.64 -43.35
C HIS F 263 15.76 -12.38 -42.61
N ARG F 264 16.48 -11.29 -42.82
CA ARG F 264 16.20 -10.06 -42.09
C ARG F 264 14.95 -9.33 -42.57
N GLY F 265 14.32 -9.77 -43.67
CA GLY F 265 13.33 -8.95 -44.32
C GLY F 265 13.05 -9.49 -45.71
N VAL F 266 12.15 -8.82 -46.41
CA VAL F 266 11.74 -9.28 -47.75
C VAL F 266 12.86 -9.21 -48.77
N LYS F 267 13.94 -8.44 -48.52
CA LYS F 267 15.03 -8.33 -49.49
C LYS F 267 15.60 -9.71 -49.82
N GLY F 268 15.85 -9.94 -51.11
CA GLY F 268 16.39 -11.20 -51.56
C GLY F 268 15.39 -12.32 -51.75
N PHE F 269 14.09 -12.04 -51.65
CA PHE F 269 13.06 -13.07 -51.84
C PHE F 269 13.08 -13.53 -53.29
N ASP F 270 13.12 -14.85 -53.49
CA ASP F 270 13.29 -15.37 -54.85
C ASP F 270 12.05 -15.26 -55.73
N GLY F 271 10.89 -14.90 -55.19
CA GLY F 271 9.67 -14.89 -56.00
C GLY F 271 9.17 -13.52 -56.42
N ALA F 272 10.06 -12.53 -56.40
CA ALA F 272 9.70 -11.16 -56.74
C ALA F 272 10.95 -10.40 -57.17
N ASP F 273 10.75 -9.41 -58.04
CA ASP F 273 11.89 -8.59 -58.45
C ASP F 273 12.06 -7.40 -57.50
N PRO F 274 13.28 -6.98 -57.21
CA PRO F 274 13.48 -5.81 -56.33
C PRO F 274 13.15 -4.52 -57.08
N ILE F 275 12.60 -3.55 -56.33
CA ILE F 275 12.26 -2.23 -56.87
C ILE F 275 12.75 -1.17 -55.88
N ASP F 276 12.84 0.06 -56.38
CA ASP F 276 13.17 1.22 -55.56
C ASP F 276 12.22 1.31 -54.36
N PRO F 277 12.73 1.26 -53.14
CA PRO F 277 11.82 1.38 -51.98
C PRO F 277 11.09 2.70 -51.93
N ASN F 278 11.66 3.76 -52.48
CA ASN F 278 11.02 5.07 -52.43
C ASN F 278 9.91 5.23 -53.45
N SER F 279 9.68 4.21 -54.29
CA SER F 279 8.61 4.23 -55.28
C SER F 279 7.42 3.39 -54.86
N ILE F 280 7.46 2.77 -53.69
CA ILE F 280 6.43 1.79 -53.33
C ILE F 280 5.06 2.46 -53.20
N LEU F 281 5.02 3.69 -52.65
CA LEU F 281 3.73 4.33 -52.38
C LEU F 281 3.04 4.82 -53.66
N VAL F 282 3.80 5.06 -54.73
CA VAL F 282 3.25 5.54 -56.00
C VAL F 282 3.17 4.42 -57.02
N GLU F 283 3.29 3.17 -56.59
CA GLU F 283 3.11 2.05 -57.51
C GLU F 283 1.66 1.96 -57.96
N ASP F 284 1.49 1.54 -59.22
CA ASP F 284 0.16 1.30 -59.75
C ASP F 284 -0.48 0.13 -59.00
N CYS F 285 -1.67 0.35 -58.47
CA CYS F 285 -2.41 -0.67 -57.75
C CYS F 285 -3.85 -0.18 -57.60
N ASP F 286 -4.68 -1.04 -57.01
CA ASP F 286 -6.04 -0.62 -56.70
C ASP F 286 -6.14 -0.13 -55.25
N ILE F 287 -5.44 -0.80 -54.33
CA ILE F 287 -5.57 -0.55 -52.90
C ILE F 287 -4.17 -0.45 -52.30
N LEU F 288 -3.90 0.67 -51.62
CA LEU F 288 -2.61 0.97 -51.00
C LEU F 288 -2.72 0.83 -49.49
N VAL F 289 -1.81 0.08 -48.88
CA VAL F 289 -1.89 -0.16 -47.44
C VAL F 289 -0.57 0.27 -46.79
N PRO F 290 -0.45 1.53 -46.36
CA PRO F 290 0.75 1.93 -45.59
C PRO F 290 0.71 1.28 -44.22
N ALA F 291 1.73 0.47 -43.91
CA ALA F 291 1.74 -0.26 -42.64
C ALA F 291 3.08 -0.11 -41.91
N ALA F 292 3.74 1.03 -42.07
CA ALA F 292 5.01 1.25 -41.36
C ALA F 292 5.02 2.54 -40.54
N LEU F 293 5.53 3.63 -41.10
CA LEU F 293 5.64 4.88 -40.36
C LEU F 293 4.51 5.83 -40.76
N GLY F 294 4.35 6.89 -39.95
CA GLY F 294 3.36 7.91 -40.26
C GLY F 294 3.89 9.02 -41.14
N GLY F 295 2.96 9.83 -41.65
CA GLY F 295 3.32 10.97 -42.48
C GLY F 295 3.93 10.63 -43.81
N VAL F 296 3.86 9.38 -44.27
CA VAL F 296 4.53 9.00 -45.52
C VAL F 296 3.77 9.41 -46.77
N ILE F 297 2.48 9.70 -46.67
CA ILE F 297 1.71 10.23 -47.80
C ILE F 297 1.47 11.70 -47.50
N ASN F 298 2.07 12.58 -48.29
CA ASN F 298 2.12 14.00 -47.94
C ASN F 298 1.99 14.84 -49.21
N ARG F 299 2.13 16.17 -49.07
CA ARG F 299 1.86 17.04 -50.21
C ARG F 299 2.79 16.79 -51.38
N GLU F 300 3.85 16.03 -51.19
CA GLU F 300 4.82 15.85 -52.25
C GLU F 300 4.59 14.59 -53.09
N ASN F 301 4.13 13.49 -52.49
CA ASN F 301 3.80 12.32 -53.29
C ASN F 301 2.30 12.15 -53.52
N ALA F 302 1.45 12.94 -52.85
CA ALA F 302 0.00 12.71 -52.91
C ALA F 302 -0.53 12.77 -54.35
N ASN F 303 -0.02 13.69 -55.17
CA ASN F 303 -0.53 13.83 -56.53
C ASN F 303 -0.22 12.63 -57.40
N GLU F 304 0.72 11.77 -56.99
CA GLU F 304 1.17 10.63 -57.77
C GLU F 304 0.63 9.30 -57.24
N ILE F 305 -0.17 9.32 -56.17
CA ILE F 305 -0.78 8.08 -55.69
C ILE F 305 -1.73 7.56 -56.77
N LYS F 306 -1.54 6.30 -57.15
CA LYS F 306 -2.34 5.67 -58.19
C LYS F 306 -3.50 4.80 -57.65
N ALA F 307 -3.47 4.43 -56.38
CA ALA F 307 -4.54 3.62 -55.82
C ALA F 307 -5.84 4.40 -55.77
N LYS F 308 -6.97 3.69 -55.92
CA LYS F 308 -8.27 4.30 -55.69
C LYS F 308 -8.70 4.23 -54.22
N PHE F 309 -8.12 3.31 -53.44
CA PHE F 309 -8.41 3.18 -52.02
C PHE F 309 -7.11 3.17 -51.23
N ILE F 310 -7.11 3.83 -50.08
CA ILE F 310 -6.00 3.78 -49.14
C ILE F 310 -6.54 3.23 -47.83
N ILE F 311 -5.95 2.12 -47.36
CA ILE F 311 -6.30 1.52 -46.06
C ILE F 311 -5.17 1.83 -45.10
N GLU F 312 -5.44 2.68 -44.11
CA GLU F 312 -4.42 3.16 -43.16
C GLU F 312 -4.20 2.14 -42.07
N ALA F 313 -3.32 1.17 -42.34
CA ALA F 313 -2.94 0.19 -41.32
C ALA F 313 -2.00 0.82 -40.29
N ALA F 314 -1.03 1.60 -40.74
CA ALA F 314 -0.19 2.36 -39.82
C ALA F 314 -0.99 3.48 -39.13
N ASN F 315 -0.43 4.01 -38.05
CA ASN F 315 -0.96 5.21 -37.43
C ASN F 315 -0.51 6.44 -38.21
N HIS F 316 -1.42 7.42 -38.40
CA HIS F 316 -1.34 8.65 -39.22
C HIS F 316 -0.38 8.60 -40.43
N PRO F 317 -0.59 7.69 -41.38
CA PRO F 317 0.27 7.70 -42.58
C PRO F 317 -0.01 8.85 -43.55
N THR F 318 -1.21 9.42 -43.55
CA THR F 318 -1.60 10.49 -44.48
C THR F 318 -1.82 11.79 -43.72
N ASP F 319 -1.15 12.87 -44.10
CA ASP F 319 -1.33 14.13 -43.38
C ASP F 319 -2.46 14.95 -44.00
N PRO F 320 -2.94 16.00 -43.32
CA PRO F 320 -4.07 16.78 -43.85
C PRO F 320 -3.87 17.37 -45.24
N ASP F 321 -2.65 17.75 -45.63
CA ASP F 321 -2.43 18.27 -47.00
C ASP F 321 -2.73 17.20 -48.05
N ALA F 322 -2.24 15.98 -47.84
CA ALA F 322 -2.50 14.93 -48.79
C ALA F 322 -3.97 14.56 -48.83
N ASP F 323 -4.65 14.67 -47.68
CA ASP F 323 -6.09 14.45 -47.60
C ASP F 323 -6.84 15.33 -48.59
N GLU F 324 -6.50 16.62 -48.66
CA GLU F 324 -7.14 17.51 -49.61
C GLU F 324 -6.84 17.09 -51.04
N ILE F 325 -5.57 16.85 -51.34
CA ILE F 325 -5.17 16.49 -52.71
C ILE F 325 -5.84 15.19 -53.13
N LEU F 326 -5.85 14.20 -52.23
CA LEU F 326 -6.40 12.90 -52.58
C LEU F 326 -7.92 12.94 -52.72
N SER F 327 -8.60 13.75 -51.91
CA SER F 327 -10.04 13.92 -52.05
C SER F 327 -10.41 14.41 -53.45
N LYS F 328 -9.65 15.40 -53.96
CA LYS F 328 -9.91 15.92 -55.30
C LYS F 328 -9.57 14.93 -56.40
N LYS F 329 -8.68 13.97 -56.13
CA LYS F 329 -8.41 12.92 -57.10
C LYS F 329 -9.42 11.78 -57.05
N GLY F 330 -10.36 11.81 -56.10
CA GLY F 330 -11.35 10.76 -55.98
C GLY F 330 -10.91 9.54 -55.22
N VAL F 331 -9.81 9.63 -54.47
CA VAL F 331 -9.29 8.52 -53.68
C VAL F 331 -10.02 8.47 -52.35
N VAL F 332 -10.44 7.27 -51.94
CA VAL F 332 -11.18 7.05 -50.70
C VAL F 332 -10.22 6.52 -49.65
N ILE F 333 -10.21 7.15 -48.48
CA ILE F 333 -9.24 6.82 -47.43
C ILE F 333 -9.96 6.28 -46.20
N LEU F 334 -9.73 5.01 -45.87
CA LEU F 334 -10.25 4.44 -44.64
C LEU F 334 -9.33 4.81 -43.47
N PRO F 335 -9.79 5.63 -42.52
CA PRO F 335 -8.86 6.24 -41.56
C PRO F 335 -8.28 5.25 -40.56
N ASP F 336 -7.05 5.56 -40.11
CA ASP F 336 -6.30 4.70 -39.18
C ASP F 336 -7.10 4.36 -37.93
N ILE F 337 -7.76 5.35 -37.32
CA ILE F 337 -8.48 5.14 -36.05
C ILE F 337 -9.60 4.14 -36.22
N TYR F 338 -10.05 3.90 -37.44
CA TYR F 338 -10.95 2.77 -37.62
C TYR F 338 -10.24 1.55 -38.19
N ALA F 339 -9.48 1.74 -39.28
CA ALA F 339 -8.96 0.62 -40.07
C ALA F 339 -8.04 -0.28 -39.25
N ASN F 340 -7.23 0.29 -38.36
CA ASN F 340 -6.29 -0.53 -37.60
C ASN F 340 -6.76 -0.80 -36.18
N SER F 341 -8.04 -0.52 -35.87
CA SER F 341 -8.53 -0.63 -34.50
C SER F 341 -8.79 -2.08 -34.07
N GLY F 342 -8.59 -3.05 -34.96
CA GLY F 342 -8.72 -4.45 -34.57
C GLY F 342 -7.71 -4.81 -33.50
N GLY F 343 -6.51 -4.23 -33.58
CA GLY F 343 -5.50 -4.54 -32.58
C GLY F 343 -5.94 -4.13 -31.19
N VAL F 344 -6.38 -2.88 -31.03
CA VAL F 344 -6.75 -2.42 -29.69
C VAL F 344 -8.04 -3.08 -29.22
N THR F 345 -8.91 -3.44 -30.16
CA THR F 345 -10.15 -4.12 -29.76
C THR F 345 -9.83 -5.50 -29.20
N VAL F 346 -8.94 -6.24 -29.84
CA VAL F 346 -8.59 -7.54 -29.28
C VAL F 346 -7.70 -7.38 -28.04
N SER F 347 -6.98 -6.25 -27.91
CA SER F 347 -6.26 -6.00 -26.66
C SER F 347 -7.23 -5.86 -25.49
N TYR F 348 -8.37 -5.23 -25.73
CA TYR F 348 -9.43 -5.17 -24.74
C TYR F 348 -9.90 -6.57 -24.38
N PHE F 349 -10.11 -7.43 -25.38
CA PHE F 349 -10.55 -8.79 -25.07
C PHE F 349 -9.51 -9.55 -24.25
N GLU F 350 -8.22 -9.33 -24.56
CA GLU F 350 -7.15 -9.96 -23.79
C GLU F 350 -7.20 -9.51 -22.34
N TRP F 351 -7.27 -8.19 -22.13
CA TRP F 351 -7.40 -7.62 -20.78
C TRP F 351 -8.62 -8.19 -20.06
N VAL F 352 -9.77 -8.26 -20.74
CA VAL F 352 -10.97 -8.85 -20.17
C VAL F 352 -10.70 -10.29 -19.72
N GLN F 353 -10.06 -11.09 -20.58
CA GLN F 353 -9.76 -12.49 -20.22
C GLN F 353 -8.85 -12.57 -19.01
N ASN F 354 -7.85 -11.70 -18.93
CA ASN F 354 -6.96 -11.66 -17.77
C ASN F 354 -7.72 -11.24 -16.50
N ILE F 355 -8.56 -10.21 -16.59
CA ILE F 355 -9.39 -9.77 -15.47
C ILE F 355 -10.31 -10.90 -14.99
N GLN F 356 -10.88 -11.66 -15.92
CA GLN F 356 -11.78 -12.75 -15.59
C GLN F 356 -11.04 -14.05 -15.23
N GLY F 357 -9.71 -14.06 -15.30
CA GLY F 357 -8.97 -15.26 -14.98
C GLY F 357 -9.24 -16.48 -15.85
N PHE F 358 -9.73 -16.28 -17.08
CA PHE F 358 -10.24 -17.41 -17.87
C PHE F 358 -10.24 -17.04 -19.35
N MET F 359 -9.47 -17.79 -20.16
CA MET F 359 -9.25 -17.43 -21.56
C MET F 359 -10.39 -17.89 -22.46
N TRP F 360 -10.57 -17.19 -23.60
CA TRP F 360 -11.56 -17.50 -24.62
C TRP F 360 -10.94 -18.34 -25.75
N GLU F 361 -11.76 -19.12 -26.44
CA GLU F 361 -11.31 -19.76 -27.68
C GLU F 361 -11.13 -18.73 -28.79
N GLU F 362 -10.31 -19.07 -29.77
CA GLU F 362 -9.97 -18.10 -30.80
C GLU F 362 -11.19 -17.70 -31.61
N GLU F 363 -12.12 -18.63 -31.87
CA GLU F 363 -13.32 -18.27 -32.62
C GLU F 363 -14.16 -17.24 -31.89
N LYS F 364 -14.28 -17.36 -30.57
CA LYS F 364 -15.02 -16.34 -29.83
C LYS F 364 -14.33 -14.99 -29.91
N VAL F 365 -12.99 -14.98 -29.82
CA VAL F 365 -12.26 -13.71 -29.97
C VAL F 365 -12.55 -13.10 -31.33
N ASN F 366 -12.42 -13.90 -32.40
CA ASN F 366 -12.56 -13.36 -33.75
C ASN F 366 -14.01 -13.03 -34.09
N ASP F 367 -14.97 -13.80 -33.55
CA ASP F 367 -16.37 -13.45 -33.76
C ASP F 367 -16.69 -12.12 -33.06
N GLU F 368 -16.20 -11.94 -31.84
CA GLU F 368 -16.38 -10.68 -31.14
C GLU F 368 -15.72 -9.52 -31.88
N LEU F 369 -14.51 -9.74 -32.42
CA LEU F 369 -13.84 -8.71 -33.19
C LEU F 369 -14.65 -8.29 -34.40
N LYS F 370 -15.17 -9.27 -35.15
CA LYS F 370 -15.97 -8.95 -36.33
C LYS F 370 -17.22 -8.17 -35.94
N THR F 371 -17.86 -8.56 -34.84
CA THR F 371 -19.03 -7.83 -34.35
C THR F 371 -18.67 -6.39 -34.01
N TYR F 372 -17.58 -6.19 -33.27
CA TYR F 372 -17.24 -4.84 -32.83
C TYR F 372 -16.93 -3.95 -34.01
N MET F 373 -16.19 -4.46 -35.00
CA MET F 373 -15.78 -3.62 -36.12
C MET F 373 -16.91 -3.41 -37.11
N THR F 374 -17.89 -4.32 -37.17
CA THR F 374 -19.09 -4.07 -37.98
C THR F 374 -19.89 -2.91 -37.40
N ARG F 375 -20.06 -2.88 -36.06
CA ARG F 375 -20.80 -1.80 -35.42
C ARG F 375 -20.06 -0.48 -35.57
N SER F 376 -18.74 -0.50 -35.41
CA SER F 376 -17.96 0.73 -35.57
C SER F 376 -18.10 1.29 -36.97
N PHE F 377 -18.02 0.42 -37.98
CA PHE F 377 -18.14 0.91 -39.35
C PHE F 377 -19.54 1.47 -39.59
N LYS F 378 -20.56 0.85 -39.00
CA LYS F 378 -21.90 1.38 -39.12
C LYS F 378 -22.01 2.75 -38.45
N ASP F 379 -21.47 2.88 -37.23
CA ASP F 379 -21.55 4.17 -36.54
C ASP F 379 -20.73 5.25 -37.26
N LEU F 380 -19.57 4.85 -37.80
CA LEU F 380 -18.76 5.73 -38.63
C LEU F 380 -19.54 6.19 -39.86
N LYS F 381 -20.27 5.28 -40.51
CA LYS F 381 -21.07 5.66 -41.67
C LYS F 381 -22.15 6.67 -41.27
N GLU F 382 -22.77 6.49 -40.11
CA GLU F 382 -23.83 7.43 -39.71
C GLU F 382 -23.28 8.81 -39.44
N MET F 383 -22.09 8.91 -38.81
CA MET F 383 -21.50 10.21 -38.59
C MET F 383 -21.25 10.92 -39.92
N CYS F 384 -20.79 10.19 -40.93
CA CYS F 384 -20.56 10.80 -42.24
C CYS F 384 -21.85 11.35 -42.83
N LYS F 385 -22.96 10.62 -42.67
CA LYS F 385 -24.24 11.13 -43.16
C LYS F 385 -24.67 12.36 -42.35
N THR F 386 -24.57 12.27 -41.02
CA THR F 386 -25.00 13.37 -40.16
C THR F 386 -24.25 14.65 -40.47
N HIS F 387 -22.95 14.56 -40.74
CA HIS F 387 -22.11 15.74 -40.90
C HIS F 387 -21.60 15.96 -42.32
N SER F 388 -22.12 15.21 -43.31
CA SER F 388 -21.76 15.37 -44.71
C SER F 388 -20.24 15.50 -44.89
N CYS F 389 -19.50 14.54 -44.32
CA CYS F 389 -18.05 14.61 -44.27
C CYS F 389 -17.46 13.29 -44.78
N ASP F 390 -16.13 13.29 -44.98
CA ASP F 390 -15.44 12.10 -45.46
C ASP F 390 -15.31 11.05 -44.33
N LEU F 391 -14.72 9.90 -44.67
CA LEU F 391 -14.57 8.80 -43.72
C LEU F 391 -13.73 9.21 -42.51
N ARG F 392 -12.62 9.93 -42.76
CA ARG F 392 -11.76 10.33 -41.65
C ARG F 392 -12.53 11.16 -40.65
N MET F 393 -13.32 12.13 -41.15
CA MET F 393 -14.07 12.98 -40.24
C MET F 393 -15.23 12.23 -39.60
N GLY F 394 -15.82 11.25 -40.30
CA GLY F 394 -16.83 10.44 -39.65
C GLY F 394 -16.30 9.72 -38.43
N ALA F 395 -15.06 9.19 -38.54
CA ALA F 395 -14.44 8.49 -37.43
C ALA F 395 -14.00 9.46 -36.33
N PHE F 396 -13.37 10.57 -36.71
CA PHE F 396 -12.95 11.56 -35.72
C PHE F 396 -14.13 12.12 -34.95
N THR F 397 -15.20 12.51 -35.65
CA THR F 397 -16.33 13.06 -34.94
C THR F 397 -16.95 12.01 -34.03
N LEU F 398 -16.99 10.77 -34.49
CA LEU F 398 -17.54 9.72 -33.65
C LEU F 398 -16.71 9.61 -32.37
N GLY F 399 -15.39 9.62 -32.50
CA GLY F 399 -14.53 9.45 -31.34
C GLY F 399 -14.54 10.65 -30.39
N VAL F 400 -14.37 11.86 -30.93
CA VAL F 400 -14.38 13.05 -30.09
C VAL F 400 -15.70 13.19 -29.35
N ASN F 401 -16.81 12.96 -30.05
CA ASN F 401 -18.11 13.12 -29.41
C ASN F 401 -18.29 12.16 -28.25
N ARG F 402 -17.85 10.90 -28.43
CA ARG F 402 -17.96 9.94 -27.34
C ARG F 402 -17.13 10.35 -26.13
N VAL F 403 -15.90 10.83 -26.35
CA VAL F 403 -15.05 11.26 -25.25
C VAL F 403 -15.64 12.50 -24.57
N ALA F 404 -16.16 13.43 -25.37
CA ALA F 404 -16.75 14.65 -24.80
C ALA F 404 -17.92 14.30 -23.88
N GLN F 405 -18.77 13.37 -24.30
CA GLN F 405 -19.92 13.00 -23.47
C GLN F 405 -19.49 12.34 -22.16
N ALA F 406 -18.49 11.47 -22.21
CA ALA F 406 -18.01 10.88 -20.96
C ALA F 406 -17.44 11.95 -20.02
N THR F 407 -16.71 12.91 -20.58
CA THR F 407 -16.13 13.99 -19.79
C THR F 407 -17.21 14.83 -19.11
N ILE F 408 -18.24 15.18 -19.87
CA ILE F 408 -19.33 15.98 -19.35
C ILE F 408 -20.04 15.22 -18.25
N LEU F 409 -20.30 13.93 -18.49
CA LEU F 409 -20.99 13.10 -17.53
C LEU F 409 -20.23 13.00 -16.20
N ARG F 410 -18.90 12.85 -16.27
CA ARG F 410 -18.10 12.73 -15.06
C ARG F 410 -17.93 14.04 -14.30
N GLY F 411 -18.03 15.19 -14.99
CA GLY F 411 -18.01 16.50 -14.34
C GLY F 411 -16.61 17.02 -14.08
N TRP F 412 -16.54 18.25 -13.53
CA TRP F 412 -15.27 18.96 -13.32
C TRP F 412 -15.15 19.54 -11.92
N GLY F 413 -15.60 18.83 -10.90
CA GLY F 413 -15.44 19.35 -9.55
C GLY F 413 -16.40 20.46 -9.17
#